data_8F6Y
#
_entry.id   8F6Y
#
_cell.length_a   1.00
_cell.length_b   1.00
_cell.length_c   1.00
_cell.angle_alpha   90.00
_cell.angle_beta   90.00
_cell.angle_gamma   90.00
#
_symmetry.space_group_name_H-M   'P 1'
#
loop_
_entity.id
_entity.type
_entity.pdbx_description
1 polymer 'Acetylcholine receptor subunit alpha'
2 polymer 'Acetylcholine receptor subunit delta'
3 polymer 'Acetylcholine receptor subunit beta'
4 polymer 'Acetylcholine receptor subunit gamma'
5 branched alpha-D-mannopyranose-(1-6)-alpha-D-mannopyranose-(1-6)-beta-D-mannopyranose-(1-4)-2-acetamido-2-deoxy-beta-D-glucopyranose-(1-4)-2-acetamido-2-deoxy-beta-D-glucopyranose
6 branched 2-acetamido-2-deoxy-beta-D-glucopyranose-(1-4)-2-acetamido-2-deoxy-beta-D-glucopyranose
7 branched beta-D-mannopyranose-(1-4)-2-acetamido-2-deoxy-beta-D-glucopyranose-(1-4)-2-acetamido-2-deoxy-beta-D-glucopyranose
8 non-polymer Etomidate
9 non-polymer 'CHOLINE ION'
10 non-polymer CHOLESTEROL
11 non-polymer 2-acetamido-2-deoxy-beta-D-glucopyranose
12 non-polymer '(2S)-3-(hexadecanoyloxy)-2-[(9Z)-octadec-9-enoyloxy]propyl 2-(trimethylammonio)ethyl phosphate'
13 non-polymer nonane
14 water water
#
loop_
_entity_poly.entity_id
_entity_poly.type
_entity_poly.pdbx_seq_one_letter_code
_entity_poly.pdbx_strand_id
1 'polypeptide(L)'
;SEHETRLVANLLENYNKVIRPVEHHTHFVDITVGLQLIQLISVDEVNQIVETNVRLRQQWIDVRLRWNPADYGGIKKIRL
PSDDVWLPDLVLYNNADGDFAIVHMTKLLLDYTGKIMWTPPAIFKSYCEIIVTHFPFDQQNCTMKLGIWTYDGTKVSISP
ESDRPDLSTFMESGEWVMKDYRGWKHWVYYTCCPDTPYLDITYHFIMQRIPLYFVVNVIIPCLLFSFLTGLVFYLPTDSG
EKMTLSISVLLSLTVFLLVIVELIPSTSSAVPLIGKYMLFTMIFVISSIIITVVVINTHHRSPSTHTMPQWVRKIFIDTI
PNVMFFSTMKRASKEKQENKIFADDIDISDISGKQVTGEVIFQTPLIKNPDVKSAIEGVKYIAEHMKSDEESSNAAEEWK
YVAMVIDHILLCVFMLICIIGTVSVFAGRLIEL
;
A,D
2 'polypeptide(L)'
;VNEEERLINDLLIVNKYNKHVRPVKHNNEVVNIALSLTLSNLISLKETDETLTSNVWMDHAWYDHRLTWNASEYSDISIL
RLPPELVWIPDIVLQNNNDGQYHVAYFCNVLVRPNGYVTWLPPAIFRSSCPINVLYFPFDWQNCSLKFTALNYDANEITM
DLMTDTIDGKDYPIEWIIIDPEAFTENGEWEIIHKPAKKNIYPDKFPNGTNYQDVTFYLIIRRKPLFYVINFITPCVLIS
FLASLAFYLPAESGEKMSTAISVLLAQAVFLLLTSQRLPETALAVPLIGKYLMFIMSLVTGVIVNCGIVLNFHFRTPSTH
VLSTRVKQIFLEKLPRILHMSRADESEQPDWQNDLKLRRSSSVGYISKAQEYFNIKSRSELMFEKQSERHGLVPRVTPRI
GFGNNNENIAASDQLHDEIKSGIDSTNYIVKQIKEKNAYDEEVGNWNLVGQTIDRLSMFIITPVMVLGTIFIFVMGNFNH
PPAKPFEGDPFDYSSDHPRC
;
B
3 'polypeptide(L)'
;SVMEDTLLSVLFETYNPKVRPAQTVGDKVTVRVGLTLTNLLILNEKIEEMTTNVFLNLAWTDYRLQWDPAAYEGIKDLRI
PSSDVWQPDIVLMNNNDGSFEITLHVNVLVQHTGAVSWQPSAIYRSSCTIKVMYFPFDWQNCTMVFKSYTYDTSEVTLQH
ALDAKGEREVKEIVINKDAFTENGQWSIEHKPSRKNWRSDDPSYEDVTFYLIIQRKPLFYIVYTIIPCILISILAILVFY
LPPDAGEKMSLSISALLAVTVFLLLLADKVPETSLSVPIIIRYLMFIMILVAFSVILSVVVLNLHHRSPNTHTMPNWIRQ
IFIETLPPFLWIQRPVTTPSPDSKPTIISRANDEYFIRKPAGDFVCPVDNARVAVQPERLFSEMKWHLNGLTQPVTLPQD
LKEAVEAIKYIAEQLESASEFDDLKKDWQYVAMVADRLFLYVFFVICSIGTFSIFLDASHNVPPDNPFA
;
C
4 'polypeptide(L)'
;ENEEGRLIEKLLGDYDKRIIPAKTLDHIIDVTLKLTLTNLISLNEKEEALTTNVWIEIQWNDYRLSWNTSEYEGIDLVRI
PSELLWLPDVVLENNVDGQFEVAYYANVLVYNDGSMYWLPPAIYRSTCPIAVTYFPFDWQNCSLVFRSQTYNAHEVNLQL
SAEEGEAVEWIHIDPEDFTENGEWTIRHRPAKKNYNWQLTKDDTDFQEIIFFLIIQRKPLFYIINIIAPCVLISSLVVLV
YFLPAQAGGQKCTLSISVLLAQTIFLFLIAQKVPETSLNVPLIGKYLIFVMFVSMLIVMNCVIVLNVSLRTPNTHSLSEK
IKHLFLGFLPKYLGMQLEPSEETPEKPQPRRRSSFGIMIKAEEYILKKPRSELMFEEQKDRHGLKRVNKMTSDIDIGTTV
DLYKDLANFAPEIKSCVEACNFIAKSTKEQNDSGSENENWVLIGKVIDKACFWIALLLFSIGTLAIFLTGHFNQVPEFPF
PGDPRKYVP
;
E
#
loop_
_chem_comp.id
_chem_comp.type
_chem_comp.name
_chem_comp.formula
BMA D-saccharide, beta linking beta-D-mannopyranose 'C6 H12 O6'
CHT non-polymer 'CHOLINE ION' 'C5 H14 N O 1'
CLR non-polymer CHOLESTEROL 'C27 H46 O'
DD9 non-polymer nonane 'C9 H20'
MAN D-saccharide, alpha linking alpha-D-mannopyranose 'C6 H12 O6'
NAG D-saccharide, beta linking 2-acetamido-2-deoxy-beta-D-glucopyranose 'C8 H15 N O6'
POV non-polymer '(2S)-3-(hexadecanoyloxy)-2-[(9Z)-octadec-9-enoyloxy]propyl 2-(trimethylammonio)ethyl phosphate' 'C42 H82 N O8 P'
V8D non-polymer Etomidate 'C14 H16 N2 O2'
#
# COMPACT_ATOMS: atom_id res chain seq x y z
N SER A 1 37.39 -0.20 41.07
CA SER A 1 38.71 -0.68 41.59
C SER A 1 39.76 0.39 41.44
N GLU A 2 40.50 0.67 42.52
CA GLU A 2 41.60 1.61 42.42
C GLU A 2 42.67 1.11 41.46
N HIS A 3 42.96 -0.20 41.52
CA HIS A 3 43.98 -0.77 40.65
C HIS A 3 43.60 -0.61 39.18
N GLU A 4 42.37 -0.97 38.83
CA GLU A 4 41.95 -0.85 37.44
C GLU A 4 41.91 0.60 36.99
N THR A 5 41.45 1.50 37.86
CA THR A 5 41.43 2.91 37.50
C THR A 5 42.83 3.42 37.21
N ARG A 6 43.78 3.08 38.07
CA ARG A 6 45.17 3.49 37.84
C ARG A 6 45.71 2.89 36.56
N LEU A 7 45.41 1.61 36.30
CA LEU A 7 45.91 0.98 35.09
C LEU A 7 45.37 1.68 33.86
N VAL A 8 44.07 1.96 33.83
CA VAL A 8 43.48 2.57 32.64
C VAL A 8 44.01 3.99 32.47
N ALA A 9 44.23 4.71 33.57
CA ALA A 9 44.83 6.03 33.46
C ALA A 9 46.24 5.95 32.91
N ASN A 10 46.99 4.90 33.26
CA ASN A 10 48.36 4.77 32.78
C ASN A 10 48.41 4.38 31.31
N LEU A 11 47.48 3.53 30.87
CA LEU A 11 47.54 3.03 29.50
C LEU A 11 47.30 4.15 28.49
N LEU A 12 46.29 4.97 28.72
CA LEU A 12 45.85 5.95 27.73
C LEU A 12 46.41 7.34 27.97
N GLU A 13 47.39 7.48 28.87
CA GLU A 13 47.93 8.81 29.17
C GLU A 13 48.62 9.41 27.95
N ASN A 14 49.44 8.63 27.26
CA ASN A 14 50.16 9.08 26.07
C ASN A 14 49.88 8.18 24.90
N TYR A 15 48.62 7.78 24.75
CA TYR A 15 48.17 6.91 23.67
C TYR A 15 47.51 7.76 22.59
N ASN A 16 47.91 7.56 21.34
CA ASN A 16 47.39 8.30 20.20
C ASN A 16 46.56 7.36 19.35
N LYS A 17 45.25 7.50 19.43
CA LYS A 17 44.34 6.61 18.71
C LYS A 17 44.35 6.83 17.23
N VAL A 18 45.22 7.68 16.70
CA VAL A 18 45.29 7.92 15.27
C VAL A 18 46.37 7.08 14.59
N ILE A 19 47.34 6.59 15.34
CA ILE A 19 48.47 5.86 14.78
C ILE A 19 48.14 4.37 14.76
N ARG A 20 48.75 3.65 13.83
CA ARG A 20 48.57 2.22 13.77
C ARG A 20 49.32 1.54 14.92
N PRO A 21 48.83 0.42 15.41
CA PRO A 21 49.51 -0.31 16.49
C PRO A 21 50.62 -1.24 15.98
N VAL A 22 51.75 -0.66 15.62
CA VAL A 22 52.89 -1.40 15.10
C VAL A 22 54.16 -0.83 15.68
N GLU A 23 55.12 -1.70 15.98
CA GLU A 23 56.39 -1.23 16.51
C GLU A 23 57.14 -0.40 15.48
N HIS A 24 57.15 -0.84 14.23
CA HIS A 24 57.81 -0.14 13.13
C HIS A 24 56.81 0.09 12.02
N HIS A 25 56.91 1.25 11.36
CA HIS A 25 55.89 1.64 10.40
C HIS A 25 55.87 0.73 9.17
N THR A 26 56.90 -0.09 8.96
CA THR A 26 56.93 -1.00 7.83
C THR A 26 56.21 -2.31 8.09
N HIS A 27 55.90 -2.62 9.35
CA HIS A 27 55.15 -3.83 9.66
C HIS A 27 53.68 -3.61 9.36
N PHE A 28 52.90 -4.69 9.45
CA PHE A 28 51.48 -4.66 9.19
C PHE A 28 50.73 -5.28 10.36
N VAL A 29 49.50 -4.82 10.55
CA VAL A 29 48.65 -5.29 11.63
C VAL A 29 47.82 -6.46 11.14
N ASP A 30 47.86 -7.57 11.88
CA ASP A 30 47.11 -8.76 11.53
C ASP A 30 45.78 -8.74 12.28
N ILE A 31 44.67 -8.77 11.55
CA ILE A 31 43.34 -8.71 12.13
C ILE A 31 42.57 -9.93 11.66
N THR A 32 42.08 -10.74 12.61
CA THR A 32 41.32 -11.93 12.28
C THR A 32 39.85 -11.58 12.38
N VAL A 33 39.18 -11.52 11.24
CA VAL A 33 37.80 -11.07 11.15
C VAL A 33 36.90 -12.30 11.05
N GLY A 34 35.85 -12.32 11.88
CA GLY A 34 34.91 -13.40 11.85
C GLY A 34 33.49 -12.91 12.01
N LEU A 35 32.58 -13.38 11.16
CA LEU A 35 31.20 -12.92 11.16
C LEU A 35 30.31 -13.90 11.89
N GLN A 36 29.32 -13.37 12.61
CA GLN A 36 28.38 -14.17 13.39
C GLN A 36 26.97 -13.70 13.06
N LEU A 37 26.21 -14.55 12.38
CA LEU A 37 24.85 -14.21 11.98
C LEU A 37 23.89 -14.51 13.11
N ILE A 38 23.26 -13.47 13.65
CA ILE A 38 22.33 -13.63 14.77
C ILE A 38 20.91 -13.84 14.29
N GLN A 39 20.53 -13.24 13.17
CA GLN A 39 19.17 -13.34 12.66
C GLN A 39 19.19 -12.92 11.20
N LEU A 40 18.18 -13.38 10.47
CA LEU A 40 17.95 -12.95 9.10
C LEU A 40 16.64 -12.16 9.12
N ILE A 41 16.75 -10.85 9.25
CA ILE A 41 15.58 -10.02 9.51
C ILE A 41 14.56 -10.18 8.39
N SER A 42 15.01 -10.09 7.14
CA SER A 42 14.12 -10.17 6.00
C SER A 42 14.96 -10.27 4.74
N VAL A 43 14.29 -10.62 3.64
CA VAL A 43 14.87 -10.62 2.32
C VAL A 43 13.84 -9.95 1.42
N ASP A 44 14.06 -8.69 1.08
CA ASP A 44 13.10 -7.93 0.28
C ASP A 44 13.36 -8.25 -1.19
N GLU A 45 12.56 -9.18 -1.73
CA GLU A 45 12.79 -9.63 -3.10
C GLU A 45 12.56 -8.51 -4.10
N VAL A 46 11.54 -7.68 -3.86
CA VAL A 46 11.22 -6.63 -4.82
C VAL A 46 12.37 -5.64 -4.94
N ASN A 47 12.93 -5.23 -3.81
CA ASN A 47 14.02 -4.26 -3.80
C ASN A 47 15.39 -4.89 -3.84
N GLN A 48 15.49 -6.22 -3.75
CA GLN A 48 16.78 -6.92 -3.80
C GLN A 48 17.70 -6.45 -2.69
N ILE A 49 17.20 -6.47 -1.46
CA ILE A 49 17.94 -6.06 -0.28
C ILE A 49 17.75 -7.12 0.79
N VAL A 50 18.84 -7.50 1.44
CA VAL A 50 18.83 -8.50 2.50
C VAL A 50 19.26 -7.85 3.80
N GLU A 51 18.42 -7.93 4.81
CA GLU A 51 18.64 -7.27 6.08
C GLU A 51 18.98 -8.33 7.13
N THR A 52 20.19 -8.27 7.66
CA THR A 52 20.69 -9.28 8.59
C THR A 52 21.15 -8.60 9.87
N ASN A 53 21.07 -9.34 10.97
CA ASN A 53 21.52 -8.90 12.28
C ASN A 53 22.73 -9.75 12.65
N VAL A 54 23.91 -9.16 12.61
CA VAL A 54 25.17 -9.89 12.75
C VAL A 54 26.00 -9.28 13.87
N ARG A 55 27.10 -9.97 14.18
CA ARG A 55 28.16 -9.44 15.03
C ARG A 55 29.47 -9.66 14.29
N LEU A 56 30.31 -8.63 14.25
CA LEU A 56 31.53 -8.63 13.45
C LEU A 56 32.72 -8.79 14.38
N ARG A 57 33.09 -10.04 14.65
CA ARG A 57 34.14 -10.32 15.62
C ARG A 57 35.51 -10.00 15.03
N GLN A 58 36.27 -9.14 15.70
CA GLN A 58 37.58 -8.71 15.22
C GLN A 58 38.60 -8.83 16.33
N GLN A 59 39.81 -9.24 15.99
CA GLN A 59 40.88 -9.39 16.96
C GLN A 59 42.18 -8.85 16.38
N TRP A 60 43.02 -8.30 17.25
CA TRP A 60 44.33 -7.82 16.84
C TRP A 60 45.12 -7.51 18.11
N ILE A 61 46.41 -7.24 17.93
CA ILE A 61 47.35 -7.05 19.03
C ILE A 61 47.84 -5.62 19.00
N ASP A 62 47.64 -4.90 20.09
CA ASP A 62 48.14 -3.54 20.27
C ASP A 62 49.26 -3.58 21.30
N VAL A 63 50.50 -3.45 20.83
CA VAL A 63 51.64 -3.56 21.73
C VAL A 63 51.71 -2.39 22.70
N ARG A 64 51.00 -1.30 22.44
CA ARG A 64 51.05 -0.14 23.32
C ARG A 64 50.19 -0.31 24.56
N LEU A 65 49.29 -1.29 24.58
CA LEU A 65 48.36 -1.50 25.67
C LEU A 65 48.72 -2.70 26.53
N ARG A 66 49.99 -3.05 26.61
CA ARG A 66 50.42 -4.18 27.43
C ARG A 66 50.85 -3.69 28.80
N TRP A 67 50.60 -4.52 29.81
CA TRP A 67 50.97 -4.18 31.17
C TRP A 67 51.31 -5.46 31.91
N ASN A 68 52.04 -5.31 33.01
CA ASN A 68 52.43 -6.43 33.84
C ASN A 68 51.40 -6.63 34.94
N PRO A 69 50.69 -7.77 34.99
CA PRO A 69 49.64 -7.91 36.02
C PRO A 69 50.14 -7.77 37.43
N ALA A 70 51.41 -8.08 37.70
CA ALA A 70 51.92 -8.02 39.06
C ALA A 70 51.81 -6.63 39.66
N ASP A 71 51.91 -5.59 38.82
CA ASP A 71 51.90 -4.22 39.30
C ASP A 71 50.51 -3.66 39.53
N TYR A 72 49.46 -4.39 39.15
CA TYR A 72 48.09 -3.93 39.25
C TYR A 72 47.20 -4.99 39.88
N GLY A 73 47.67 -5.57 40.98
CA GLY A 73 46.84 -6.49 41.73
C GLY A 73 46.46 -7.74 40.97
N GLY A 74 47.18 -8.07 39.89
CA GLY A 74 46.89 -9.28 39.17
C GLY A 74 45.74 -9.17 38.19
N ILE A 75 45.45 -7.97 37.69
CA ILE A 75 44.38 -7.80 36.72
C ILE A 75 44.83 -8.37 35.39
N LYS A 76 44.06 -9.31 34.85
CA LYS A 76 44.40 -9.97 33.59
C LYS A 76 43.65 -9.42 32.40
N LYS A 77 42.45 -8.88 32.60
CA LYS A 77 41.64 -8.37 31.52
C LYS A 77 40.93 -7.11 31.97
N ILE A 78 40.64 -6.22 31.02
CA ILE A 78 39.81 -5.05 31.26
C ILE A 78 38.94 -4.82 30.05
N ARG A 79 37.90 -4.02 30.23
CA ARG A 79 37.01 -3.61 29.16
C ARG A 79 37.18 -2.12 28.95
N LEU A 80 37.36 -1.71 27.70
CA LEU A 80 37.58 -0.31 27.39
C LEU A 80 36.60 0.14 26.32
N PRO A 81 36.16 1.39 26.35
CA PRO A 81 35.32 1.88 25.25
C PRO A 81 36.06 1.83 23.94
N SER A 82 35.34 1.48 22.87
CA SER A 82 35.95 1.36 21.58
C SER A 82 36.50 2.68 21.07
N ASP A 83 36.01 3.80 21.59
CA ASP A 83 36.42 5.11 21.09
C ASP A 83 37.74 5.58 21.69
N ASP A 84 38.33 4.82 22.61
CA ASP A 84 39.57 5.23 23.24
C ASP A 84 40.80 4.69 22.54
N VAL A 85 40.66 3.65 21.70
CA VAL A 85 41.80 2.98 21.11
C VAL A 85 41.63 2.93 19.60
N TRP A 86 42.74 2.64 18.92
CA TRP A 86 42.70 2.46 17.48
C TRP A 86 41.81 1.29 17.11
N LEU A 87 40.99 1.48 16.09
CA LEU A 87 40.17 0.41 15.56
C LEU A 87 40.38 0.29 14.06
N PRO A 88 40.24 -0.90 13.51
CA PRO A 88 40.25 -1.03 12.05
C PRO A 88 38.93 -0.59 11.46
N ASP A 89 39.00 0.02 10.28
CA ASP A 89 37.83 0.55 9.59
C ASP A 89 37.35 -0.46 8.56
N LEU A 90 36.52 -1.38 9.01
CA LEU A 90 35.91 -2.36 8.10
C LEU A 90 34.66 -1.75 7.47
N VAL A 91 34.53 -1.89 6.16
CA VAL A 91 33.42 -1.32 5.41
C VAL A 91 32.77 -2.42 4.60
N LEU A 92 31.44 -2.46 4.61
CA LEU A 92 30.67 -3.42 3.84
C LEU A 92 30.48 -2.85 2.44
N TYR A 93 31.22 -3.38 1.47
CA TYR A 93 31.26 -2.76 0.15
C TYR A 93 29.89 -2.68 -0.49
N ASN A 94 29.13 -3.77 -0.43
CA ASN A 94 27.86 -3.86 -1.16
C ASN A 94 26.69 -3.37 -0.34
N ASN A 95 26.90 -2.39 0.54
CA ASN A 95 25.80 -1.78 1.24
C ASN A 95 24.78 -1.25 0.25
N ALA A 96 23.51 -1.32 0.61
CA ALA A 96 22.43 -0.85 -0.24
C ALA A 96 21.58 0.22 0.40
N ASP A 97 21.23 0.08 1.68
CA ASP A 97 20.34 1.03 2.33
C ASP A 97 20.85 1.51 3.69
N GLY A 98 21.72 0.78 4.34
CA GLY A 98 22.14 1.08 5.69
C GLY A 98 23.46 1.82 5.75
N ASP A 99 24.25 1.47 6.77
CA ASP A 99 25.51 2.14 7.05
C ASP A 99 26.66 1.30 6.51
N PHE A 100 27.73 1.99 6.09
CA PHE A 100 28.86 1.29 5.51
C PHE A 100 29.71 0.60 6.56
N ALA A 101 29.91 1.22 7.72
CA ALA A 101 30.79 0.71 8.75
C ALA A 101 30.00 0.52 10.04
N ILE A 102 30.72 0.14 11.09
CA ILE A 102 30.10 -0.10 12.39
C ILE A 102 29.77 1.24 13.02
N VAL A 103 28.56 1.36 13.55
CA VAL A 103 28.12 2.59 14.21
C VAL A 103 27.87 2.39 15.70
N HIS A 104 27.67 1.16 16.17
CA HIS A 104 27.46 0.90 17.59
C HIS A 104 28.83 0.67 18.23
N MET A 105 29.37 1.70 18.86
CA MET A 105 30.71 1.62 19.45
C MET A 105 30.59 1.03 20.83
N THR A 106 30.53 -0.30 20.88
CA THR A 106 30.48 -1.01 22.14
C THR A 106 31.87 -1.17 22.71
N LYS A 107 31.95 -1.65 23.95
CA LYS A 107 33.22 -1.84 24.61
C LYS A 107 33.93 -3.07 24.06
N LEU A 108 35.25 -3.08 24.20
CA LEU A 108 36.07 -4.18 23.71
C LEU A 108 36.92 -4.73 24.85
N LEU A 109 37.27 -6.00 24.74
CA LEU A 109 38.00 -6.71 25.77
C LEU A 109 39.48 -6.68 25.45
N LEU A 110 40.27 -6.16 26.38
CA LEU A 110 41.70 -5.95 26.18
C LEU A 110 42.47 -6.89 27.13
N ASP A 111 43.32 -7.72 26.55
CA ASP A 111 44.10 -8.66 27.32
C ASP A 111 45.36 -7.98 27.86
N TYR A 112 45.99 -8.62 28.85
CA TYR A 112 47.19 -8.05 29.44
C TYR A 112 48.40 -8.15 28.54
N THR A 113 48.36 -8.98 27.50
CA THR A 113 49.44 -9.07 26.53
C THR A 113 49.22 -8.15 25.34
N GLY A 114 48.14 -7.38 25.33
CA GLY A 114 47.81 -6.50 24.23
C GLY A 114 46.72 -7.00 23.33
N LYS A 115 46.34 -8.27 23.43
CA LYS A 115 45.34 -8.84 22.54
C LYS A 115 43.99 -8.16 22.75
N ILE A 116 43.33 -7.81 21.66
CA ILE A 116 42.04 -7.12 21.69
C ILE A 116 40.98 -7.99 21.05
N MET A 117 39.79 -7.99 21.66
CA MET A 117 38.62 -8.69 21.14
C MET A 117 37.48 -7.69 21.07
N TRP A 118 36.93 -7.50 19.87
CA TRP A 118 35.87 -6.53 19.65
C TRP A 118 34.77 -7.20 18.85
N THR A 119 33.54 -7.17 19.37
CA THR A 119 32.39 -7.83 18.74
C THR A 119 31.21 -6.88 18.73
N PRO A 120 31.23 -5.87 17.86
CA PRO A 120 30.15 -4.91 17.81
C PRO A 120 28.98 -5.44 17.01
N PRO A 121 27.75 -5.09 17.37
CA PRO A 121 26.59 -5.50 16.58
C PRO A 121 26.43 -4.62 15.34
N ALA A 122 25.68 -5.15 14.38
CA ALA A 122 25.46 -4.45 13.14
C ALA A 122 24.12 -4.89 12.56
N ILE A 123 23.61 -4.07 11.63
CA ILE A 123 22.43 -4.41 10.85
C ILE A 123 22.83 -4.19 9.39
N PHE A 124 23.29 -5.23 8.72
CA PHE A 124 23.76 -5.13 7.35
C PHE A 124 22.57 -5.19 6.41
N LYS A 125 22.29 -4.09 5.72
CA LYS A 125 21.30 -4.07 4.64
C LYS A 125 22.06 -4.07 3.33
N SER A 126 22.45 -5.26 2.88
CA SER A 126 23.33 -5.42 1.73
C SER A 126 22.54 -5.78 0.49
N TYR A 127 23.12 -5.48 -0.67
CA TYR A 127 22.48 -5.77 -1.94
C TYR A 127 22.50 -7.26 -2.22
N CYS A 128 21.42 -7.76 -2.80
CA CYS A 128 21.24 -9.18 -3.06
C CYS A 128 20.62 -9.34 -4.44
N GLU A 129 21.35 -9.94 -5.36
CA GLU A 129 20.77 -10.25 -6.67
C GLU A 129 19.83 -11.43 -6.54
N ILE A 130 18.57 -11.24 -6.96
CA ILE A 130 17.53 -12.23 -6.79
C ILE A 130 17.30 -12.92 -8.13
N ILE A 131 17.44 -14.24 -8.14
CA ILE A 131 17.11 -15.06 -9.30
C ILE A 131 15.72 -15.64 -9.07
N VAL A 132 14.79 -15.31 -9.95
CA VAL A 132 13.38 -15.66 -9.77
C VAL A 132 12.97 -16.83 -10.65
N THR A 133 13.92 -17.55 -11.24
CA THR A 133 13.56 -18.58 -12.19
C THR A 133 12.67 -19.64 -11.56
N HIS A 134 12.96 -20.03 -10.32
CA HIS A 134 12.25 -21.11 -9.65
C HIS A 134 11.39 -20.63 -8.50
N PHE A 135 11.02 -19.36 -8.49
CA PHE A 135 10.13 -18.86 -7.46
C PHE A 135 8.81 -19.63 -7.52
N PRO A 136 8.23 -20.04 -6.38
CA PRO A 136 8.69 -19.88 -4.98
C PRO A 136 9.53 -21.03 -4.45
N PHE A 137 10.06 -21.91 -5.30
CA PHE A 137 10.99 -22.97 -4.88
C PHE A 137 12.43 -22.58 -5.18
N ASP A 138 12.76 -21.31 -5.03
CA ASP A 138 14.06 -20.78 -5.39
C ASP A 138 15.02 -20.81 -4.21
N GLN A 139 16.31 -20.82 -4.53
CA GLN A 139 17.37 -20.66 -3.54
C GLN A 139 18.19 -19.44 -3.90
N GLN A 140 18.49 -18.63 -2.89
CA GLN A 140 19.16 -17.35 -3.08
C GLN A 140 20.59 -17.44 -2.58
N ASN A 141 21.53 -16.93 -3.37
CA ASN A 141 22.94 -16.87 -3.01
C ASN A 141 23.40 -15.42 -3.08
N CYS A 142 23.50 -14.74 -1.94
CA CYS A 142 24.05 -13.40 -1.94
C CYS A 142 24.86 -13.16 -0.67
N THR A 143 25.78 -12.21 -0.78
CA THR A 143 27.02 -12.19 -0.02
C THR A 143 27.12 -10.94 0.83
N MET A 144 28.23 -10.86 1.57
CA MET A 144 28.59 -9.67 2.35
C MET A 144 30.08 -9.45 2.15
N LYS A 145 30.44 -8.40 1.42
CA LYS A 145 31.83 -8.09 1.16
C LYS A 145 32.36 -7.14 2.23
N LEU A 146 33.36 -7.59 2.97
CA LEU A 146 33.99 -6.80 4.02
C LEU A 146 35.47 -6.64 3.73
N GLY A 147 35.98 -5.44 3.97
CA GLY A 147 37.39 -5.18 3.77
C GLY A 147 37.78 -3.86 4.40
N ILE A 148 39.08 -3.67 4.54
CA ILE A 148 39.62 -2.44 5.09
C ILE A 148 39.62 -1.37 3.99
N TRP A 149 39.06 -0.22 4.30
CA TRP A 149 38.80 0.80 3.28
C TRP A 149 40.06 1.59 2.95
N THR A 150 40.75 2.12 3.96
CA THR A 150 41.79 3.10 3.74
C THR A 150 43.20 2.53 3.81
N TYR A 151 43.37 1.33 4.33
CA TYR A 151 44.69 0.70 4.46
C TYR A 151 44.80 -0.44 3.47
N ASP A 152 45.94 -0.51 2.78
CA ASP A 152 46.17 -1.58 1.83
C ASP A 152 46.72 -2.80 2.55
N GLY A 153 47.07 -3.83 1.78
CA GLY A 153 47.50 -5.09 2.37
C GLY A 153 48.84 -5.04 3.05
N THR A 154 49.68 -4.06 2.73
CA THR A 154 50.99 -3.93 3.34
C THR A 154 50.96 -3.09 4.60
N LYS A 155 49.80 -2.61 5.01
CA LYS A 155 49.65 -1.84 6.24
C LYS A 155 48.73 -2.52 7.24
N VAL A 156 47.56 -2.97 6.80
CA VAL A 156 46.63 -3.70 7.64
C VAL A 156 46.14 -4.91 6.85
N SER A 157 46.34 -6.10 7.39
CA SER A 157 45.95 -7.34 6.72
C SER A 157 44.85 -8.02 7.52
N ILE A 158 43.83 -8.50 6.81
CA ILE A 158 42.71 -9.19 7.44
C ILE A 158 42.71 -10.63 6.96
N SER A 159 42.43 -11.54 7.87
CA SER A 159 42.28 -12.95 7.57
C SER A 159 41.04 -13.48 8.27
N PRO A 160 40.40 -14.50 7.72
CA PRO A 160 39.16 -14.99 8.35
C PRO A 160 39.44 -15.79 9.60
N GLU A 161 38.51 -15.68 10.56
CA GLU A 161 38.63 -16.45 11.80
C GLU A 161 38.46 -17.93 11.55
N SER A 162 37.55 -18.30 10.65
CA SER A 162 37.31 -19.69 10.30
C SER A 162 36.76 -19.74 8.89
N ASP A 163 36.77 -20.94 8.31
CA ASP A 163 36.34 -21.09 6.92
C ASP A 163 34.88 -20.72 6.73
N ARG A 164 34.06 -20.81 7.77
CA ARG A 164 32.65 -20.50 7.68
C ARG A 164 32.26 -19.55 8.80
N PRO A 165 31.25 -18.72 8.59
CA PRO A 165 30.75 -17.87 9.67
C PRO A 165 30.13 -18.70 10.78
N ASP A 166 29.73 -18.02 11.84
CA ASP A 166 29.25 -18.66 13.05
C ASP A 166 27.73 -18.54 13.11
N LEU A 167 27.04 -19.67 13.00
CA LEU A 167 25.59 -19.73 13.11
C LEU A 167 25.15 -20.52 14.35
N SER A 168 25.99 -20.55 15.38
CA SER A 168 25.66 -21.29 16.59
C SER A 168 24.43 -20.69 17.27
N THR A 169 24.33 -19.37 17.28
CA THR A 169 23.21 -18.67 17.93
C THR A 169 22.20 -18.14 16.93
N PHE A 170 22.24 -18.62 15.69
CA PHE A 170 21.32 -18.15 14.66
C PHE A 170 19.89 -18.45 15.05
N MET A 171 19.01 -17.46 14.91
CA MET A 171 17.60 -17.63 15.17
C MET A 171 16.92 -18.20 13.94
N GLU A 172 16.13 -19.27 14.14
CA GLU A 172 15.52 -19.94 13.00
C GLU A 172 14.59 -19.00 12.25
N SER A 173 14.75 -18.95 10.92
CA SER A 173 14.06 -17.95 10.13
C SER A 173 12.55 -18.18 10.14
N GLY A 174 12.11 -19.39 9.84
CA GLY A 174 10.72 -19.63 9.57
C GLY A 174 10.30 -19.28 8.16
N GLU A 175 11.20 -18.73 7.36
CA GLU A 175 10.92 -18.43 5.96
C GLU A 175 12.05 -18.83 5.03
N TRP A 176 13.25 -19.14 5.54
CA TRP A 176 14.37 -19.58 4.75
C TRP A 176 15.14 -20.65 5.51
N VAL A 177 15.93 -21.42 4.79
CA VAL A 177 16.79 -22.46 5.36
C VAL A 177 18.22 -22.19 4.92
N MET A 178 19.13 -22.21 5.88
CA MET A 178 20.55 -22.00 5.60
C MET A 178 21.13 -23.28 5.01
N LYS A 179 21.06 -23.41 3.69
CA LYS A 179 21.63 -24.59 3.04
C LYS A 179 23.13 -24.67 3.24
N ASP A 180 23.83 -23.55 3.09
CA ASP A 180 25.29 -23.55 3.14
C ASP A 180 25.75 -22.14 3.47
N TYR A 181 26.99 -22.05 3.97
CA TYR A 181 27.59 -20.74 4.23
C TYR A 181 29.10 -20.91 4.29
N ARG A 182 29.81 -19.98 3.67
CA ARG A 182 31.25 -20.07 3.53
C ARG A 182 31.82 -18.67 3.43
N GLY A 183 33.08 -18.51 3.83
CA GLY A 183 33.76 -17.23 3.74
C GLY A 183 35.09 -17.35 3.03
N TRP A 184 35.35 -16.44 2.09
CA TRP A 184 36.53 -16.51 1.24
C TRP A 184 37.27 -15.19 1.26
N LYS A 185 38.60 -15.26 1.24
CA LYS A 185 39.46 -14.09 1.27
C LYS A 185 39.99 -13.82 -0.13
N HIS A 186 39.91 -12.57 -0.58
CA HIS A 186 40.31 -12.19 -1.93
C HIS A 186 41.38 -11.11 -1.89
N TRP A 187 42.29 -11.18 -2.86
CA TRP A 187 43.21 -10.09 -3.18
C TRP A 187 42.75 -9.46 -4.47
N VAL A 188 42.40 -8.17 -4.42
CA VAL A 188 41.83 -7.46 -5.54
C VAL A 188 42.74 -6.30 -5.91
N TYR A 189 42.66 -5.87 -7.17
CA TYR A 189 43.39 -4.71 -7.66
C TYR A 189 42.39 -3.73 -8.27
N TYR A 190 42.19 -2.59 -7.63
CA TYR A 190 41.23 -1.60 -8.09
C TYR A 190 41.91 -0.58 -8.99
N THR A 191 41.12 -0.03 -9.92
CA THR A 191 41.67 0.96 -10.85
C THR A 191 42.10 2.24 -10.16
N CYS A 192 41.54 2.55 -8.99
CA CYS A 192 42.01 3.69 -8.23
C CYS A 192 43.50 3.56 -7.94
N CYS A 193 43.91 2.38 -7.48
CA CYS A 193 45.15 2.20 -6.73
C CYS A 193 45.85 0.95 -7.23
N PRO A 194 46.33 0.97 -8.48
CA PRO A 194 46.82 -0.28 -9.09
C PRO A 194 48.13 -0.78 -8.54
N ASP A 195 48.83 0.01 -7.71
CA ASP A 195 50.16 -0.37 -7.28
C ASP A 195 50.14 -1.46 -6.21
N THR A 196 49.19 -1.43 -5.28
CA THR A 196 49.22 -2.29 -4.11
C THR A 196 47.91 -3.04 -3.95
N PRO A 197 47.94 -4.22 -3.32
CA PRO A 197 46.74 -5.04 -3.20
C PRO A 197 45.82 -4.62 -2.06
N TYR A 198 44.53 -4.79 -2.30
CA TYR A 198 43.51 -4.55 -1.29
C TYR A 198 42.78 -5.84 -0.98
N LEU A 199 42.72 -6.19 0.29
CA LEU A 199 42.15 -7.45 0.74
C LEU A 199 40.68 -7.28 1.07
N ASP A 200 39.92 -8.36 0.96
CA ASP A 200 38.56 -8.37 1.48
C ASP A 200 38.13 -9.80 1.73
N ILE A 201 37.12 -9.93 2.56
CA ILE A 201 36.54 -11.21 2.92
C ILE A 201 35.07 -11.19 2.57
N THR A 202 34.61 -12.18 1.80
CA THR A 202 33.24 -12.23 1.34
C THR A 202 32.55 -13.43 1.97
N TYR A 203 31.50 -13.17 2.74
CA TYR A 203 30.67 -14.20 3.34
C TYR A 203 29.41 -14.35 2.51
N HIS A 204 29.04 -15.58 2.20
CA HIS A 204 27.85 -15.82 1.39
C HIS A 204 27.02 -16.92 2.02
N PHE A 205 25.70 -16.79 1.87
CA PHE A 205 24.73 -17.67 2.51
C PHE A 205 23.80 -18.21 1.43
N ILE A 206 23.77 -19.53 1.26
CA ILE A 206 22.85 -20.16 0.33
C ILE A 206 21.53 -20.36 1.06
N MET A 207 20.51 -19.63 0.65
CA MET A 207 19.23 -19.59 1.35
C MET A 207 18.21 -20.33 0.51
N GLN A 208 17.50 -21.27 1.12
CA GLN A 208 16.43 -21.99 0.45
C GLN A 208 15.10 -21.55 1.04
N ARG A 209 14.19 -21.10 0.17
CA ARG A 209 12.88 -20.69 0.63
C ARG A 209 12.04 -21.90 0.99
N ILE A 210 11.23 -21.76 2.03
CA ILE A 210 10.31 -22.80 2.46
C ILE A 210 8.99 -22.57 1.71
N PRO A 211 8.64 -23.42 0.75
CA PRO A 211 7.49 -23.10 -0.12
C PRO A 211 6.17 -23.62 0.42
N LEU A 212 5.66 -22.98 1.47
CA LEU A 212 4.36 -23.32 2.02
C LEU A 212 3.41 -22.13 2.06
N TYR A 213 3.91 -20.95 2.39
CA TYR A 213 3.08 -19.75 2.33
C TYR A 213 2.60 -19.52 0.91
N PHE A 214 3.51 -19.54 -0.06
CA PHE A 214 3.15 -19.23 -1.43
C PHE A 214 2.45 -20.39 -2.12
N VAL A 215 2.77 -21.62 -1.75
CA VAL A 215 2.04 -22.76 -2.31
C VAL A 215 0.57 -22.68 -1.90
N VAL A 216 0.31 -22.38 -0.64
CA VAL A 216 -1.07 -22.29 -0.17
C VAL A 216 -1.76 -21.07 -0.73
N ASN A 217 -1.07 -19.94 -0.78
CA ASN A 217 -1.73 -18.67 -1.07
C ASN A 217 -1.66 -18.26 -2.54
N VAL A 218 -0.80 -18.89 -3.34
CA VAL A 218 -0.65 -18.50 -4.74
C VAL A 218 -0.81 -19.69 -5.67
N ILE A 219 0.00 -20.72 -5.47
CA ILE A 219 0.07 -21.78 -6.48
C ILE A 219 -1.20 -22.61 -6.50
N ILE A 220 -1.71 -23.00 -5.33
CA ILE A 220 -2.90 -23.85 -5.30
C ILE A 220 -4.10 -23.17 -5.94
N PRO A 221 -4.44 -21.92 -5.61
CA PRO A 221 -5.51 -21.25 -6.36
C PRO A 221 -5.23 -21.12 -7.85
N CYS A 222 -3.98 -20.87 -8.24
CA CYS A 222 -3.64 -20.81 -9.65
C CYS A 222 -4.00 -22.12 -10.34
N LEU A 223 -3.58 -23.23 -9.75
CA LEU A 223 -3.85 -24.53 -10.36
C LEU A 223 -5.35 -24.81 -10.38
N LEU A 224 -6.05 -24.50 -9.29
CA LEU A 224 -7.48 -24.77 -9.24
C LEU A 224 -8.21 -24.02 -10.33
N PHE A 225 -7.86 -22.75 -10.55
CA PHE A 225 -8.49 -21.98 -11.60
C PHE A 225 -8.02 -22.40 -12.99
N SER A 226 -6.83 -22.98 -13.10
CA SER A 226 -6.38 -23.47 -14.39
C SER A 226 -7.12 -24.73 -14.80
N PHE A 227 -7.37 -25.54 -13.77
CA PHE A 227 -8.05 -26.80 -14.10
C PHE A 227 -9.48 -26.61 -14.54
N LEU A 228 -10.12 -25.39 -14.42
CA LEU A 228 -11.43 -25.04 -14.95
C LEU A 228 -11.38 -24.73 -16.43
N THR A 229 -10.19 -24.71 -17.04
CA THR A 229 -10.08 -24.36 -18.45
C THR A 229 -10.89 -25.31 -19.32
N GLY A 230 -10.81 -26.61 -19.03
CA GLY A 230 -11.45 -27.59 -19.91
C GLY A 230 -12.95 -27.63 -19.82
N LEU A 231 -13.53 -27.18 -18.71
CA LEU A 231 -14.98 -27.29 -18.54
C LEU A 231 -15.74 -26.55 -19.62
N VAL A 232 -15.14 -25.56 -20.26
CA VAL A 232 -15.84 -24.79 -21.28
C VAL A 232 -16.36 -25.72 -22.37
N PHE A 233 -15.54 -26.68 -22.78
CA PHE A 233 -15.89 -27.54 -23.90
C PHE A 233 -16.95 -28.58 -23.56
N TYR A 234 -17.15 -28.87 -22.28
CA TYR A 234 -18.18 -29.83 -21.90
C TYR A 234 -19.53 -29.18 -21.61
N LEU A 235 -19.60 -27.88 -21.68
CA LEU A 235 -20.84 -27.15 -21.38
C LEU A 235 -21.64 -26.98 -22.67
N PRO A 236 -22.91 -27.39 -22.70
CA PRO A 236 -23.69 -27.26 -23.94
C PRO A 236 -23.97 -25.80 -24.27
N THR A 237 -24.08 -25.53 -25.57
CA THR A 237 -24.28 -24.16 -26.02
C THR A 237 -25.65 -23.62 -25.63
N ASP A 238 -26.63 -24.49 -25.47
CA ASP A 238 -27.97 -24.04 -25.08
C ASP A 238 -28.00 -23.49 -23.65
N SER A 239 -27.03 -23.85 -22.82
CA SER A 239 -27.01 -23.38 -21.44
C SER A 239 -26.86 -21.87 -21.34
N GLY A 240 -26.29 -21.24 -22.36
CA GLY A 240 -26.08 -19.80 -22.30
C GLY A 240 -25.14 -19.39 -21.19
N GLU A 241 -24.11 -20.20 -20.93
CA GLU A 241 -23.15 -19.88 -19.88
C GLU A 241 -21.71 -20.21 -20.28
N LYS A 242 -21.43 -20.48 -21.56
CA LYS A 242 -20.06 -20.77 -21.96
C LYS A 242 -19.18 -19.54 -21.82
N MET A 243 -19.61 -18.42 -22.36
CA MET A 243 -18.79 -17.22 -22.32
C MET A 243 -18.58 -16.76 -20.88
N THR A 244 -19.62 -16.84 -20.06
CA THR A 244 -19.47 -16.46 -18.65
C THR A 244 -18.35 -17.24 -18.00
N LEU A 245 -18.39 -18.56 -18.11
CA LEU A 245 -17.42 -19.40 -17.42
C LEU A 245 -16.01 -19.19 -17.98
N SER A 246 -15.87 -19.16 -19.30
CA SER A 246 -14.55 -19.01 -19.89
C SER A 246 -13.95 -17.65 -19.56
N ILE A 247 -14.75 -16.59 -19.64
CA ILE A 247 -14.25 -15.26 -19.33
C ILE A 247 -13.86 -15.17 -17.86
N SER A 248 -14.65 -15.78 -16.98
CA SER A 248 -14.30 -15.77 -15.57
C SER A 248 -12.97 -16.47 -15.34
N VAL A 249 -12.76 -17.61 -16.01
CA VAL A 249 -11.49 -18.32 -15.87
C VAL A 249 -10.34 -17.44 -16.33
N LEU A 250 -10.49 -16.81 -17.50
CA LEU A 250 -9.41 -15.98 -18.04
C LEU A 250 -9.08 -14.81 -17.11
N LEU A 251 -10.11 -14.14 -16.61
CA LEU A 251 -9.87 -12.99 -15.75
C LEU A 251 -9.24 -13.40 -14.43
N SER A 252 -9.68 -14.52 -13.86
CA SER A 252 -9.04 -15.01 -12.65
C SER A 252 -7.58 -15.32 -12.90
N LEU A 253 -7.27 -15.96 -14.03
CA LEU A 253 -5.89 -16.30 -14.32
C LEU A 253 -5.03 -15.03 -14.45
N THR A 254 -5.55 -14.01 -15.13
CA THR A 254 -4.74 -12.81 -15.29
C THR A 254 -4.58 -12.07 -13.96
N VAL A 255 -5.60 -12.08 -13.11
CA VAL A 255 -5.45 -11.48 -11.79
C VAL A 255 -4.37 -12.21 -11.00
N PHE A 256 -4.34 -13.53 -11.07
CA PHE A 256 -3.31 -14.27 -10.36
C PHE A 256 -1.93 -13.98 -10.93
N LEU A 257 -1.83 -13.82 -12.24
CA LEU A 257 -0.55 -13.46 -12.84
C LEU A 257 -0.07 -12.11 -12.31
N LEU A 258 -0.99 -11.15 -12.18
CA LEU A 258 -0.63 -9.85 -11.61
C LEU A 258 -0.16 -10.01 -10.16
N VAL A 259 -0.87 -10.84 -9.38
CA VAL A 259 -0.48 -11.05 -7.99
C VAL A 259 0.93 -11.62 -7.92
N ILE A 260 1.23 -12.61 -8.76
CA ILE A 260 2.59 -13.15 -8.79
C ILE A 260 3.58 -12.06 -9.17
N VAL A 261 3.20 -11.20 -10.10
CA VAL A 261 4.11 -10.15 -10.55
C VAL A 261 4.46 -9.22 -9.40
N GLU A 262 3.52 -8.96 -8.50
CA GLU A 262 3.81 -8.05 -7.39
C GLU A 262 4.81 -8.62 -6.39
N LEU A 263 5.14 -9.91 -6.45
CA LEU A 263 6.00 -10.53 -5.46
C LEU A 263 7.45 -10.68 -5.89
N ILE A 264 7.79 -10.31 -7.11
CA ILE A 264 9.14 -10.53 -7.64
C ILE A 264 9.68 -9.19 -8.12
N PRO A 265 11.00 -9.06 -8.21
CA PRO A 265 11.57 -7.81 -8.73
C PRO A 265 11.27 -7.64 -10.21
N SER A 266 11.27 -6.38 -10.64
CA SER A 266 11.03 -6.02 -12.03
C SER A 266 12.19 -6.31 -12.93
N THR A 267 13.22 -7.02 -12.49
CA THR A 267 14.36 -7.28 -13.34
C THR A 267 13.97 -8.15 -14.53
N SER A 268 14.65 -7.94 -15.64
CA SER A 268 14.42 -8.69 -16.87
C SER A 268 15.47 -9.77 -17.08
N SER A 269 16.23 -10.11 -16.04
CA SER A 269 17.27 -11.12 -16.20
C SER A 269 16.68 -12.47 -16.59
N ALA A 270 15.57 -12.85 -15.96
CA ALA A 270 14.93 -14.12 -16.26
C ALA A 270 13.45 -14.02 -15.89
N VAL A 271 12.66 -14.92 -16.45
CA VAL A 271 11.22 -14.95 -16.24
C VAL A 271 10.89 -16.11 -15.31
N PRO A 272 10.04 -15.92 -14.30
CA PRO A 272 9.68 -17.05 -13.44
C PRO A 272 9.02 -18.17 -14.22
N LEU A 273 9.31 -19.40 -13.82
CA LEU A 273 8.65 -20.55 -14.44
C LEU A 273 7.16 -20.54 -14.14
N ILE A 274 6.77 -20.11 -12.94
CA ILE A 274 5.35 -20.05 -12.61
C ILE A 274 4.66 -19.00 -13.48
N GLY A 275 5.29 -17.84 -13.66
CA GLY A 275 4.71 -16.83 -14.53
C GLY A 275 4.62 -17.29 -15.97
N LYS A 276 5.63 -18.01 -16.44
CA LYS A 276 5.61 -18.53 -17.80
C LYS A 276 4.51 -19.57 -17.97
N TYR A 277 4.31 -20.42 -16.96
CA TYR A 277 3.19 -21.35 -16.97
C TYR A 277 1.86 -20.60 -17.04
N MET A 278 1.72 -19.55 -16.25
CA MET A 278 0.47 -18.79 -16.26
C MET A 278 0.24 -18.14 -17.61
N LEU A 279 1.30 -17.62 -18.23
CA LEU A 279 1.16 -17.01 -19.54
C LEU A 279 0.75 -18.05 -20.59
N PHE A 280 1.37 -19.22 -20.55
CA PHE A 280 0.98 -20.29 -21.47
C PHE A 280 -0.48 -20.68 -21.27
N THR A 281 -0.92 -20.79 -20.02
CA THR A 281 -2.30 -21.12 -19.74
C THR A 281 -3.24 -20.04 -20.27
N MET A 282 -2.87 -18.77 -20.09
CA MET A 282 -3.72 -17.69 -20.60
C MET A 282 -3.80 -17.73 -22.12
N ILE A 283 -2.70 -18.02 -22.79
CA ILE A 283 -2.74 -18.09 -24.25
C ILE A 283 -3.67 -19.22 -24.69
N PHE A 284 -3.57 -20.38 -24.04
CA PHE A 284 -4.47 -21.47 -24.41
C PHE A 284 -5.92 -21.12 -24.09
N VAL A 285 -6.16 -20.42 -22.98
CA VAL A 285 -7.51 -20.05 -22.61
C VAL A 285 -8.10 -19.08 -23.63
N ILE A 286 -7.29 -18.16 -24.13
CA ILE A 286 -7.78 -17.22 -25.14
C ILE A 286 -8.07 -17.94 -26.44
N SER A 287 -7.23 -18.91 -26.81
CA SER A 287 -7.55 -19.72 -27.98
C SER A 287 -8.85 -20.49 -27.76
N SER A 288 -9.05 -21.00 -26.55
CA SER A 288 -10.28 -21.71 -26.24
C SER A 288 -11.48 -20.79 -26.36
N ILE A 289 -11.35 -19.54 -25.93
CA ILE A 289 -12.45 -18.60 -26.05
C ILE A 289 -12.75 -18.30 -27.52
N ILE A 290 -11.71 -18.17 -28.33
CA ILE A 290 -11.92 -17.94 -29.76
C ILE A 290 -12.71 -19.10 -30.35
N ILE A 291 -12.26 -20.32 -30.08
CA ILE A 291 -12.94 -21.48 -30.65
C ILE A 291 -14.34 -21.63 -30.05
N THR A 292 -14.52 -21.24 -28.80
CA THR A 292 -15.85 -21.29 -28.19
C THR A 292 -16.80 -20.33 -28.87
N VAL A 293 -16.33 -19.13 -29.21
CA VAL A 293 -17.19 -18.20 -29.93
C VAL A 293 -17.51 -18.74 -31.30
N VAL A 294 -16.55 -19.39 -31.95
CA VAL A 294 -16.85 -20.03 -33.24
C VAL A 294 -17.91 -21.10 -33.07
N VAL A 295 -17.79 -21.90 -32.01
CA VAL A 295 -18.75 -22.97 -31.75
C VAL A 295 -20.14 -22.39 -31.52
N ILE A 296 -20.22 -21.34 -30.71
CA ILE A 296 -21.51 -20.73 -30.41
C ILE A 296 -22.12 -20.16 -31.68
N ASN A 297 -21.31 -19.48 -32.49
CA ASN A 297 -21.83 -18.92 -33.73
C ASN A 297 -22.33 -20.02 -34.66
N THR A 298 -21.62 -21.14 -34.71
CA THR A 298 -22.06 -22.25 -35.55
C THR A 298 -23.37 -22.84 -35.05
N HIS A 299 -23.52 -23.00 -33.71
CA HIS A 299 -24.68 -23.67 -33.14
C HIS A 299 -25.98 -22.92 -33.42
N HIS A 300 -25.91 -21.63 -33.72
CA HIS A 300 -27.10 -20.83 -33.98
C HIS A 300 -27.21 -20.42 -35.44
N ARG A 301 -26.50 -21.12 -36.32
CA ARG A 301 -26.51 -20.77 -37.74
C ARG A 301 -27.87 -21.09 -38.34
N SER A 302 -28.56 -20.07 -38.81
CA SER A 302 -29.87 -20.28 -39.41
C SER A 302 -29.71 -20.94 -40.78
N PRO A 303 -30.47 -22.00 -41.08
CA PRO A 303 -30.36 -22.61 -42.40
C PRO A 303 -30.79 -21.71 -43.54
N SER A 304 -31.56 -20.66 -43.25
CA SER A 304 -32.06 -19.80 -44.31
C SER A 304 -30.93 -19.15 -45.09
N THR A 305 -29.96 -18.59 -44.38
CA THR A 305 -28.88 -17.84 -45.00
C THR A 305 -27.61 -18.67 -45.22
N HIS A 306 -27.36 -19.68 -44.39
CA HIS A 306 -26.14 -20.46 -44.45
C HIS A 306 -26.47 -21.85 -44.94
N THR A 307 -25.79 -22.28 -46.00
CA THR A 307 -25.87 -23.66 -46.48
C THR A 307 -24.57 -24.36 -46.11
N MET A 308 -24.69 -25.50 -45.46
CA MET A 308 -23.50 -26.19 -45.00
C MET A 308 -22.73 -26.71 -46.20
N PRO A 309 -21.47 -26.31 -46.39
CA PRO A 309 -20.69 -26.83 -47.51
C PRO A 309 -20.37 -28.32 -47.34
N GLN A 310 -20.08 -28.96 -48.47
CA GLN A 310 -19.76 -30.39 -48.44
C GLN A 310 -18.51 -30.66 -47.62
N TRP A 311 -17.51 -29.80 -47.72
CA TRP A 311 -16.23 -30.09 -47.07
C TRP A 311 -16.36 -30.17 -45.55
N VAL A 312 -17.41 -29.59 -44.98
CA VAL A 312 -17.63 -29.71 -43.54
C VAL A 312 -18.56 -30.86 -43.21
N ARG A 313 -19.55 -31.12 -44.08
CA ARG A 313 -20.44 -32.25 -43.83
C ARG A 313 -19.67 -33.56 -43.88
N LYS A 314 -18.76 -33.70 -44.85
CA LYS A 314 -18.01 -34.94 -44.98
C LYS A 314 -17.11 -35.18 -43.78
N ILE A 315 -16.42 -34.15 -43.32
CA ILE A 315 -15.46 -34.29 -42.23
C ILE A 315 -16.16 -34.37 -40.88
N PHE A 316 -16.96 -33.37 -40.53
CA PHE A 316 -17.50 -33.24 -39.18
C PHE A 316 -18.69 -34.15 -38.92
N ILE A 317 -19.37 -34.63 -39.95
CA ILE A 317 -20.56 -35.45 -39.76
C ILE A 317 -20.37 -36.91 -40.16
N ASP A 318 -19.31 -37.24 -40.90
CA ASP A 318 -19.11 -38.60 -41.38
C ASP A 318 -17.77 -39.20 -41.00
N THR A 319 -16.80 -38.40 -40.55
CA THR A 319 -15.46 -38.89 -40.29
C THR A 319 -15.11 -38.90 -38.81
N ILE A 320 -15.14 -37.76 -38.15
CA ILE A 320 -14.72 -37.65 -36.75
C ILE A 320 -15.65 -38.45 -35.86
N PRO A 321 -16.97 -38.33 -36.02
CA PRO A 321 -17.87 -39.05 -35.10
C PRO A 321 -17.61 -40.55 -35.04
N ASN A 322 -17.31 -41.18 -36.18
CA ASN A 322 -16.99 -42.60 -36.17
C ASN A 322 -15.63 -42.84 -35.51
N VAL A 323 -14.70 -41.90 -35.66
CA VAL A 323 -13.37 -42.07 -35.07
C VAL A 323 -13.45 -42.13 -33.56
N MET A 324 -14.22 -41.25 -32.94
CA MET A 324 -14.25 -41.13 -31.49
C MET A 324 -15.19 -42.16 -30.89
N PHE A 325 -14.71 -42.88 -29.87
CA PHE A 325 -15.45 -43.95 -29.23
C PHE A 325 -15.88 -43.61 -27.80
N PHE A 326 -15.05 -42.87 -27.06
CA PHE A 326 -15.33 -42.62 -25.65
C PHE A 326 -16.67 -41.95 -25.42
N SER A 327 -17.14 -41.13 -26.36
CA SER A 327 -18.40 -40.43 -26.21
C SER A 327 -19.58 -41.38 -26.45
N THR A 328 -20.77 -40.88 -26.17
CA THR A 328 -22.01 -41.61 -26.39
C THR A 328 -22.88 -40.89 -27.42
N MET A 329 -22.26 -40.17 -28.34
CA MET A 329 -22.99 -39.40 -29.34
C MET A 329 -23.62 -40.37 -30.36
N LYS A 330 -24.34 -39.82 -31.33
CA LYS A 330 -24.98 -40.64 -32.35
C LYS A 330 -23.97 -41.13 -33.38
N PRO A 370 -65.96 -21.87 -53.63
CA PRO A 370 -66.21 -20.89 -52.56
C PRO A 370 -65.37 -21.18 -51.31
N ASP A 371 -66.02 -21.21 -50.13
CA ASP A 371 -65.28 -21.41 -48.89
C ASP A 371 -64.57 -22.75 -48.87
N VAL A 372 -65.26 -23.82 -49.30
CA VAL A 372 -64.66 -25.15 -49.22
C VAL A 372 -63.38 -25.21 -50.05
N LYS A 373 -63.38 -24.57 -51.21
CA LYS A 373 -62.16 -24.51 -52.02
C LYS A 373 -61.05 -23.82 -51.24
N SER A 374 -61.37 -22.69 -50.61
CA SER A 374 -60.37 -21.98 -49.82
C SER A 374 -59.91 -22.82 -48.64
N ALA A 375 -60.82 -23.58 -48.04
CA ALA A 375 -60.45 -24.45 -46.93
C ALA A 375 -59.45 -25.51 -47.38
N ILE A 376 -59.71 -26.13 -48.54
CA ILE A 376 -58.79 -27.14 -49.05
C ILE A 376 -57.43 -26.52 -49.35
N GLU A 377 -57.44 -25.35 -50.00
CA GLU A 377 -56.19 -24.66 -50.28
C GLU A 377 -55.43 -24.35 -48.99
N GLY A 378 -56.15 -23.95 -47.95
CA GLY A 378 -55.50 -23.64 -46.69
C GLY A 378 -54.90 -24.86 -46.03
N VAL A 379 -55.61 -25.98 -46.06
CA VAL A 379 -55.06 -27.21 -45.50
C VAL A 379 -53.79 -27.60 -46.23
N LYS A 380 -53.80 -27.51 -47.57
CA LYS A 380 -52.60 -27.82 -48.33
C LYS A 380 -51.47 -26.85 -47.98
N TYR A 381 -51.79 -25.57 -47.80
CA TYR A 381 -50.80 -24.60 -47.37
C TYR A 381 -50.18 -25.01 -46.05
N ILE A 382 -51.01 -25.42 -45.10
CA ILE A 382 -50.50 -25.81 -43.78
C ILE A 382 -49.56 -26.99 -43.91
N ALA A 383 -49.95 -27.99 -44.71
CA ALA A 383 -49.09 -29.16 -44.87
C ALA A 383 -47.75 -28.78 -45.50
N GLU A 384 -47.79 -27.95 -46.54
CA GLU A 384 -46.56 -27.55 -47.20
C GLU A 384 -45.65 -26.78 -46.25
N HIS A 385 -46.25 -25.88 -45.45
CA HIS A 385 -45.44 -25.11 -44.51
C HIS A 385 -44.82 -26.02 -43.45
N MET A 386 -45.56 -27.01 -42.97
CA MET A 386 -44.96 -27.94 -42.02
C MET A 386 -43.82 -28.71 -42.64
N LYS A 387 -43.95 -29.13 -43.89
CA LYS A 387 -42.84 -29.84 -44.53
C LYS A 387 -41.61 -28.94 -44.64
N SER A 388 -41.80 -27.68 -45.03
CA SER A 388 -40.68 -26.77 -45.13
C SER A 388 -40.03 -26.54 -43.77
N ASP A 389 -40.85 -26.38 -42.73
CA ASP A 389 -40.32 -26.18 -41.39
C ASP A 389 -39.52 -27.39 -40.93
N GLU A 390 -40.00 -28.60 -41.25
CA GLU A 390 -39.25 -29.79 -40.88
C GLU A 390 -37.90 -29.83 -41.58
N GLU A 391 -37.87 -29.45 -42.86
CA GLU A 391 -36.58 -29.40 -43.56
C GLU A 391 -35.64 -28.42 -42.91
N SER A 392 -36.13 -27.22 -42.59
CA SER A 392 -35.27 -26.21 -41.98
C SER A 392 -34.77 -26.68 -40.61
N SER A 393 -35.63 -27.33 -39.84
CA SER A 393 -35.21 -27.83 -38.54
C SER A 393 -34.14 -28.91 -38.68
N ASN A 394 -34.26 -29.77 -39.70
CA ASN A 394 -33.21 -30.76 -39.93
C ASN A 394 -31.87 -30.07 -40.22
N ALA A 395 -31.89 -29.03 -41.06
CA ALA A 395 -30.65 -28.32 -41.33
C ALA A 395 -30.08 -27.69 -40.05
N ALA A 396 -30.94 -27.08 -39.24
CA ALA A 396 -30.47 -26.46 -38.01
C ALA A 396 -29.87 -27.50 -37.08
N GLU A 397 -30.50 -28.66 -36.96
CA GLU A 397 -29.94 -29.70 -36.11
C GLU A 397 -28.62 -30.24 -36.65
N GLU A 398 -28.44 -30.23 -37.98
CA GLU A 398 -27.14 -30.59 -38.52
C GLU A 398 -26.08 -29.60 -38.09
N TRP A 399 -26.39 -28.30 -38.12
CA TRP A 399 -25.43 -27.31 -37.63
C TRP A 399 -25.12 -27.54 -36.16
N LYS A 400 -26.14 -27.82 -35.36
CA LYS A 400 -25.91 -28.07 -33.94
C LYS A 400 -25.00 -29.28 -33.74
N TYR A 401 -25.20 -30.31 -34.55
CA TYR A 401 -24.33 -31.50 -34.48
C TYR A 401 -22.89 -31.14 -34.81
N VAL A 402 -22.69 -30.30 -35.82
CA VAL A 402 -21.33 -29.87 -36.16
C VAL A 402 -20.70 -29.15 -34.97
N ALA A 403 -21.45 -28.27 -34.33
CA ALA A 403 -20.91 -27.56 -33.17
C ALA A 403 -20.53 -28.53 -32.06
N MET A 404 -21.39 -29.53 -31.81
CA MET A 404 -21.11 -30.49 -30.75
C MET A 404 -19.84 -31.28 -31.05
N VAL A 405 -19.66 -31.71 -32.30
CA VAL A 405 -18.45 -32.47 -32.61
C VAL A 405 -17.22 -31.59 -32.49
N ILE A 406 -17.34 -30.31 -32.86
CA ILE A 406 -16.18 -29.42 -32.73
C ILE A 406 -15.76 -29.31 -31.27
N ASP A 407 -16.72 -29.09 -30.37
CA ASP A 407 -16.30 -28.87 -28.99
C ASP A 407 -15.85 -30.17 -28.36
N HIS A 408 -16.36 -31.32 -28.81
CA HIS A 408 -15.80 -32.58 -28.34
C HIS A 408 -14.36 -32.78 -28.82
N ILE A 409 -14.06 -32.38 -30.06
CA ILE A 409 -12.69 -32.47 -30.53
C ILE A 409 -11.77 -31.62 -29.66
N LEU A 410 -12.21 -30.40 -29.36
CA LEU A 410 -11.41 -29.54 -28.50
C LEU A 410 -11.25 -30.13 -27.11
N LEU A 411 -12.30 -30.75 -26.58
CA LEU A 411 -12.18 -31.38 -25.27
C LEU A 411 -11.15 -32.50 -25.31
N CYS A 412 -11.15 -33.31 -26.36
CA CYS A 412 -10.17 -34.38 -26.46
C CYS A 412 -8.75 -33.83 -26.58
N VAL A 413 -8.55 -32.77 -27.36
CA VAL A 413 -7.24 -32.16 -27.46
C VAL A 413 -6.79 -31.65 -26.09
N PHE A 414 -7.69 -31.02 -25.36
CA PHE A 414 -7.36 -30.54 -24.02
C PHE A 414 -6.97 -31.68 -23.10
N MET A 415 -7.71 -32.80 -23.17
CA MET A 415 -7.35 -33.93 -22.33
C MET A 415 -5.98 -34.49 -22.70
N LEU A 416 -5.67 -34.54 -24.00
CA LEU A 416 -4.35 -35.00 -24.41
C LEU A 416 -3.26 -34.10 -23.84
N ILE A 417 -3.45 -32.78 -23.95
CA ILE A 417 -2.45 -31.86 -23.40
C ILE A 417 -2.32 -32.06 -21.90
N CYS A 418 -3.44 -32.20 -21.20
CA CYS A 418 -3.39 -32.40 -19.76
C CYS A 418 -2.63 -33.66 -19.40
N ILE A 419 -2.88 -34.76 -20.11
CA ILE A 419 -2.23 -36.01 -19.78
C ILE A 419 -0.74 -35.94 -20.05
N ILE A 420 -0.35 -35.41 -21.21
CA ILE A 420 1.08 -35.36 -21.50
C ILE A 420 1.78 -34.42 -20.54
N GLY A 421 1.13 -33.31 -20.17
CA GLY A 421 1.75 -32.39 -19.22
C GLY A 421 1.94 -33.02 -17.85
N THR A 422 0.90 -33.69 -17.34
CA THR A 422 1.01 -34.29 -16.02
C THR A 422 1.99 -35.46 -16.01
N VAL A 423 2.14 -36.15 -17.13
CA VAL A 423 3.16 -37.20 -17.20
C VAL A 423 4.55 -36.58 -17.24
N SER A 424 4.75 -35.55 -18.06
CA SER A 424 6.08 -34.96 -18.20
C SER A 424 6.54 -34.32 -16.91
N VAL A 425 5.64 -33.61 -16.21
CA VAL A 425 6.04 -32.95 -14.97
C VAL A 425 6.51 -33.98 -13.96
N PHE A 426 5.88 -35.13 -13.92
CA PHE A 426 6.30 -36.21 -13.04
C PHE A 426 7.53 -36.92 -13.60
N VAL B 1 60.50 3.00 18.16
CA VAL B 1 59.20 3.63 18.26
C VAL B 1 58.68 3.94 16.87
N ASN B 2 57.36 4.00 16.73
CA ASN B 2 56.73 4.33 15.45
C ASN B 2 57.01 5.78 15.11
N GLU B 3 57.75 6.00 14.01
CA GLU B 3 58.04 7.36 13.60
C GLU B 3 56.79 8.10 13.16
N GLU B 4 55.73 7.37 12.82
CA GLU B 4 54.50 8.01 12.37
C GLU B 4 53.94 8.93 13.45
N GLU B 5 54.04 8.52 14.71
CA GLU B 5 53.54 9.36 15.79
C GLU B 5 54.32 10.66 15.85
N ARG B 6 55.64 10.61 15.73
CA ARG B 6 56.45 11.82 15.75
C ARG B 6 56.10 12.71 14.57
N LEU B 7 55.94 12.13 13.38
CA LEU B 7 55.62 12.94 12.21
C LEU B 7 54.27 13.63 12.37
N ILE B 8 53.27 12.90 12.83
CA ILE B 8 51.94 13.49 12.95
C ILE B 8 51.92 14.55 14.04
N ASN B 9 52.60 14.30 15.16
CA ASN B 9 52.68 15.32 16.19
C ASN B 9 53.38 16.57 15.68
N ASP B 10 54.39 16.39 14.83
CA ASP B 10 55.09 17.53 14.26
C ASP B 10 54.19 18.30 13.31
N LEU B 11 53.39 17.59 12.51
CA LEU B 11 52.55 18.27 11.52
C LEU B 11 51.39 19.00 12.16
N LEU B 12 50.69 18.35 13.09
CA LEU B 12 49.43 18.89 13.58
C LEU B 12 49.53 19.70 14.85
N ILE B 13 50.53 19.45 15.70
CA ILE B 13 50.64 20.08 17.01
C ILE B 13 51.72 21.14 17.03
N VAL B 14 52.95 20.77 16.66
CA VAL B 14 54.06 21.72 16.73
C VAL B 14 53.82 22.88 15.78
N ASN B 15 53.35 22.61 14.58
CA ASN B 15 53.14 23.65 13.58
C ASN B 15 51.80 24.38 13.74
N LYS B 16 50.99 24.00 14.72
CA LYS B 16 49.73 24.67 14.99
C LYS B 16 48.81 24.64 13.77
N TYR B 17 48.46 23.43 13.36
CA TYR B 17 47.54 23.24 12.26
C TYR B 17 46.15 23.74 12.63
N ASN B 18 45.52 24.46 11.71
CA ASN B 18 44.17 24.98 11.88
C ASN B 18 43.29 24.39 10.79
N LYS B 19 42.38 23.50 11.18
CA LYS B 19 41.55 22.80 10.20
C LYS B 19 40.42 23.66 9.66
N HIS B 20 40.32 24.92 10.09
CA HIS B 20 39.27 25.82 9.63
C HIS B 20 39.81 26.92 8.73
N VAL B 21 41.00 26.72 8.16
CA VAL B 21 41.63 27.69 7.29
C VAL B 21 42.01 26.99 6.00
N ARG B 22 41.75 27.63 4.87
CA ARG B 22 42.06 27.03 3.58
C ARG B 22 43.56 26.73 3.49
N PRO B 23 43.93 25.67 2.80
CA PRO B 23 45.36 25.31 2.66
C PRO B 23 46.06 26.06 1.53
N VAL B 24 46.39 27.33 1.79
CA VAL B 24 47.06 28.16 0.81
C VAL B 24 48.07 29.06 1.52
N LYS B 25 49.17 29.36 0.83
CA LYS B 25 50.16 30.26 1.38
C LYS B 25 49.59 31.66 1.57
N HIS B 26 48.92 32.18 0.53
CA HIS B 26 48.40 33.53 0.53
C HIS B 26 46.89 33.52 0.40
N ASN B 27 46.26 34.60 0.89
CA ASN B 27 44.81 34.66 0.92
C ASN B 27 44.22 34.67 -0.48
N ASN B 28 44.83 35.42 -1.40
CA ASN B 28 44.29 35.57 -2.74
C ASN B 28 44.51 34.34 -3.61
N GLU B 29 45.31 33.37 -3.17
CA GLU B 29 45.53 32.15 -3.92
C GLU B 29 44.25 31.32 -3.93
N VAL B 30 44.23 30.30 -4.79
CA VAL B 30 43.05 29.46 -4.96
C VAL B 30 43.44 28.00 -4.75
N VAL B 31 42.46 27.20 -4.37
CA VAL B 31 42.62 25.77 -4.11
C VAL B 31 41.87 25.00 -5.17
N ASN B 32 42.56 24.05 -5.82
CA ASN B 32 41.96 23.23 -6.86
C ASN B 32 41.57 21.88 -6.26
N ILE B 33 40.29 21.56 -6.29
CA ILE B 33 39.78 20.30 -5.77
C ILE B 33 39.43 19.44 -6.97
N ALA B 34 40.24 18.42 -7.24
CA ALA B 34 39.91 17.48 -8.30
C ALA B 34 38.82 16.54 -7.84
N LEU B 35 37.92 16.19 -8.75
CA LEU B 35 36.75 15.39 -8.40
C LEU B 35 36.53 14.30 -9.43
N SER B 36 36.11 13.13 -8.95
CA SER B 36 35.70 12.05 -9.82
C SER B 36 34.71 11.20 -9.05
N LEU B 37 33.92 10.42 -9.78
CA LEU B 37 32.88 9.61 -9.20
C LEU B 37 32.99 8.19 -9.72
N THR B 38 32.90 7.22 -8.82
CA THR B 38 32.87 5.81 -9.19
C THR B 38 31.51 5.25 -8.80
N LEU B 39 30.82 4.65 -9.76
CA LEU B 39 29.52 4.03 -9.52
C LEU B 39 29.74 2.55 -9.27
N SER B 40 29.44 2.11 -8.05
CA SER B 40 29.59 0.70 -7.71
C SER B 40 28.29 -0.08 -7.78
N ASN B 41 27.14 0.60 -7.72
CA ASN B 41 25.87 -0.08 -7.84
C ASN B 41 24.79 0.96 -8.05
N LEU B 42 23.90 0.71 -8.99
CA LEU B 42 22.76 1.58 -9.26
C LEU B 42 21.58 0.94 -8.54
N ILE B 43 21.37 1.33 -7.29
CA ILE B 43 20.50 0.56 -6.40
C ILE B 43 19.08 0.50 -6.96
N SER B 44 18.51 1.64 -7.30
CA SER B 44 17.12 1.67 -7.72
C SER B 44 16.82 3.02 -8.33
N LEU B 45 15.63 3.12 -8.93
CA LEU B 45 15.12 4.38 -9.46
C LEU B 45 13.60 4.32 -9.33
N LYS B 46 13.09 4.84 -8.21
CA LYS B 46 11.66 4.84 -7.96
C LYS B 46 11.00 5.93 -8.80
N GLU B 47 10.20 5.51 -9.77
CA GLU B 47 9.49 6.47 -10.60
C GLU B 47 8.38 7.17 -9.81
N THR B 48 7.76 6.48 -8.86
CA THR B 48 6.76 7.13 -8.02
C THR B 48 7.38 8.26 -7.21
N ASP B 49 8.56 8.02 -6.64
CA ASP B 49 9.23 9.02 -5.83
C ASP B 49 10.12 9.95 -6.64
N GLU B 50 10.36 9.64 -7.92
CA GLU B 50 11.24 10.45 -8.76
C GLU B 50 12.61 10.60 -8.11
N THR B 51 13.13 9.49 -7.61
CA THR B 51 14.38 9.46 -6.87
C THR B 51 15.32 8.42 -7.49
N LEU B 52 16.61 8.73 -7.47
CA LEU B 52 17.64 7.80 -7.92
C LEU B 52 18.55 7.50 -6.75
N THR B 53 18.58 6.25 -6.32
CA THR B 53 19.45 5.80 -5.24
C THR B 53 20.66 5.11 -5.86
N SER B 54 21.85 5.62 -5.56
CA SER B 54 23.07 5.12 -6.16
C SER B 54 24.14 4.95 -5.10
N ASN B 55 24.91 3.89 -5.22
CA ASN B 55 26.02 3.58 -4.33
C ASN B 55 27.30 3.93 -5.08
N VAL B 56 28.00 5.02 -4.60
CA VAL B 56 29.13 5.59 -5.34
C VAL B 56 30.30 5.80 -4.40
N TRP B 57 31.48 5.94 -5.00
CA TRP B 57 32.71 6.34 -4.32
C TRP B 57 33.12 7.68 -4.87
N MET B 58 33.09 8.73 -4.06
CA MET B 58 33.35 10.09 -4.53
C MET B 58 34.77 10.49 -4.17
N ASP B 59 35.63 10.60 -5.18
CA ASP B 59 37.05 10.86 -4.99
C ASP B 59 37.33 12.36 -4.96
N HIS B 60 38.15 12.79 -4.01
CA HIS B 60 38.62 14.16 -3.92
C HIS B 60 40.15 14.17 -3.87
N ALA B 61 40.75 15.28 -4.28
CA ALA B 61 42.20 15.38 -4.25
C ALA B 61 42.59 16.84 -4.31
N TRP B 62 43.37 17.31 -3.34
CA TRP B 62 43.84 18.68 -3.30
C TRP B 62 45.27 18.68 -2.79
N TYR B 63 45.85 19.88 -2.65
CA TYR B 63 47.19 20.05 -2.13
C TYR B 63 47.11 20.84 -0.83
N ASP B 64 47.77 20.35 0.20
CA ASP B 64 47.88 21.04 1.48
C ASP B 64 49.36 21.27 1.77
N HIS B 65 49.82 22.51 1.60
CA HIS B 65 51.23 22.80 1.81
C HIS B 65 51.62 22.62 3.28
N ARG B 66 50.66 22.62 4.20
CA ARG B 66 50.99 22.46 5.61
C ARG B 66 51.22 21.00 5.99
N LEU B 67 50.80 20.05 5.16
CA LEU B 67 50.99 18.63 5.43
C LEU B 67 52.13 18.06 4.60
N THR B 68 53.19 18.82 4.42
CA THR B 68 54.35 18.40 3.64
C THR B 68 55.52 18.14 4.58
N TRP B 69 56.30 17.11 4.28
CA TRP B 69 57.45 16.77 5.11
C TRP B 69 58.54 16.17 4.24
N ASN B 70 59.76 16.16 4.77
CA ASN B 70 60.90 15.55 4.10
C ASN B 70 61.00 14.10 4.54
N ALA B 71 60.80 13.17 3.60
CA ALA B 71 60.75 11.76 3.94
C ALA B 71 62.08 11.26 4.51
N SER B 72 63.19 11.93 4.21
CA SER B 72 64.48 11.47 4.72
C SER B 72 64.65 11.80 6.19
N GLU B 73 64.21 12.99 6.61
CA GLU B 73 64.38 13.38 8.02
C GLU B 73 63.72 12.35 8.93
N TYR B 74 62.48 11.97 8.62
CA TYR B 74 61.83 10.86 9.28
C TYR B 74 62.23 9.59 8.57
N SER B 75 61.81 8.44 9.10
CA SER B 75 62.02 7.21 8.36
C SER B 75 61.31 7.32 7.02
N ASP B 76 61.62 6.41 6.12
CA ASP B 76 61.13 6.57 4.75
C ASP B 76 59.62 6.41 4.70
N ILE B 77 58.91 7.37 5.31
CA ILE B 77 57.45 7.35 5.34
C ILE B 77 56.97 8.08 4.10
N SER B 78 56.45 7.33 3.14
CA SER B 78 56.00 7.88 1.87
C SER B 78 54.51 8.11 1.81
N ILE B 79 53.77 7.82 2.87
CA ILE B 79 52.33 8.00 2.88
C ILE B 79 51.85 7.97 4.33
N LEU B 80 50.67 8.54 4.57
CA LEU B 80 50.18 8.76 5.91
C LEU B 80 48.65 8.78 5.87
N ARG B 81 48.02 8.22 6.90
CA ARG B 81 46.57 8.21 7.00
C ARG B 81 46.14 9.07 8.17
N LEU B 82 45.21 9.99 7.93
CA LEU B 82 44.75 10.89 8.97
C LEU B 82 43.23 10.98 8.94
N PRO B 83 42.57 11.11 10.08
CA PRO B 83 41.12 11.25 10.08
C PRO B 83 40.70 12.62 9.60
N PRO B 84 39.60 12.71 8.85
CA PRO B 84 39.20 14.01 8.29
C PRO B 84 38.83 15.05 9.32
N GLU B 85 38.50 14.66 10.55
CA GLU B 85 38.22 15.63 11.59
C GLU B 85 39.49 16.18 12.23
N LEU B 86 40.65 15.94 11.62
CA LEU B 86 41.90 16.56 12.06
C LEU B 86 42.51 17.47 11.02
N VAL B 87 42.13 17.36 9.75
CA VAL B 87 42.70 18.14 8.67
C VAL B 87 41.57 18.87 7.96
N TRP B 88 41.95 19.74 7.03
CA TRP B 88 40.99 20.51 6.26
C TRP B 88 40.52 19.70 5.06
N ILE B 89 39.20 19.55 4.92
CA ILE B 89 38.64 18.85 3.77
C ILE B 89 37.61 19.76 3.12
N PRO B 90 37.41 19.68 1.81
CA PRO B 90 36.40 20.51 1.16
C PRO B 90 35.02 19.85 1.24
N ASP B 91 34.03 20.60 1.69
CA ASP B 91 32.68 20.07 1.85
C ASP B 91 31.92 20.27 0.56
N ILE B 92 32.12 19.34 -0.37
CA ILE B 92 31.34 19.27 -1.59
C ILE B 92 30.02 18.59 -1.26
N VAL B 93 28.91 19.18 -1.70
CA VAL B 93 27.58 18.72 -1.32
C VAL B 93 26.77 18.43 -2.58
N LEU B 94 25.95 17.39 -2.50
CA LEU B 94 25.01 17.05 -3.57
C LEU B 94 23.79 17.96 -3.44
N GLN B 95 23.62 18.87 -4.38
CA GLN B 95 22.60 19.89 -4.23
C GLN B 95 21.19 19.37 -4.52
N ASN B 96 21.06 18.34 -5.33
CA ASN B 96 19.74 17.92 -5.82
C ASN B 96 19.27 16.64 -5.13
N ASN B 97 19.58 16.49 -3.85
CA ASN B 97 19.16 15.31 -3.11
C ASN B 97 17.73 15.45 -2.60
N ASN B 98 17.03 14.33 -2.53
CA ASN B 98 15.67 14.32 -2.00
C ASN B 98 15.65 14.44 -0.48
N ASP B 99 16.51 13.71 0.20
CA ASP B 99 16.53 13.71 1.66
C ASP B 99 17.61 14.66 2.16
N GLY B 100 17.85 14.64 3.47
CA GLY B 100 18.74 15.61 4.07
C GLY B 100 20.19 15.17 4.07
N GLN B 101 20.53 14.18 3.25
CA GLN B 101 21.90 13.70 3.15
C GLN B 101 22.61 14.49 2.07
N TYR B 102 23.28 15.57 2.45
CA TYR B 102 23.98 16.42 1.51
C TYR B 102 25.36 15.93 1.13
N HIS B 103 25.93 14.99 1.88
CA HIS B 103 27.31 14.62 1.67
C HIS B 103 27.56 13.30 2.40
N VAL B 104 28.71 12.69 2.14
CA VAL B 104 28.99 11.34 2.59
C VAL B 104 28.69 11.19 4.07
N ALA B 105 28.26 9.99 4.47
CA ALA B 105 27.96 9.71 5.87
C ALA B 105 29.09 9.01 6.60
N TYR B 106 29.97 8.32 5.89
CA TYR B 106 31.13 7.66 6.48
C TYR B 106 32.37 8.49 6.15
N PHE B 107 32.97 9.09 7.17
CA PHE B 107 34.15 9.93 6.99
C PHE B 107 35.39 9.08 7.22
N CYS B 108 35.93 8.56 6.12
CA CYS B 108 37.12 7.72 6.18
C CYS B 108 38.38 8.58 6.21
N ASN B 109 39.51 7.94 6.49
CA ASN B 109 40.78 8.65 6.56
C ASN B 109 41.13 9.27 5.21
N VAL B 110 42.11 10.16 5.25
CA VAL B 110 42.65 10.79 4.05
C VAL B 110 44.09 10.32 3.88
N LEU B 111 44.50 10.08 2.65
CA LEU B 111 45.87 9.69 2.35
C LEU B 111 46.67 10.92 1.96
N VAL B 112 47.77 11.16 2.67
CA VAL B 112 48.61 12.34 2.46
C VAL B 112 50.00 11.87 2.04
N ARG B 113 50.49 12.40 0.94
CA ARG B 113 51.82 12.09 0.46
C ARG B 113 52.82 13.13 0.96
N PRO B 114 54.11 12.82 0.95
CA PRO B 114 55.09 13.78 1.48
C PRO B 114 55.12 15.10 0.74
N ASN B 115 54.63 15.14 -0.49
CA ASN B 115 54.62 16.38 -1.26
C ASN B 115 53.38 17.22 -0.98
N GLY B 116 52.48 16.75 -0.14
CA GLY B 116 51.28 17.47 0.21
C GLY B 116 50.03 17.04 -0.52
N TYR B 117 50.11 16.07 -1.41
CA TYR B 117 48.94 15.62 -2.14
C TYR B 117 48.04 14.83 -1.23
N VAL B 118 46.83 15.34 -1.00
CA VAL B 118 45.85 14.71 -0.13
C VAL B 118 44.76 14.09 -1.00
N THR B 119 44.41 12.85 -0.69
CA THR B 119 43.37 12.13 -1.42
C THR B 119 42.34 11.61 -0.44
N TRP B 120 41.08 11.62 -0.85
CA TRP B 120 39.99 11.24 0.03
C TRP B 120 38.93 10.53 -0.80
N LEU B 121 38.61 9.30 -0.46
CA LEU B 121 37.74 8.44 -1.26
C LEU B 121 36.68 7.78 -0.38
N PRO B 122 35.74 8.55 0.13
CA PRO B 122 34.70 7.99 0.98
C PRO B 122 33.57 7.40 0.14
N PRO B 123 32.87 6.40 0.65
CA PRO B 123 31.68 5.88 -0.03
C PRO B 123 30.44 6.64 0.38
N ALA B 124 29.40 6.54 -0.45
CA ALA B 124 28.18 7.26 -0.19
C ALA B 124 27.00 6.57 -0.85
N ILE B 125 25.86 6.66 -0.18
CA ILE B 125 24.57 6.30 -0.76
C ILE B 125 23.82 7.59 -0.99
N PHE B 126 23.68 8.00 -2.25
CA PHE B 126 23.07 9.27 -2.59
C PHE B 126 21.65 9.01 -3.09
N ARG B 127 20.70 9.79 -2.59
CA ARG B 127 19.32 9.77 -3.06
C ARG B 127 19.06 11.11 -3.75
N SER B 128 19.32 11.15 -5.05
CA SER B 128 19.15 12.38 -5.80
C SER B 128 17.77 12.42 -6.45
N SER B 129 17.37 13.62 -6.84
CA SER B 129 16.08 13.84 -7.48
C SER B 129 16.25 13.76 -8.99
N CYS B 130 15.55 12.83 -9.62
CA CYS B 130 15.61 12.64 -11.07
C CYS B 130 14.21 12.76 -11.65
N PRO B 131 13.90 13.84 -12.38
CA PRO B 131 12.60 13.89 -13.05
C PRO B 131 12.46 12.74 -14.03
N ILE B 132 11.25 12.18 -14.09
CA ILE B 132 10.98 11.01 -14.91
C ILE B 132 10.15 11.43 -16.11
N ASN B 133 10.60 11.04 -17.30
CA ASN B 133 9.87 11.27 -18.53
C ASN B 133 9.12 9.98 -18.87
N VAL B 134 7.81 9.97 -18.64
CA VAL B 134 7.01 8.76 -18.77
C VAL B 134 6.42 8.67 -20.17
N LEU B 135 6.91 9.49 -21.09
CA LEU B 135 6.29 9.60 -22.40
C LEU B 135 6.25 8.25 -23.13
N TYR B 136 7.29 7.43 -22.94
CA TYR B 136 7.42 6.18 -23.68
C TYR B 136 7.45 4.96 -22.78
N PHE B 137 6.99 5.08 -21.54
CA PHE B 137 6.99 3.94 -20.64
C PHE B 137 6.20 2.78 -21.27
N PRO B 138 6.71 1.54 -21.20
CA PRO B 138 7.94 1.06 -20.57
C PRO B 138 9.12 0.94 -21.52
N PHE B 139 9.11 1.61 -22.67
CA PHE B 139 10.25 1.66 -23.57
C PHE B 139 11.01 2.96 -23.43
N ASP B 140 11.11 3.49 -22.23
CA ASP B 140 11.66 4.81 -21.98
C ASP B 140 13.11 4.71 -21.53
N TRP B 141 13.82 5.83 -21.68
CA TRP B 141 15.17 5.99 -21.17
C TRP B 141 15.21 7.28 -20.37
N GLN B 142 15.84 7.23 -19.21
CA GLN B 142 15.86 8.37 -18.29
C GLN B 142 17.22 9.05 -18.34
N ASN B 143 17.25 10.28 -17.85
CA ASN B 143 18.46 11.11 -17.88
C ASN B 143 18.58 11.76 -16.50
N CYS B 144 19.24 11.08 -15.59
CA CYS B 144 19.41 11.52 -14.21
C CYS B 144 20.81 12.08 -14.00
N SER B 145 20.90 13.12 -13.18
CA SER B 145 22.16 13.81 -12.94
C SER B 145 22.40 13.97 -11.45
N LEU B 146 23.67 13.98 -11.07
CA LEU B 146 24.11 14.25 -9.71
C LEU B 146 24.92 15.54 -9.75
N LYS B 147 24.40 16.60 -9.13
CA LYS B 147 24.99 17.93 -9.23
C LYS B 147 25.68 18.25 -7.92
N PHE B 148 27.00 18.44 -7.97
CA PHE B 148 27.81 18.69 -6.79
C PHE B 148 28.31 20.12 -6.81
N THR B 149 28.11 20.84 -5.71
CA THR B 149 28.52 22.22 -5.58
C THR B 149 29.32 22.39 -4.29
N ALA B 150 30.14 23.42 -4.26
CA ALA B 150 30.93 23.78 -3.07
C ALA B 150 30.32 25.03 -2.47
N LEU B 151 29.67 24.88 -1.32
CA LEU B 151 28.93 25.97 -0.71
C LEU B 151 29.70 26.67 0.40
N ASN B 152 30.75 26.05 0.93
CA ASN B 152 31.52 26.66 1.99
C ASN B 152 32.48 27.72 1.51
N TYR B 153 32.80 27.75 0.21
CA TYR B 153 33.72 28.72 -0.34
C TYR B 153 33.24 29.10 -1.73
N ASP B 154 33.66 30.28 -2.17
CA ASP B 154 33.29 30.81 -3.48
C ASP B 154 34.37 30.51 -4.50
N ALA B 155 34.03 30.73 -5.77
CA ALA B 155 34.91 30.34 -6.85
C ALA B 155 36.24 31.08 -6.83
N ASN B 156 36.34 32.19 -6.12
CA ASN B 156 37.60 32.88 -5.97
C ASN B 156 38.50 32.24 -4.93
N GLU B 157 38.00 31.27 -4.19
CA GLU B 157 38.72 30.65 -3.08
C GLU B 157 39.03 29.18 -3.29
N ILE B 158 38.11 28.41 -3.86
CA ILE B 158 38.38 27.03 -4.27
C ILE B 158 37.74 26.81 -5.62
N THR B 159 38.43 26.08 -6.49
CA THR B 159 37.98 25.82 -7.85
C THR B 159 37.73 24.33 -8.01
N MET B 160 36.48 23.95 -8.25
CA MET B 160 36.16 22.58 -8.56
C MET B 160 36.71 22.21 -9.92
N ASP B 161 37.04 20.94 -10.11
CA ASP B 161 37.58 20.48 -11.39
C ASP B 161 37.32 18.99 -11.51
N LEU B 162 37.67 18.44 -12.68
CA LEU B 162 37.53 17.02 -12.95
C LEU B 162 38.90 16.36 -12.84
N MET B 163 38.92 15.18 -12.24
CA MET B 163 40.19 14.49 -12.00
C MET B 163 40.87 14.18 -13.32
N THR B 164 42.18 14.44 -13.37
CA THR B 164 42.97 14.16 -14.56
C THR B 164 43.68 12.82 -14.42
N ASP B 165 44.03 12.24 -15.56
CA ASP B 165 44.72 10.97 -15.61
C ASP B 165 45.80 11.03 -16.68
N THR B 166 46.77 10.12 -16.57
CA THR B 166 47.88 10.03 -17.51
C THR B 166 47.92 8.64 -18.12
N ILE B 167 48.22 8.57 -19.41
CA ILE B 167 48.42 7.32 -20.12
C ILE B 167 49.76 7.28 -20.85
N ASP B 168 50.11 8.37 -21.52
CA ASP B 168 51.35 8.44 -22.27
C ASP B 168 52.00 9.82 -22.13
N GLY B 169 51.99 10.36 -20.91
CA GLY B 169 52.65 11.60 -20.62
C GLY B 169 51.80 12.85 -20.77
N LYS B 170 50.62 12.74 -21.37
CA LYS B 170 49.71 13.87 -21.52
C LYS B 170 48.50 13.67 -20.61
N ASP B 171 48.18 14.68 -19.82
CA ASP B 171 47.04 14.64 -18.91
C ASP B 171 45.76 14.85 -19.70
N TYR B 172 44.80 13.96 -19.52
CA TYR B 172 43.48 14.13 -20.11
C TYR B 172 42.43 14.10 -19.01
N PRO B 173 41.49 15.05 -18.98
CA PRO B 173 40.49 15.04 -17.91
C PRO B 173 39.55 13.85 -18.04
N ILE B 174 39.00 13.44 -16.90
CA ILE B 174 38.07 12.32 -16.83
C ILE B 174 36.66 12.89 -16.89
N GLU B 175 36.05 12.86 -18.08
CA GLU B 175 34.68 13.35 -18.25
C GLU B 175 33.64 12.25 -18.18
N TRP B 176 33.84 11.23 -17.34
CA TRP B 176 32.87 10.16 -17.23
C TRP B 176 32.82 9.66 -15.81
N ILE B 177 31.72 9.00 -15.47
CA ILE B 177 31.65 8.24 -14.23
C ILE B 177 32.45 6.96 -14.40
N ILE B 178 33.32 6.68 -13.44
CA ILE B 178 34.18 5.51 -13.53
C ILE B 178 33.38 4.28 -13.13
N ILE B 179 33.40 3.26 -13.96
CA ILE B 179 32.78 1.97 -13.65
C ILE B 179 33.86 0.91 -13.75
N ASP B 180 34.16 0.27 -12.63
CA ASP B 180 35.12 -0.83 -12.62
C ASP B 180 34.46 -2.08 -13.18
N PRO B 181 35.01 -2.70 -14.21
CA PRO B 181 34.28 -3.78 -14.89
C PRO B 181 34.00 -4.97 -14.00
N GLU B 182 34.74 -5.15 -12.91
CA GLU B 182 34.54 -6.27 -12.01
C GLU B 182 33.89 -5.89 -10.69
N ALA B 183 34.15 -4.69 -10.18
CA ALA B 183 33.50 -4.23 -8.96
C ALA B 183 32.16 -3.56 -9.23
N PHE B 184 31.59 -3.75 -10.40
CA PHE B 184 30.30 -3.17 -10.76
C PHE B 184 29.25 -4.26 -10.90
N THR B 185 28.04 -3.98 -10.44
CA THR B 185 26.93 -4.92 -10.46
C THR B 185 25.87 -4.40 -11.43
N GLU B 186 25.75 -5.05 -12.59
CA GLU B 186 24.76 -4.62 -13.55
C GLU B 186 23.36 -4.70 -12.95
N ASN B 187 22.58 -3.65 -13.17
CA ASN B 187 21.22 -3.61 -12.64
C ASN B 187 20.30 -4.44 -13.52
N GLY B 188 19.33 -5.11 -12.88
CA GLY B 188 18.43 -5.96 -13.62
C GLY B 188 17.52 -5.18 -14.55
N GLU B 189 17.04 -4.02 -14.11
CA GLU B 189 16.07 -3.24 -14.85
C GLU B 189 16.68 -2.22 -15.78
N TRP B 190 17.75 -1.54 -15.35
CA TRP B 190 18.33 -0.44 -16.10
C TRP B 190 19.72 -0.81 -16.57
N GLU B 191 20.08 -0.34 -17.76
CA GLU B 191 21.44 -0.48 -18.27
C GLU B 191 21.97 0.89 -18.65
N ILE B 192 23.21 1.14 -18.31
CA ILE B 192 23.81 2.46 -18.49
C ILE B 192 24.23 2.60 -19.94
N ILE B 193 23.79 3.69 -20.58
CA ILE B 193 24.14 3.98 -21.97
C ILE B 193 25.26 5.01 -22.03
N HIS B 194 25.04 6.18 -21.42
CA HIS B 194 26.04 7.24 -21.37
C HIS B 194 26.21 7.65 -19.92
N LYS B 195 27.41 8.13 -19.59
CA LYS B 195 27.73 8.58 -18.23
C LYS B 195 28.77 9.68 -18.30
N PRO B 196 28.42 10.83 -18.86
CA PRO B 196 29.36 11.94 -18.91
C PRO B 196 29.45 12.68 -17.59
N ALA B 197 30.56 13.40 -17.44
CA ALA B 197 30.77 14.29 -16.31
C ALA B 197 31.26 15.62 -16.86
N LYS B 198 30.67 16.71 -16.39
CA LYS B 198 30.95 18.01 -16.97
C LYS B 198 31.09 19.04 -15.85
N LYS B 199 32.02 19.97 -16.03
CA LYS B 199 32.24 21.07 -15.10
C LYS B 199 31.54 22.29 -15.65
N ASN B 200 30.44 22.68 -15.02
CA ASN B 200 29.62 23.78 -15.50
C ASN B 200 30.01 25.09 -14.83
N ILE B 201 29.99 26.16 -15.60
CA ILE B 201 30.19 27.51 -15.10
C ILE B 201 29.01 28.35 -15.59
N TYR B 202 28.50 29.21 -14.72
CA TYR B 202 27.34 30.05 -15.05
C TYR B 202 27.77 31.51 -15.10
N PRO B 203 28.02 32.06 -16.30
CA PRO B 203 28.59 33.41 -16.37
C PRO B 203 27.67 34.50 -15.88
N ASP B 204 26.36 34.28 -15.81
CA ASP B 204 25.48 35.34 -15.34
C ASP B 204 25.60 35.59 -13.85
N LYS B 205 26.27 34.72 -13.12
CA LYS B 205 26.55 34.92 -11.71
C LYS B 205 27.97 35.47 -11.55
N PHE B 206 28.42 35.59 -10.31
CA PHE B 206 29.75 36.14 -10.07
C PHE B 206 30.59 35.19 -9.24
N PRO B 207 31.90 35.21 -9.40
CA PRO B 207 32.78 34.44 -8.50
C PRO B 207 32.73 34.92 -7.06
N ASN B 208 32.01 36.01 -6.78
CA ASN B 208 31.77 36.41 -5.40
C ASN B 208 31.24 35.23 -4.59
N GLY B 209 30.23 34.56 -5.15
CA GLY B 209 29.43 33.64 -4.38
C GLY B 209 29.53 32.19 -4.78
N THR B 210 28.67 31.38 -4.20
CA THR B 210 28.79 29.93 -4.26
C THR B 210 27.87 29.28 -5.26
N ASN B 211 27.23 30.04 -6.14
CA ASN B 211 26.41 29.49 -7.21
C ASN B 211 27.05 29.70 -8.58
N TYR B 212 28.36 29.82 -8.63
CA TYR B 212 29.07 30.13 -9.87
C TYR B 212 29.64 28.90 -10.56
N GLN B 213 29.68 27.75 -9.87
CA GLN B 213 30.30 26.57 -10.45
C GLN B 213 29.69 25.33 -9.85
N ASP B 214 29.87 24.21 -10.54
CA ASP B 214 29.53 22.90 -10.01
C ASP B 214 30.07 21.85 -10.97
N VAL B 215 30.09 20.60 -10.50
CA VAL B 215 30.44 19.46 -11.31
C VAL B 215 29.24 18.54 -11.31
N THR B 216 28.71 18.24 -12.50
CA THR B 216 27.52 17.43 -12.64
C THR B 216 27.90 16.14 -13.34
N PHE B 217 27.50 15.02 -12.75
CA PHE B 217 27.68 13.70 -13.34
C PHE B 217 26.33 13.24 -13.86
N TYR B 218 26.23 13.07 -15.17
CA TYR B 218 25.00 12.61 -15.78
C TYR B 218 25.02 11.10 -15.94
N LEU B 219 23.83 10.53 -16.08
CA LEU B 219 23.69 9.08 -16.12
C LEU B 219 22.45 8.79 -16.97
N ILE B 220 22.67 8.48 -18.24
CA ILE B 220 21.60 8.14 -19.16
C ILE B 220 21.42 6.62 -19.16
N ILE B 221 20.23 6.17 -18.77
CA ILE B 221 19.96 4.75 -18.55
C ILE B 221 18.72 4.37 -19.34
N ARG B 222 18.72 3.16 -19.90
CA ARG B 222 17.61 2.63 -20.64
C ARG B 222 16.98 1.48 -19.87
N ARG B 223 15.65 1.40 -19.90
CA ARG B 223 14.95 0.35 -19.18
C ARG B 223 14.88 -0.90 -20.04
N LYS B 224 15.13 -2.05 -19.42
CA LYS B 224 14.95 -3.32 -20.09
C LYS B 224 13.47 -3.69 -20.00
N PRO B 225 12.74 -3.74 -21.11
CA PRO B 225 11.28 -3.81 -21.04
C PRO B 225 10.68 -5.20 -21.05
N LEU B 226 11.48 -6.26 -21.11
CA LEU B 226 10.91 -7.60 -21.23
C LEU B 226 9.92 -7.88 -20.11
N PHE B 227 10.23 -7.45 -18.89
CA PHE B 227 9.35 -7.71 -17.77
C PHE B 227 7.95 -7.18 -18.02
N TYR B 228 7.84 -5.91 -18.39
CA TYR B 228 6.54 -5.30 -18.59
C TYR B 228 5.85 -5.86 -19.82
N VAL B 229 6.60 -6.11 -20.88
CA VAL B 229 5.99 -6.67 -22.09
C VAL B 229 5.36 -8.01 -21.79
N ILE B 230 6.07 -8.86 -21.06
CA ILE B 230 5.55 -10.19 -20.76
C ILE B 230 4.38 -10.11 -19.77
N ASN B 231 4.47 -9.23 -18.78
CA ASN B 231 3.56 -9.28 -17.66
C ASN B 231 2.46 -8.23 -17.67
N PHE B 232 2.55 -7.22 -18.53
CA PHE B 232 1.53 -6.17 -18.54
C PHE B 232 0.94 -5.91 -19.91
N ILE B 233 1.73 -5.97 -20.97
CA ILE B 233 1.24 -5.59 -22.28
C ILE B 233 0.57 -6.76 -22.99
N THR B 234 1.14 -7.95 -22.93
CA THR B 234 0.55 -9.08 -23.64
C THR B 234 -0.84 -9.43 -23.13
N PRO B 235 -1.07 -9.59 -21.82
CA PRO B 235 -2.44 -9.85 -21.36
C PRO B 235 -3.40 -8.76 -21.77
N CYS B 236 -2.98 -7.50 -21.67
CA CYS B 236 -3.88 -6.40 -22.03
C CYS B 236 -4.25 -6.46 -23.49
N VAL B 237 -3.28 -6.74 -24.37
CA VAL B 237 -3.56 -6.79 -25.80
C VAL B 237 -4.50 -7.94 -26.12
N LEU B 238 -4.26 -9.12 -25.54
CA LEU B 238 -5.12 -10.26 -25.83
C LEU B 238 -6.54 -10.01 -25.36
N ILE B 239 -6.69 -9.51 -24.13
CA ILE B 239 -8.02 -9.20 -23.62
C ILE B 239 -8.69 -8.16 -24.48
N SER B 240 -7.93 -7.19 -24.99
CA SER B 240 -8.51 -6.19 -25.87
C SER B 240 -9.04 -6.82 -27.15
N PHE B 241 -8.28 -7.73 -27.74
CA PHE B 241 -8.75 -8.37 -28.97
C PHE B 241 -10.01 -9.19 -28.73
N LEU B 242 -10.18 -9.70 -27.52
CA LEU B 242 -11.42 -10.42 -27.21
C LEU B 242 -12.65 -9.55 -27.50
N ALA B 243 -12.54 -8.24 -27.26
CA ALA B 243 -13.69 -7.37 -27.49
C ALA B 243 -14.08 -7.37 -28.95
N SER B 244 -13.13 -7.12 -29.84
CA SER B 244 -13.43 -7.17 -31.27
C SER B 244 -14.02 -8.52 -31.63
N LEU B 245 -13.51 -9.59 -31.01
CA LEU B 245 -14.08 -10.90 -31.25
C LEU B 245 -15.53 -11.01 -30.79
N ALA B 246 -15.95 -10.16 -29.85
CA ALA B 246 -17.33 -10.23 -29.37
C ALA B 246 -18.35 -9.87 -30.44
N PHE B 247 -17.94 -9.32 -31.57
CA PHE B 247 -18.88 -9.01 -32.65
C PHE B 247 -19.43 -10.25 -33.31
N TYR B 248 -18.75 -11.39 -33.16
CA TYR B 248 -19.08 -12.60 -33.90
C TYR B 248 -20.09 -13.46 -33.18
N LEU B 249 -20.46 -13.12 -31.94
CA LEU B 249 -21.46 -13.87 -31.20
C LEU B 249 -22.86 -13.55 -31.71
N PRO B 250 -23.71 -14.54 -31.90
CA PRO B 250 -25.09 -14.25 -32.30
C PRO B 250 -25.87 -13.62 -31.17
N ALA B 251 -26.89 -12.84 -31.55
CA ALA B 251 -27.70 -12.15 -30.55
C ALA B 251 -28.52 -13.11 -29.72
N GLU B 252 -28.74 -14.35 -30.19
CA GLU B 252 -29.47 -15.33 -29.41
C GLU B 252 -28.61 -15.98 -28.33
N SER B 253 -27.29 -15.79 -28.38
CA SER B 253 -26.42 -16.36 -27.37
C SER B 253 -26.75 -15.80 -25.99
N GLY B 254 -27.06 -14.52 -25.91
CA GLY B 254 -27.29 -13.89 -24.63
C GLY B 254 -26.03 -13.53 -23.89
N GLU B 255 -24.92 -13.32 -24.61
CA GLU B 255 -23.65 -13.02 -23.95
C GLU B 255 -22.83 -11.97 -24.68
N LYS B 256 -23.39 -11.24 -25.65
CA LYS B 256 -22.61 -10.20 -26.32
C LYS B 256 -22.23 -9.10 -25.34
N MET B 257 -23.23 -8.56 -24.64
CA MET B 257 -22.98 -7.46 -23.73
C MET B 257 -22.05 -7.89 -22.62
N SER B 258 -22.23 -9.10 -22.10
CA SER B 258 -21.37 -9.58 -21.02
C SER B 258 -19.91 -9.65 -21.48
N THR B 259 -19.67 -10.18 -22.67
CA THR B 259 -18.30 -10.28 -23.16
C THR B 259 -17.67 -8.91 -23.31
N ALA B 260 -18.38 -7.99 -23.99
CA ALA B 260 -17.81 -6.66 -24.20
C ALA B 260 -17.56 -5.97 -22.87
N ILE B 261 -18.50 -6.09 -21.92
CA ILE B 261 -18.36 -5.40 -20.65
C ILE B 261 -17.21 -5.98 -19.84
N SER B 262 -17.04 -7.30 -19.88
CA SER B 262 -15.91 -7.92 -19.21
C SER B 262 -14.60 -7.40 -19.77
N VAL B 263 -14.52 -7.27 -21.08
CA VAL B 263 -13.29 -6.73 -21.67
C VAL B 263 -13.06 -5.31 -21.19
N LEU B 264 -14.10 -4.49 -21.18
CA LEU B 264 -13.93 -3.10 -20.76
C LEU B 264 -13.47 -3.02 -19.31
N LEU B 265 -14.04 -3.84 -18.43
CA LEU B 265 -13.63 -3.80 -17.03
C LEU B 265 -12.20 -4.27 -16.85
N ALA B 266 -11.78 -5.29 -17.61
CA ALA B 266 -10.38 -5.70 -17.56
C ALA B 266 -9.47 -4.57 -18.01
N GLN B 267 -9.85 -3.86 -19.07
CA GLN B 267 -9.06 -2.72 -19.52
C GLN B 267 -8.96 -1.67 -18.43
N ALA B 268 -10.08 -1.40 -17.74
CA ALA B 268 -10.06 -0.42 -16.66
C ALA B 268 -9.13 -0.85 -15.54
N VAL B 269 -9.13 -2.13 -15.18
CA VAL B 269 -8.22 -2.61 -14.15
C VAL B 269 -6.78 -2.40 -14.56
N PHE B 270 -6.46 -2.72 -15.82
CA PHE B 270 -5.08 -2.52 -16.27
C PHE B 270 -4.70 -1.05 -16.24
N LEU B 271 -5.64 -0.17 -16.62
CA LEU B 271 -5.38 1.26 -16.56
C LEU B 271 -5.11 1.72 -15.14
N LEU B 272 -5.88 1.21 -14.17
CA LEU B 272 -5.66 1.59 -12.78
C LEU B 272 -4.28 1.14 -12.30
N LEU B 273 -3.87 -0.08 -12.65
CA LEU B 273 -2.53 -0.52 -12.26
C LEU B 273 -1.46 0.36 -12.89
N THR B 274 -1.60 0.67 -14.18
CA THR B 274 -0.65 1.56 -14.83
C THR B 274 -0.57 2.89 -14.09
N SER B 275 -1.72 3.43 -13.68
CA SER B 275 -1.71 4.64 -12.87
C SER B 275 -0.91 4.44 -11.59
N GLN B 276 -1.11 3.31 -10.92
CA GLN B 276 -0.41 3.06 -9.68
C GLN B 276 1.10 3.02 -9.87
N ARG B 277 1.57 2.64 -11.05
CA ARG B 277 3.00 2.39 -11.23
C ARG B 277 3.79 3.61 -11.71
N LEU B 278 3.18 4.77 -11.82
CA LEU B 278 3.85 5.94 -12.39
C LEU B 278 3.65 7.17 -11.53
N PRO B 279 4.53 8.16 -11.66
CA PRO B 279 4.35 9.42 -10.93
C PRO B 279 3.15 10.20 -11.46
N GLU B 280 2.60 11.05 -10.61
CA GLU B 280 1.42 11.83 -10.97
C GLU B 280 1.81 13.14 -11.66
N THR B 281 2.65 13.06 -12.67
CA THR B 281 3.07 14.25 -13.40
C THR B 281 2.13 14.48 -14.58
N ALA B 282 2.11 15.73 -15.05
CA ALA B 282 1.25 16.14 -16.15
C ALA B 282 2.05 16.56 -17.37
N LEU B 283 3.33 16.20 -17.45
CA LEU B 283 4.11 16.55 -18.63
C LEU B 283 3.58 15.85 -19.87
N ALA B 284 3.25 14.57 -19.75
CA ALA B 284 2.74 13.81 -20.89
C ALA B 284 2.04 12.57 -20.39
N VAL B 285 1.19 12.01 -21.25
CA VAL B 285 0.48 10.77 -20.96
C VAL B 285 1.38 9.62 -21.40
N PRO B 286 1.60 8.61 -20.56
CA PRO B 286 2.49 7.52 -20.97
C PRO B 286 1.95 6.80 -22.20
N LEU B 287 2.87 6.21 -22.96
CA LEU B 287 2.48 5.49 -24.17
C LEU B 287 1.45 4.42 -23.85
N ILE B 288 1.72 3.60 -22.84
CA ILE B 288 0.78 2.56 -22.45
C ILE B 288 -0.54 3.19 -22.01
N GLY B 289 -0.48 4.34 -21.35
CA GLY B 289 -1.69 5.03 -20.97
C GLY B 289 -2.50 5.48 -22.17
N LYS B 290 -1.83 6.02 -23.19
CA LYS B 290 -2.52 6.40 -24.41
C LYS B 290 -3.18 5.19 -25.06
N TYR B 291 -2.45 4.08 -25.14
CA TYR B 291 -3.03 2.88 -25.74
C TYR B 291 -4.24 2.42 -24.98
N LEU B 292 -4.17 2.42 -23.64
CA LEU B 292 -5.30 1.97 -22.84
C LEU B 292 -6.50 2.89 -23.01
N MET B 293 -6.28 4.21 -23.05
CA MET B 293 -7.41 5.11 -23.26
C MET B 293 -8.04 4.87 -24.62
N PHE B 294 -7.23 4.73 -25.66
CA PHE B 294 -7.74 4.51 -27.00
C PHE B 294 -8.54 3.21 -27.09
N ILE B 295 -8.00 2.14 -26.51
CA ILE B 295 -8.66 0.85 -26.59
C ILE B 295 -9.93 0.84 -25.75
N MET B 296 -9.92 1.52 -24.60
CA MET B 296 -11.14 1.61 -23.79
C MET B 296 -12.24 2.38 -24.53
N SER B 297 -11.89 3.49 -25.18
CA SER B 297 -12.89 4.20 -25.95
C SER B 297 -13.43 3.33 -27.07
N LEU B 298 -12.55 2.59 -27.74
CA LEU B 298 -12.97 1.73 -28.84
C LEU B 298 -13.89 0.62 -28.34
N VAL B 299 -13.58 0.05 -27.18
CA VAL B 299 -14.43 -1.01 -26.64
C VAL B 299 -15.76 -0.45 -26.14
N THR B 300 -15.78 0.79 -25.66
CA THR B 300 -17.06 1.42 -25.34
C THR B 300 -17.90 1.57 -26.60
N GLY B 301 -17.27 1.96 -27.71
CA GLY B 301 -17.98 1.97 -28.98
C GLY B 301 -18.51 0.59 -29.33
N VAL B 302 -17.71 -0.44 -29.08
CA VAL B 302 -18.13 -1.82 -29.35
C VAL B 302 -19.36 -2.16 -28.51
N ILE B 303 -19.37 -1.77 -27.24
CA ILE B 303 -20.51 -2.07 -26.38
C ILE B 303 -21.75 -1.36 -26.88
N VAL B 304 -21.62 -0.08 -27.23
CA VAL B 304 -22.76 0.68 -27.71
C VAL B 304 -23.32 0.04 -28.98
N ASN B 305 -22.43 -0.44 -29.84
CA ASN B 305 -22.88 -0.97 -31.11
C ASN B 305 -23.49 -2.36 -30.95
N CYS B 306 -22.98 -3.16 -30.00
CA CYS B 306 -23.65 -4.41 -29.66
C CYS B 306 -25.04 -4.14 -29.10
N GLY B 307 -25.18 -3.07 -28.31
CA GLY B 307 -26.49 -2.70 -27.82
C GLY B 307 -27.45 -2.34 -28.95
N ILE B 308 -26.95 -1.57 -29.93
CA ILE B 308 -27.80 -1.24 -31.08
C ILE B 308 -28.18 -2.51 -31.84
N VAL B 309 -27.23 -3.42 -32.03
CA VAL B 309 -27.53 -4.66 -32.74
C VAL B 309 -28.61 -5.43 -32.00
N LEU B 310 -28.49 -5.54 -30.68
CA LEU B 310 -29.49 -6.26 -29.91
C LEU B 310 -30.84 -5.60 -30.04
N ASN B 311 -30.89 -4.27 -29.97
CA ASN B 311 -32.16 -3.58 -30.11
C ASN B 311 -32.79 -3.85 -31.47
N PHE B 312 -31.96 -3.98 -32.50
CA PHE B 312 -32.48 -4.30 -33.83
C PHE B 312 -32.97 -5.74 -33.91
N HIS B 313 -32.30 -6.65 -33.21
CA HIS B 313 -32.60 -8.07 -33.37
C HIS B 313 -33.94 -8.45 -32.76
N PHE B 314 -34.41 -7.71 -31.76
CA PHE B 314 -35.59 -8.08 -31.00
C PHE B 314 -36.82 -7.27 -31.39
N ARG B 315 -36.79 -6.60 -32.53
CA ARG B 315 -37.95 -5.89 -33.03
C ARG B 315 -38.94 -6.87 -33.64
N THR B 316 -40.20 -6.52 -33.58
CA THR B 316 -41.28 -7.33 -34.12
C THR B 316 -42.30 -6.43 -34.79
N PRO B 317 -43.11 -6.96 -35.71
CA PRO B 317 -44.13 -6.14 -36.35
C PRO B 317 -45.11 -5.52 -35.37
N SER B 318 -45.15 -5.99 -34.13
CA SER B 318 -46.06 -5.44 -33.14
C SER B 318 -45.60 -4.09 -32.58
N THR B 319 -44.36 -3.69 -32.84
CA THR B 319 -43.84 -2.47 -32.24
C THR B 319 -43.16 -1.55 -33.25
N HIS B 320 -42.63 -2.11 -34.33
CA HIS B 320 -41.88 -1.36 -35.32
C HIS B 320 -42.32 -1.74 -36.72
N VAL B 321 -41.91 -0.94 -37.70
CA VAL B 321 -42.17 -1.20 -39.10
C VAL B 321 -40.84 -1.26 -39.84
N LEU B 322 -40.65 -2.31 -40.62
CA LEU B 322 -39.44 -2.47 -41.43
C LEU B 322 -39.63 -1.71 -42.73
N SER B 323 -39.14 -0.47 -42.76
CA SER B 323 -39.35 0.37 -43.92
C SER B 323 -38.53 -0.13 -45.10
N THR B 324 -38.95 0.28 -46.30
CA THR B 324 -38.29 -0.20 -47.51
C THR B 324 -36.84 0.26 -47.59
N ARG B 325 -36.58 1.50 -47.15
CA ARG B 325 -35.21 2.02 -47.26
C ARG B 325 -34.24 1.21 -46.42
N VAL B 326 -34.58 0.99 -45.14
CA VAL B 326 -33.70 0.19 -44.28
C VAL B 326 -33.60 -1.23 -44.82
N LYS B 327 -34.71 -1.76 -45.34
CA LYS B 327 -34.69 -3.11 -45.86
C LYS B 327 -33.71 -3.25 -47.01
N GLN B 328 -33.75 -2.32 -47.96
CA GLN B 328 -32.84 -2.42 -49.10
C GLN B 328 -31.40 -2.10 -48.71
N ILE B 329 -31.21 -1.23 -47.71
CA ILE B 329 -29.85 -0.90 -47.30
C ILE B 329 -29.20 -2.08 -46.59
N PHE B 330 -29.92 -2.74 -45.69
CA PHE B 330 -29.34 -3.75 -44.83
C PHE B 330 -29.67 -5.18 -45.25
N LEU B 331 -30.31 -5.38 -46.40
CA LEU B 331 -30.57 -6.73 -46.87
C LEU B 331 -30.19 -6.95 -48.32
N GLU B 332 -29.91 -5.91 -49.09
CA GLU B 332 -29.51 -6.05 -50.49
C GLU B 332 -28.09 -5.55 -50.72
N LYS B 333 -27.79 -4.30 -50.37
CA LYS B 333 -26.50 -3.72 -50.73
C LYS B 333 -25.39 -4.17 -49.79
N LEU B 334 -25.52 -3.84 -48.51
CA LEU B 334 -24.43 -4.13 -47.57
C LEU B 334 -24.05 -5.60 -47.55
N PRO B 335 -24.98 -6.55 -47.51
CA PRO B 335 -24.57 -7.97 -47.48
C PRO B 335 -23.69 -8.35 -48.64
N ARG B 336 -23.92 -7.79 -49.82
CA ARG B 336 -23.05 -8.10 -50.96
C ARG B 336 -21.71 -7.40 -50.83
N ILE B 337 -21.71 -6.15 -50.35
CA ILE B 337 -20.47 -5.42 -50.18
C ILE B 337 -19.56 -6.13 -49.18
N LEU B 338 -20.14 -6.66 -48.11
CA LEU B 338 -19.38 -7.29 -47.03
C LEU B 338 -19.15 -8.78 -47.26
N HIS B 339 -19.52 -9.30 -48.42
CA HIS B 339 -19.27 -10.70 -48.77
C HIS B 339 -19.90 -11.64 -47.74
N MET B 340 -21.12 -11.30 -47.30
CA MET B 340 -21.86 -12.19 -46.43
C MET B 340 -22.43 -13.36 -47.22
N SER B 341 -22.48 -14.52 -46.58
CA SER B 341 -22.97 -15.72 -47.25
C SER B 341 -24.41 -15.51 -47.72
N ARG B 342 -24.66 -15.90 -48.97
CA ARG B 342 -25.99 -15.73 -49.58
C ARG B 342 -26.49 -14.31 -49.42
N HIS B 416 -76.29 -29.41 -42.43
CA HIS B 416 -75.52 -28.49 -43.26
C HIS B 416 -74.87 -27.40 -42.42
N ASP B 417 -75.54 -27.01 -41.35
CA ASP B 417 -74.99 -25.98 -40.47
C ASP B 417 -73.69 -26.45 -39.83
N GLU B 418 -73.62 -27.72 -39.44
CA GLU B 418 -72.37 -28.24 -38.88
C GLU B 418 -71.26 -28.20 -39.90
N ILE B 419 -71.56 -28.53 -41.16
CA ILE B 419 -70.55 -28.46 -42.20
C ILE B 419 -70.05 -27.02 -42.37
N LYS B 420 -70.98 -26.06 -42.35
CA LYS B 420 -70.58 -24.67 -42.46
C LYS B 420 -69.69 -24.26 -41.29
N SER B 421 -70.05 -24.68 -40.08
CA SER B 421 -69.23 -24.35 -38.92
C SER B 421 -67.83 -24.91 -39.06
N GLY B 422 -67.74 -26.17 -39.50
CA GLY B 422 -66.43 -26.77 -39.69
C GLY B 422 -65.61 -26.04 -40.73
N ILE B 423 -66.23 -25.66 -41.84
CA ILE B 423 -65.51 -24.97 -42.90
C ILE B 423 -65.02 -23.62 -42.41
N ASP B 424 -65.88 -22.89 -41.70
CA ASP B 424 -65.48 -21.59 -41.17
C ASP B 424 -64.33 -21.74 -40.18
N SER B 425 -64.39 -22.75 -39.33
CA SER B 425 -63.31 -22.97 -38.37
C SER B 425 -62.01 -23.27 -39.09
N THR B 426 -62.07 -24.10 -40.15
CA THR B 426 -60.86 -24.40 -40.90
C THR B 426 -60.29 -23.14 -41.55
N ASN B 427 -61.15 -22.31 -42.13
CA ASN B 427 -60.68 -21.07 -42.72
C ASN B 427 -60.02 -20.18 -41.68
N TYR B 428 -60.63 -20.08 -40.50
CA TYR B 428 -60.05 -19.25 -39.45
C TYR B 428 -58.68 -19.78 -39.01
N ILE B 429 -58.56 -21.09 -38.88
CA ILE B 429 -57.27 -21.68 -38.51
C ILE B 429 -56.23 -21.33 -39.56
N VAL B 430 -56.60 -21.47 -40.83
CA VAL B 430 -55.67 -21.17 -41.91
C VAL B 430 -55.22 -19.72 -41.85
N LYS B 431 -56.18 -18.81 -41.61
CA LYS B 431 -55.84 -17.39 -41.57
C LYS B 431 -54.87 -17.11 -40.43
N GLN B 432 -55.13 -17.69 -39.25
CA GLN B 432 -54.23 -17.46 -38.13
C GLN B 432 -52.83 -17.99 -38.42
N ILE B 433 -52.73 -19.18 -39.02
CA ILE B 433 -51.41 -19.73 -39.30
C ILE B 433 -50.68 -18.88 -40.32
N LYS B 434 -51.38 -18.38 -41.33
CA LYS B 434 -50.74 -17.50 -42.31
C LYS B 434 -50.24 -16.22 -41.64
N GLU B 435 -51.04 -15.64 -40.75
CA GLU B 435 -50.59 -14.45 -40.04
C GLU B 435 -49.34 -14.73 -39.22
N LYS B 436 -49.31 -15.88 -38.53
CA LYS B 436 -48.14 -16.23 -37.74
C LYS B 436 -46.92 -16.39 -38.63
N ASN B 437 -47.08 -17.01 -39.79
CA ASN B 437 -45.94 -17.16 -40.69
C ASN B 437 -45.42 -15.81 -41.17
N ALA B 438 -46.32 -14.87 -41.48
CA ALA B 438 -45.85 -13.55 -41.89
C ALA B 438 -45.11 -12.84 -40.74
N TYR B 439 -45.65 -12.98 -39.53
CA TYR B 439 -44.98 -12.40 -38.36
C TYR B 439 -43.57 -12.95 -38.23
N ASP B 440 -43.42 -14.27 -38.36
CA ASP B 440 -42.09 -14.88 -38.25
C ASP B 440 -41.18 -14.44 -39.40
N GLU B 441 -41.74 -14.23 -40.58
CA GLU B 441 -40.93 -13.73 -41.70
C GLU B 441 -40.33 -12.37 -41.36
N GLU B 442 -41.17 -11.47 -40.83
CA GLU B 442 -40.66 -10.16 -40.42
C GLU B 442 -39.60 -10.29 -39.34
N VAL B 443 -39.82 -11.18 -38.37
CA VAL B 443 -38.83 -11.36 -37.31
C VAL B 443 -37.50 -11.81 -37.89
N GLY B 444 -37.54 -12.75 -38.84
CA GLY B 444 -36.31 -13.19 -39.47
C GLY B 444 -35.62 -12.07 -40.23
N ASN B 445 -36.40 -11.20 -40.86
CA ASN B 445 -35.80 -10.06 -41.56
C ASN B 445 -35.07 -9.16 -40.57
N TRP B 446 -35.68 -8.89 -39.42
CA TRP B 446 -35.00 -8.07 -38.42
C TRP B 446 -33.72 -8.75 -37.94
N ASN B 447 -33.76 -10.06 -37.76
CA ASN B 447 -32.56 -10.80 -37.40
C ASN B 447 -31.45 -10.57 -38.42
N LEU B 448 -31.79 -10.66 -39.70
CA LEU B 448 -30.79 -10.46 -40.75
C LEU B 448 -30.24 -9.03 -40.70
N VAL B 449 -31.11 -8.05 -40.44
CA VAL B 449 -30.66 -6.68 -40.33
C VAL B 449 -29.62 -6.55 -39.22
N GLY B 450 -29.89 -7.17 -38.07
CA GLY B 450 -28.94 -7.11 -36.97
C GLY B 450 -27.61 -7.74 -37.34
N GLN B 451 -27.65 -8.88 -38.02
CA GLN B 451 -26.40 -9.52 -38.43
C GLN B 451 -25.62 -8.64 -39.38
N THR B 452 -26.30 -7.98 -40.32
CA THR B 452 -25.60 -7.08 -41.22
C THR B 452 -24.95 -5.94 -40.44
N ILE B 453 -25.67 -5.38 -39.48
CA ILE B 453 -25.13 -4.25 -38.72
C ILE B 453 -23.87 -4.68 -37.98
N ASP B 454 -23.90 -5.85 -37.33
CA ASP B 454 -22.73 -6.19 -36.53
C ASP B 454 -21.56 -6.63 -37.40
N ARG B 455 -21.83 -7.21 -38.58
CA ARG B 455 -20.73 -7.48 -39.50
C ARG B 455 -20.07 -6.21 -39.98
N LEU B 456 -20.88 -5.20 -40.34
CA LEU B 456 -20.30 -3.92 -40.73
C LEU B 456 -19.49 -3.33 -39.59
N SER B 457 -20.01 -3.43 -38.36
CA SER B 457 -19.28 -2.93 -37.21
C SER B 457 -17.94 -3.61 -37.05
N MET B 458 -17.92 -4.94 -37.20
CA MET B 458 -16.66 -5.66 -37.08
C MET B 458 -15.66 -5.16 -38.12
N PHE B 459 -16.09 -5.11 -39.39
CA PHE B 459 -15.16 -4.69 -40.43
C PHE B 459 -14.72 -3.25 -40.28
N ILE B 460 -15.49 -2.42 -39.59
CA ILE B 460 -15.07 -1.04 -39.40
C ILE B 460 -14.17 -0.86 -38.17
N ILE B 461 -14.36 -1.65 -37.13
CA ILE B 461 -13.67 -1.43 -35.86
C ILE B 461 -12.42 -2.30 -35.73
N THR B 462 -12.52 -3.61 -35.97
CA THR B 462 -11.37 -4.46 -35.69
C THR B 462 -10.12 -4.03 -36.46
N PRO B 463 -10.20 -3.61 -37.72
CA PRO B 463 -8.97 -3.10 -38.36
C PRO B 463 -8.38 -1.91 -37.64
N VAL B 464 -9.23 -1.00 -37.16
CA VAL B 464 -8.75 0.14 -36.41
C VAL B 464 -8.05 -0.32 -35.15
N MET B 465 -8.61 -1.32 -34.47
CA MET B 465 -7.99 -1.84 -33.26
C MET B 465 -6.59 -2.38 -33.55
N VAL B 466 -6.47 -3.25 -34.55
CA VAL B 466 -5.17 -3.86 -34.81
C VAL B 466 -4.17 -2.82 -35.30
N LEU B 467 -4.60 -1.93 -36.20
CA LEU B 467 -3.69 -0.90 -36.68
C LEU B 467 -3.23 0.01 -35.55
N GLY B 468 -4.14 0.41 -34.67
CA GLY B 468 -3.74 1.25 -33.56
C GLY B 468 -2.77 0.56 -32.63
N THR B 469 -3.03 -0.70 -32.31
CA THR B 469 -2.12 -1.43 -31.44
C THR B 469 -0.74 -1.52 -32.06
N ILE B 470 -0.67 -1.90 -33.34
CA ILE B 470 0.62 -2.06 -34.00
C ILE B 470 1.34 -0.72 -34.05
N PHE B 471 0.64 0.34 -34.43
CA PHE B 471 1.27 1.65 -34.50
C PHE B 471 1.82 2.07 -33.15
N ILE B 472 1.03 1.93 -32.09
CA ILE B 472 1.45 2.42 -30.79
C ILE B 472 2.65 1.63 -30.29
N PHE B 473 2.62 0.31 -30.42
CA PHE B 473 3.69 -0.51 -29.86
C PHE B 473 4.86 -0.69 -30.82
N VAL B 474 4.80 -0.11 -32.01
CA VAL B 474 5.97 0.02 -32.86
C VAL B 474 6.63 1.38 -32.72
N MET B 475 5.83 2.45 -32.57
CA MET B 475 6.40 3.76 -32.32
C MET B 475 7.20 3.76 -31.02
N GLY B 476 6.67 3.09 -29.99
CA GLY B 476 7.39 3.01 -28.73
C GLY B 476 8.67 2.20 -28.84
N ASN B 477 8.64 1.12 -29.63
CA ASN B 477 9.84 0.30 -29.78
C ASN B 477 10.90 0.98 -30.64
N PHE B 478 10.51 1.92 -31.49
CA PHE B 478 11.47 2.71 -32.26
C PHE B 478 11.84 4.00 -31.52
N ASN B 479 12.29 3.84 -30.28
CA ASN B 479 12.63 4.97 -29.41
C ASN B 479 13.95 4.62 -28.72
N HIS B 480 15.04 5.23 -29.18
CA HIS B 480 16.35 4.90 -28.68
C HIS B 480 17.03 6.13 -28.08
N PRO B 481 17.93 5.96 -27.11
CA PRO B 481 18.71 7.10 -26.64
C PRO B 481 19.56 7.65 -27.77
N PRO B 482 19.85 8.95 -27.73
CA PRO B 482 20.31 9.63 -28.96
C PRO B 482 21.74 9.32 -29.39
N ALA B 483 22.40 8.34 -28.78
CA ALA B 483 23.74 7.90 -29.15
C ALA B 483 24.82 8.93 -28.86
N LYS B 484 24.47 10.13 -28.46
CA LYS B 484 25.43 11.13 -28.04
C LYS B 484 24.74 12.09 -27.08
N PRO B 485 25.22 12.23 -25.84
CA PRO B 485 24.63 13.24 -24.95
C PRO B 485 25.03 14.63 -25.39
N PHE B 486 24.28 15.62 -24.91
CA PHE B 486 24.60 17.01 -25.22
C PHE B 486 24.53 17.27 -26.72
N GLU B 487 23.30 17.27 -27.24
CA GLU B 487 23.02 17.32 -28.66
C GLU B 487 24.02 18.16 -29.46
N GLY B 488 24.35 19.35 -28.97
CA GLY B 488 25.25 20.22 -29.69
C GLY B 488 26.72 19.87 -29.57
N ASP B 489 27.05 18.74 -28.93
CA ASP B 489 28.42 18.37 -28.64
C ASP B 489 28.81 17.13 -29.43
N PRO B 490 29.89 17.16 -30.23
CA PRO B 490 30.30 15.94 -30.95
C PRO B 490 31.05 14.95 -30.10
N PHE B 491 31.55 15.34 -28.93
CA PHE B 491 32.36 14.45 -28.12
C PHE B 491 31.53 13.29 -27.60
N ASP B 492 32.17 12.11 -27.53
CA ASP B 492 31.47 10.90 -27.13
C ASP B 492 31.39 10.73 -25.62
N TYR B 493 32.26 11.39 -24.86
CA TYR B 493 32.27 11.29 -23.40
C TYR B 493 32.34 9.82 -22.97
N SER B 494 33.17 9.04 -23.64
CA SER B 494 33.31 7.63 -23.37
C SER B 494 34.69 7.33 -22.81
N SER B 495 34.77 6.30 -21.97
CA SER B 495 36.02 5.98 -21.30
C SER B 495 37.10 5.58 -22.29
N ASP B 496 36.71 4.98 -23.42
CA ASP B 496 37.66 4.37 -24.34
C ASP B 496 38.37 5.38 -25.23
N HIS B 497 37.84 6.59 -25.39
CA HIS B 497 38.43 7.61 -26.24
C HIS B 497 38.48 8.92 -25.48
N PRO B 498 39.47 9.11 -24.62
CA PRO B 498 39.63 10.41 -23.94
C PRO B 498 39.77 11.55 -24.93
N ARG B 499 39.51 12.77 -24.47
CA ARG B 499 39.56 13.93 -25.36
C ARG B 499 40.99 14.22 -25.79
N SER C 1 47.53 29.73 6.04
CA SER C 1 47.80 31.18 5.92
C SER C 1 48.12 31.77 7.29
N VAL C 2 49.33 32.33 7.43
CA VAL C 2 49.74 32.89 8.71
C VAL C 2 48.84 34.05 9.10
N MET C 3 48.59 34.98 8.17
CA MET C 3 47.91 36.20 8.53
C MET C 3 46.42 35.98 8.80
N GLU C 4 45.76 35.11 8.06
CA GLU C 4 44.40 34.75 8.36
C GLU C 4 44.26 34.05 9.71
N ASP C 5 45.20 33.17 10.04
CA ASP C 5 45.17 32.55 11.36
C ASP C 5 45.38 33.58 12.46
N THR C 6 46.28 34.54 12.25
CA THR C 6 46.45 35.60 13.23
C THR C 6 45.18 36.40 13.40
N LEU C 7 44.52 36.75 12.30
CA LEU C 7 43.27 37.49 12.39
C LEU C 7 42.22 36.70 13.14
N LEU C 8 42.10 35.40 12.85
CA LEU C 8 41.13 34.57 13.55
C LEU C 8 41.43 34.53 15.04
N SER C 9 42.70 34.36 15.41
CA SER C 9 43.03 34.32 16.83
C SER C 9 42.72 35.64 17.51
N VAL C 10 42.87 36.75 16.81
CA VAL C 10 42.55 38.05 17.41
C VAL C 10 41.05 38.20 17.58
N LEU C 11 40.27 37.81 16.57
CA LEU C 11 38.83 38.05 16.62
C LEU C 11 38.16 37.26 17.73
N PHE C 12 38.53 35.99 17.88
CA PHE C 12 37.78 35.07 18.74
C PHE C 12 38.46 34.83 20.08
N GLU C 13 39.35 35.73 20.50
CA GLU C 13 40.00 35.55 21.79
C GLU C 13 38.99 35.60 22.93
N THR C 14 38.08 36.57 22.89
CA THR C 14 37.10 36.77 23.96
C THR C 14 35.68 36.81 23.42
N TYR C 15 35.46 36.27 22.24
CA TYR C 15 34.15 36.32 21.59
C TYR C 15 33.29 35.16 22.11
N ASN C 16 32.11 35.48 22.61
CA ASN C 16 31.20 34.48 23.12
C ASN C 16 30.04 34.29 22.16
N PRO C 17 29.92 33.15 21.48
CA PRO C 17 28.83 32.97 20.51
C PRO C 17 27.46 32.78 21.13
N LYS C 18 27.33 32.78 22.45
CA LYS C 18 26.03 32.66 23.08
C LYS C 18 25.40 34.01 23.39
N VAL C 19 26.10 35.11 23.12
CA VAL C 19 25.65 36.44 23.49
C VAL C 19 25.25 37.18 22.23
N ARG C 20 24.04 37.72 22.22
CA ARG C 20 23.57 38.49 21.08
C ARG C 20 24.39 39.77 20.94
N PRO C 21 24.80 40.14 19.73
CA PRO C 21 25.64 41.32 19.56
C PRO C 21 24.82 42.60 19.66
N ALA C 22 24.98 43.31 20.77
CA ALA C 22 24.33 44.59 20.97
C ALA C 22 25.36 45.52 21.61
N GLN C 23 25.88 46.47 20.83
CA GLN C 23 26.93 47.34 21.35
C GLN C 23 26.48 48.03 22.62
N THR C 24 25.27 48.57 22.63
CA THR C 24 24.71 49.24 23.79
C THR C 24 23.43 48.55 24.20
N VAL C 25 23.21 48.47 25.52
CA VAL C 25 22.01 47.82 26.02
C VAL C 25 20.79 48.48 25.41
N GLY C 26 19.85 47.67 24.95
CA GLY C 26 18.66 48.16 24.29
C GLY C 26 18.73 48.19 22.79
N ASP C 27 19.92 48.04 22.20
CA ASP C 27 20.03 47.98 20.75
C ASP C 27 19.42 46.70 20.23
N LYS C 28 18.82 46.80 19.04
CA LYS C 28 18.26 45.66 18.34
C LYS C 28 19.21 45.24 17.22
N VAL C 29 19.06 44.01 16.77
CA VAL C 29 19.88 43.45 15.70
C VAL C 29 18.98 43.25 14.49
N THR C 30 19.29 43.93 13.40
CA THR C 30 18.51 43.82 12.18
C THR C 30 18.93 42.56 11.42
N VAL C 31 17.99 41.66 11.21
CA VAL C 31 18.24 40.40 10.50
C VAL C 31 17.41 40.42 9.23
N ARG C 32 18.04 40.24 8.09
CA ARG C 32 17.36 40.18 6.80
C ARG C 32 17.13 38.72 6.43
N VAL C 33 15.90 38.37 6.11
CA VAL C 33 15.51 36.99 5.85
C VAL C 33 15.05 36.90 4.39
N GLY C 34 15.77 36.09 3.61
CA GLY C 34 15.36 35.78 2.26
C GLY C 34 15.28 34.28 2.08
N LEU C 35 14.69 33.87 0.96
CA LEU C 35 14.51 32.46 0.68
C LEU C 35 14.73 32.20 -0.80
N THR C 36 15.48 31.15 -1.11
CA THR C 36 15.68 30.69 -2.48
C THR C 36 15.17 29.26 -2.59
N LEU C 37 14.27 29.03 -3.54
CA LEU C 37 13.66 27.74 -3.73
C LEU C 37 14.39 27.02 -4.85
N THR C 38 14.98 25.87 -4.54
CA THR C 38 15.68 25.08 -5.54
C THR C 38 14.84 23.96 -6.11
N ASN C 39 13.89 23.43 -5.35
CA ASN C 39 13.05 22.36 -5.86
C ASN C 39 11.84 22.17 -4.96
N LEU C 40 10.65 22.23 -5.54
CA LEU C 40 9.40 22.00 -4.81
C LEU C 40 9.12 20.51 -4.90
N LEU C 41 9.67 19.76 -3.96
CA LEU C 41 9.74 18.31 -4.09
C LEU C 41 8.35 17.69 -4.14
N ILE C 42 7.61 17.79 -3.04
CA ILE C 42 6.36 17.06 -2.87
C ILE C 42 5.33 18.00 -2.27
N LEU C 43 4.06 17.68 -2.47
CA LEU C 43 2.96 18.30 -1.74
C LEU C 43 2.01 17.16 -1.40
N ASN C 44 2.22 16.56 -0.23
CA ASN C 44 1.45 15.40 0.20
C ASN C 44 0.10 15.89 0.71
N GLU C 45 -0.95 15.63 -0.06
CA GLU C 45 -2.27 16.08 0.33
C GLU C 45 -2.85 15.24 1.46
N LYS C 46 -2.48 13.97 1.55
CA LYS C 46 -3.03 13.12 2.60
C LYS C 46 -2.66 13.65 3.97
N ILE C 47 -1.39 14.01 4.16
CA ILE C 47 -0.92 14.51 5.45
C ILE C 47 -0.82 16.03 5.49
N GLU C 48 -1.20 16.71 4.42
CA GLU C 48 -1.16 18.17 4.37
C GLU C 48 0.23 18.67 4.74
N GLU C 49 1.20 18.33 3.88
CA GLU C 49 2.60 18.64 4.16
C GLU C 49 3.31 18.92 2.84
N MET C 50 4.02 20.02 2.79
CA MET C 50 4.77 20.42 1.60
C MET C 50 6.26 20.30 1.88
N THR C 51 6.97 19.59 1.00
CA THR C 51 8.39 19.38 1.13
C THR C 51 9.12 20.22 0.09
N THR C 52 10.06 21.05 0.54
CA THR C 52 10.79 21.94 -0.33
C THR C 52 12.28 21.89 -0.01
N ASN C 53 13.08 22.06 -1.05
CA ASN C 53 14.54 22.17 -0.92
C ASN C 53 14.89 23.63 -1.17
N VAL C 54 15.35 24.32 -0.13
CA VAL C 54 15.51 25.76 -0.18
C VAL C 54 16.85 26.17 0.42
N PHE C 55 17.29 27.37 0.04
CA PHE C 55 18.33 28.10 0.74
C PHE C 55 17.68 29.19 1.56
N LEU C 56 18.18 29.40 2.76
CA LEU C 56 17.65 30.41 3.66
C LEU C 56 18.67 31.55 3.71
N ASN C 57 18.39 32.61 2.97
CA ASN C 57 19.33 33.73 2.85
C ASN C 57 19.19 34.65 4.06
N LEU C 58 20.16 34.61 4.97
CA LEU C 58 20.16 35.45 6.16
C LEU C 58 21.33 36.41 6.11
N ALA C 59 21.24 37.49 6.89
CA ALA C 59 22.29 38.48 6.94
C ALA C 59 22.06 39.41 8.12
N TRP C 60 23.12 39.68 8.86
CA TRP C 60 23.04 40.58 10.01
C TRP C 60 24.40 41.24 10.19
N THR C 61 24.57 41.93 11.32
CA THR C 61 25.80 42.66 11.60
C THR C 61 26.26 42.33 13.02
N ASP C 62 27.53 42.00 13.17
CA ASP C 62 28.16 41.74 14.45
C ASP C 62 29.27 42.76 14.66
N TYR C 63 29.06 43.68 15.58
CA TYR C 63 30.08 44.71 15.81
C TYR C 63 31.38 44.11 16.34
N ARG C 64 31.34 42.89 16.88
CA ARG C 64 32.54 42.28 17.44
C ARG C 64 33.47 41.72 16.38
N LEU C 65 32.96 41.38 15.19
CA LEU C 65 33.78 40.84 14.13
C LEU C 65 34.17 41.96 13.16
N GLN C 66 34.95 42.90 13.66
CA GLN C 66 35.44 44.02 12.89
C GLN C 66 36.96 44.04 12.93
N TRP C 67 37.56 44.45 11.81
CA TRP C 67 39.00 44.59 11.75
C TRP C 67 39.36 45.52 10.62
N ASP C 68 40.60 46.01 10.65
CA ASP C 68 41.11 46.88 9.61
C ASP C 68 41.87 46.04 8.58
N PRO C 69 41.43 46.00 7.32
CA PRO C 69 42.15 45.17 6.34
C PRO C 69 43.60 45.53 6.19
N ALA C 70 43.96 46.81 6.34
CA ALA C 70 45.35 47.20 6.16
C ALA C 70 46.28 46.52 7.15
N ALA C 71 45.81 46.31 8.38
CA ALA C 71 46.65 45.71 9.41
C ALA C 71 46.88 44.22 9.20
N TYR C 72 46.18 43.59 8.27
CA TYR C 72 46.30 42.15 8.04
C TYR C 72 46.48 41.86 6.56
N GLU C 73 47.25 42.71 5.87
CA GLU C 73 47.59 42.49 4.47
C GLU C 73 46.34 42.40 3.59
N GLY C 74 45.37 43.26 3.88
CA GLY C 74 44.22 43.41 3.00
C GLY C 74 43.31 42.21 2.91
N ILE C 75 42.99 41.58 4.03
CA ILE C 75 42.02 40.49 4.07
C ILE C 75 40.64 41.13 4.23
N LYS C 76 39.88 41.16 3.14
CA LYS C 76 38.58 41.83 3.18
C LYS C 76 37.52 41.01 3.92
N ASP C 77 37.54 39.70 3.78
CA ASP C 77 36.47 38.88 4.34
C ASP C 77 37.01 37.50 4.68
N LEU C 78 36.24 36.78 5.49
CA LEU C 78 36.60 35.45 5.97
C LEU C 78 35.42 34.52 5.82
N ARG C 79 35.72 33.23 5.72
CA ARG C 79 34.72 32.18 5.77
C ARG C 79 34.94 31.44 7.09
N ILE C 80 33.99 31.58 8.01
CA ILE C 80 34.15 31.04 9.36
C ILE C 80 33.04 30.03 9.59
N PRO C 81 33.31 28.86 10.16
CA PRO C 81 32.23 27.90 10.41
C PRO C 81 31.13 28.51 11.26
N SER C 82 29.89 28.18 10.91
CA SER C 82 28.75 28.85 11.51
C SER C 82 28.62 28.58 12.99
N SER C 83 29.21 27.51 13.50
CA SER C 83 29.13 27.19 14.92
C SER C 83 29.98 28.10 15.77
N ASP C 84 30.83 28.92 15.17
CA ASP C 84 31.74 29.76 15.92
C ASP C 84 31.20 31.15 16.21
N VAL C 85 30.21 31.61 15.46
CA VAL C 85 29.67 32.95 15.62
C VAL C 85 28.24 32.85 16.11
N TRP C 86 27.75 33.96 16.63
CA TRP C 86 26.35 34.05 17.02
C TRP C 86 25.48 34.14 15.78
N GLN C 87 24.44 33.33 15.71
CA GLN C 87 23.44 33.51 14.69
C GLN C 87 22.06 33.53 15.33
N PRO C 88 21.11 34.25 14.73
CA PRO C 88 19.74 34.21 15.25
C PRO C 88 19.10 32.87 14.97
N ASP C 89 18.37 32.35 15.94
CA ASP C 89 17.82 31.01 15.83
C ASP C 89 16.60 31.03 14.90
N ILE C 90 16.84 31.42 13.66
CA ILE C 90 15.77 31.53 12.67
C ILE C 90 15.36 30.13 12.26
N VAL C 91 14.07 29.82 12.44
CA VAL C 91 13.55 28.49 12.18
C VAL C 91 12.22 28.60 11.46
N LEU C 92 11.79 27.47 10.90
CA LEU C 92 10.49 27.37 10.24
C LEU C 92 9.46 27.00 11.31
N MET C 93 8.58 27.95 11.63
CA MET C 93 7.67 27.75 12.75
C MET C 93 6.54 26.79 12.42
N ASN C 94 6.07 26.76 11.18
CA ASN C 94 4.93 25.93 10.80
C ASN C 94 5.37 24.63 10.16
N ASN C 95 6.47 24.06 10.63
CA ASN C 95 6.90 22.76 10.15
C ASN C 95 5.90 21.69 10.58
N ASN C 96 5.87 20.59 9.84
CA ASN C 96 4.97 19.49 10.17
C ASN C 96 5.62 18.51 11.14
N ASP C 97 6.81 18.02 10.82
CA ASP C 97 7.57 17.19 11.73
C ASP C 97 8.25 18.08 12.75
N GLY C 98 9.14 17.52 13.56
CA GLY C 98 9.77 18.30 14.58
C GLY C 98 10.96 19.11 14.16
N SER C 99 11.39 19.00 12.91
CA SER C 99 12.62 19.63 12.47
C SER C 99 12.42 21.13 12.35
N PHE C 100 12.94 21.89 13.32
CA PHE C 100 12.88 23.34 13.29
C PHE C 100 14.08 23.95 12.58
N GLU C 101 15.27 23.53 12.95
CA GLU C 101 16.51 24.16 12.49
C GLU C 101 16.79 23.76 11.05
N ILE C 102 17.90 24.26 10.54
CA ILE C 102 18.38 23.98 9.18
C ILE C 102 19.08 22.63 9.18
N THR C 103 19.33 22.12 7.97
CA THR C 103 20.00 20.83 7.82
C THR C 103 21.50 21.03 7.62
N LEU C 104 21.89 21.79 6.60
CA LEU C 104 23.28 21.94 6.20
C LEU C 104 23.87 23.20 6.83
N HIS C 105 24.95 23.02 7.58
CA HIS C 105 25.58 24.13 8.30
C HIS C 105 26.80 24.56 7.49
N VAL C 106 26.59 25.52 6.60
CA VAL C 106 27.67 26.04 5.77
C VAL C 106 28.38 27.16 6.52
N ASN C 107 29.55 27.56 6.04
CA ASN C 107 30.28 28.65 6.66
C ASN C 107 29.55 29.96 6.48
N VAL C 108 29.73 30.87 7.43
CA VAL C 108 29.26 32.24 7.29
C VAL C 108 30.33 33.05 6.59
N LEU C 109 29.93 34.17 6.00
CA LEU C 109 30.85 35.09 5.36
C LEU C 109 30.83 36.40 6.16
N VAL C 110 31.92 36.65 6.88
CA VAL C 110 32.07 37.84 7.70
C VAL C 110 32.94 38.82 6.94
N GLN C 111 32.44 40.03 6.74
CA GLN C 111 33.19 41.08 6.06
C GLN C 111 33.77 42.04 7.09
N HIS C 112 34.81 42.76 6.67
CA HIS C 112 35.59 43.53 7.63
C HIS C 112 34.76 44.58 8.33
N THR C 113 33.61 44.96 7.77
CA THR C 113 32.71 45.91 8.39
C THR C 113 31.84 45.28 9.46
N GLY C 114 31.90 43.97 9.63
CA GLY C 114 31.06 43.27 10.57
C GLY C 114 29.82 42.64 9.97
N ALA C 115 29.65 42.70 8.66
CA ALA C 115 28.46 42.17 8.01
C ALA C 115 28.59 40.66 7.86
N VAL C 116 27.66 39.91 8.43
CA VAL C 116 27.66 38.46 8.36
C VAL C 116 26.60 38.00 7.38
N SER C 117 27.00 37.13 6.46
CA SER C 117 26.08 36.53 5.49
C SER C 117 26.13 35.03 5.67
N TRP C 118 24.98 34.41 5.73
CA TRP C 118 24.87 32.97 5.97
C TRP C 118 23.72 32.44 5.15
N GLN C 119 23.99 31.47 4.29
CA GLN C 119 22.97 30.96 3.39
C GLN C 119 22.86 29.45 3.54
N PRO C 120 22.37 28.97 4.67
CA PRO C 120 22.25 27.53 4.87
C PRO C 120 21.26 26.91 3.90
N SER C 121 21.19 25.59 3.96
CA SER C 121 20.28 24.83 3.11
C SER C 121 19.51 23.85 3.98
N ALA C 122 18.32 23.49 3.54
CA ALA C 122 17.49 22.60 4.33
C ALA C 122 16.43 21.95 3.45
N ILE C 123 15.94 20.81 3.90
CA ILE C 123 14.78 20.15 3.33
C ILE C 123 13.68 20.29 4.37
N TYR C 124 12.70 21.15 4.11
CA TYR C 124 11.68 21.49 5.09
C TYR C 124 10.38 20.78 4.77
N ARG C 125 9.73 20.28 5.81
CA ARG C 125 8.36 19.76 5.71
C ARG C 125 7.46 20.77 6.42
N SER C 126 6.77 21.61 5.66
CA SER C 126 5.93 22.65 6.22
C SER C 126 4.47 22.26 6.09
N SER C 127 3.71 22.40 7.18
CA SER C 127 2.30 22.07 7.15
C SER C 127 1.53 23.10 6.33
N CYS C 128 0.71 22.63 5.41
CA CYS C 128 -0.04 23.49 4.51
C CYS C 128 -1.51 23.08 4.53
N THR C 129 -2.37 23.97 5.00
CA THR C 129 -3.81 23.72 4.93
C THR C 129 -4.23 23.65 3.46
N ILE C 130 -5.00 22.62 3.13
CA ILE C 130 -5.36 22.31 1.75
C ILE C 130 -6.86 22.48 1.59
N LYS C 131 -7.26 23.26 0.63
CA LYS C 131 -8.67 23.42 0.26
C LYS C 131 -8.99 22.43 -0.85
N VAL C 132 -9.95 21.54 -0.58
CA VAL C 132 -10.23 20.44 -1.48
C VAL C 132 -11.46 20.69 -2.33
N MET C 133 -12.06 21.88 -2.25
CA MET C 133 -13.34 22.11 -2.92
C MET C 133 -13.27 21.73 -4.38
N TYR C 134 -12.16 22.04 -5.06
CA TYR C 134 -12.07 21.90 -6.50
C TYR C 134 -11.05 20.86 -6.93
N PHE C 135 -10.63 19.98 -6.03
CA PHE C 135 -9.68 18.94 -6.40
C PHE C 135 -10.27 18.11 -7.55
N PRO C 136 -9.49 17.81 -8.61
CA PRO C 136 -8.10 18.15 -8.86
C PRO C 136 -7.89 19.45 -9.62
N PHE C 137 -8.92 20.22 -9.87
CA PHE C 137 -8.75 21.50 -10.56
C PHE C 137 -8.57 22.63 -9.55
N ASP C 138 -7.62 22.46 -8.64
CA ASP C 138 -7.48 23.33 -7.49
C ASP C 138 -6.12 24.02 -7.51
N TRP C 139 -6.05 25.17 -6.87
CA TRP C 139 -4.81 25.89 -6.62
C TRP C 139 -4.63 26.00 -5.12
N GLN C 140 -3.43 25.71 -4.64
CA GLN C 140 -3.14 25.72 -3.22
C GLN C 140 -2.33 26.97 -2.86
N ASN C 141 -2.41 27.35 -1.60
CA ASN C 141 -1.78 28.56 -1.07
C ASN C 141 -0.99 28.13 0.16
N CYS C 142 0.24 27.67 -0.05
CA CYS C 142 1.06 27.10 1.01
C CYS C 142 2.11 28.12 1.45
N THR C 143 2.27 28.22 2.77
CA THR C 143 3.13 29.23 3.37
C THR C 143 4.26 28.58 4.15
N MET C 144 5.36 29.31 4.27
CA MET C 144 6.47 28.93 5.12
C MET C 144 6.79 30.12 6.02
N VAL C 145 6.60 29.95 7.31
CA VAL C 145 6.70 31.03 8.28
C VAL C 145 8.04 30.93 8.98
N PHE C 146 8.89 31.93 8.79
CA PHE C 146 10.21 31.96 9.40
C PHE C 146 10.27 33.07 10.43
N LYS C 147 10.80 32.77 11.61
CA LYS C 147 11.04 33.77 12.63
C LYS C 147 12.08 33.21 13.58
N SER C 148 12.62 34.08 14.41
CA SER C 148 13.58 33.66 15.42
C SER C 148 12.83 32.98 16.55
N TYR C 149 13.13 31.71 16.78
CA TYR C 149 12.47 30.98 17.84
C TYR C 149 12.75 31.62 19.19
N THR C 150 13.96 32.16 19.36
CA THR C 150 14.42 32.65 20.66
C THR C 150 14.11 34.13 20.85
N TYR C 151 14.65 34.98 19.98
CA TYR C 151 14.58 36.41 20.18
C TYR C 151 13.29 36.99 19.62
N ASP C 152 12.72 37.95 20.35
CA ASP C 152 11.49 38.62 19.97
C ASP C 152 11.80 40.01 19.43
N THR C 153 10.75 40.80 19.18
CA THR C 153 10.91 42.09 18.52
C THR C 153 11.69 43.09 19.35
N SER C 154 11.89 42.84 20.63
CA SER C 154 12.70 43.73 21.46
C SER C 154 14.18 43.41 21.36
N GLU C 155 14.56 42.39 20.59
CA GLU C 155 15.93 41.94 20.48
C GLU C 155 16.43 41.89 19.04
N VAL C 156 15.61 41.44 18.10
CA VAL C 156 16.00 41.36 16.70
C VAL C 156 14.86 41.91 15.85
N THR C 157 15.21 42.68 14.83
CA THR C 157 14.25 43.19 13.85
C THR C 157 14.44 42.44 12.55
N LEU C 158 13.36 41.82 12.07
CA LEU C 158 13.40 41.08 10.82
C LEU C 158 13.11 42.03 9.65
N GLN C 159 13.83 41.81 8.55
CA GLN C 159 13.68 42.63 7.36
C GLN C 159 13.70 41.72 6.15
N HIS C 160 13.61 42.32 4.97
CA HIS C 160 13.63 41.60 3.71
C HIS C 160 15.01 41.62 3.11
N ALA C 161 15.40 40.52 2.49
CA ALA C 161 16.72 40.42 1.90
C ALA C 161 16.88 41.42 0.76
N LEU C 162 18.09 41.94 0.61
CA LEU C 162 18.40 42.81 -0.51
C LEU C 162 18.71 41.99 -1.75
N ASP C 163 18.56 42.63 -2.90
CA ASP C 163 18.84 41.96 -4.17
C ASP C 163 20.34 41.75 -4.33
N ALA C 164 20.72 41.14 -5.45
CA ALA C 164 22.14 40.86 -5.68
C ALA C 164 22.95 42.15 -5.71
N LYS C 165 22.43 43.19 -6.36
CA LYS C 165 23.11 44.48 -6.37
C LYS C 165 23.12 45.13 -4.99
N GLY C 166 22.22 44.74 -4.10
CA GLY C 166 22.17 45.33 -2.78
C GLY C 166 21.53 46.70 -2.75
N GLU C 167 20.64 46.99 -3.69
CA GLU C 167 20.00 48.30 -3.79
C GLU C 167 18.60 48.30 -3.19
N ARG C 168 17.73 47.41 -3.67
CA ARG C 168 16.34 47.36 -3.25
C ARG C 168 16.08 46.04 -2.54
N GLU C 169 14.99 46.01 -1.76
CA GLU C 169 14.59 44.79 -1.09
C GLU C 169 13.89 43.85 -2.06
N VAL C 170 14.01 42.56 -1.79
CA VAL C 170 13.35 41.52 -2.56
C VAL C 170 12.18 41.02 -1.72
N LYS C 171 10.96 41.25 -2.20
CA LYS C 171 9.75 40.87 -1.49
C LYS C 171 9.15 39.59 -2.05
N GLU C 172 9.97 38.63 -2.46
CA GLU C 172 9.45 37.42 -3.05
C GLU C 172 10.50 36.32 -2.95
N ILE C 173 10.06 35.08 -3.08
CA ILE C 173 10.98 33.96 -3.14
C ILE C 173 11.83 34.10 -4.39
N VAL C 174 13.12 33.85 -4.25
CA VAL C 174 14.05 33.92 -5.37
C VAL C 174 14.15 32.54 -6.00
N ILE C 175 14.14 32.49 -7.32
CA ILE C 175 14.28 31.25 -8.06
C ILE C 175 15.44 31.43 -9.05
N ASN C 176 16.42 30.54 -8.97
CA ASN C 176 17.61 30.60 -9.81
C ASN C 176 17.40 29.64 -10.97
N LYS C 177 17.23 30.18 -12.17
CA LYS C 177 16.89 29.34 -13.32
C LYS C 177 17.90 28.23 -13.53
N ASP C 178 19.16 28.45 -13.16
CA ASP C 178 20.19 27.43 -13.33
C ASP C 178 20.15 26.35 -12.26
N ALA C 179 19.34 26.50 -11.22
CA ALA C 179 19.28 25.50 -10.15
C ALA C 179 17.86 25.19 -9.72
N PHE C 180 16.87 25.45 -10.56
CA PHE C 180 15.47 25.19 -10.25
C PHE C 180 14.97 24.01 -11.07
N THR C 181 14.21 23.13 -10.43
CA THR C 181 13.63 21.96 -11.07
C THR C 181 12.11 22.09 -11.07
N GLU C 182 11.52 22.25 -12.25
CA GLU C 182 10.08 22.35 -12.34
C GLU C 182 9.43 21.08 -11.79
N ASN C 183 8.40 21.27 -10.97
CA ASN C 183 7.81 20.13 -10.25
C ASN C 183 7.19 19.14 -11.23
N GLY C 184 6.43 19.63 -12.19
CA GLY C 184 5.78 18.79 -13.17
C GLY C 184 4.34 18.47 -12.86
N GLN C 185 3.93 18.59 -11.60
CA GLN C 185 2.53 18.52 -11.22
C GLN C 185 1.97 19.84 -10.75
N TRP C 186 2.81 20.77 -10.32
CA TRP C 186 2.38 22.09 -9.86
C TRP C 186 3.16 23.15 -10.62
N SER C 187 2.48 24.24 -10.95
CA SER C 187 3.12 25.41 -11.54
C SER C 187 3.02 26.55 -10.56
N ILE C 188 4.14 27.22 -10.32
CA ILE C 188 4.18 28.32 -9.37
C ILE C 188 3.64 29.58 -10.05
N GLU C 189 2.56 30.13 -9.50
CA GLU C 189 1.91 31.32 -10.04
C GLU C 189 2.38 32.59 -9.36
N HIS C 190 2.30 32.66 -8.03
CA HIS C 190 2.79 33.79 -7.27
C HIS C 190 3.68 33.27 -6.15
N LYS C 191 4.56 34.14 -5.67
CA LYS C 191 5.49 33.76 -4.62
C LYS C 191 5.90 34.98 -3.81
N PRO C 192 4.97 35.69 -3.19
CA PRO C 192 5.33 36.88 -2.44
C PRO C 192 5.83 36.55 -1.04
N SER C 193 6.51 37.53 -0.45
CA SER C 193 6.98 37.45 0.93
C SER C 193 6.48 38.67 1.67
N ARG C 194 6.12 38.51 2.93
CA ARG C 194 5.49 39.58 3.67
C ARG C 194 5.79 39.43 5.15
N LYS C 195 6.04 40.55 5.81
CA LYS C 195 6.18 40.57 7.26
C LYS C 195 4.80 40.59 7.91
N ASN C 196 4.66 39.87 9.02
CA ASN C 196 3.39 39.75 9.71
C ASN C 196 3.54 40.07 11.18
N TRP C 197 2.56 40.76 11.74
CA TRP C 197 2.49 41.04 13.16
C TRP C 197 1.17 40.52 13.70
N ARG C 198 1.14 40.31 15.02
CA ARG C 198 -0.10 39.99 15.74
C ARG C 198 -0.50 41.20 16.57
N SER C 199 -1.77 41.58 16.47
CA SER C 199 -2.24 42.76 17.19
C SER C 199 -2.14 42.56 18.70
N ASP C 200 -2.51 41.37 19.19
CA ASP C 200 -2.56 41.12 20.62
C ASP C 200 -1.20 40.82 21.23
N ASP C 201 -0.17 40.56 20.41
CA ASP C 201 1.16 40.18 20.89
C ASP C 201 2.18 41.15 20.29
N PRO C 202 2.50 42.24 20.98
CA PRO C 202 3.47 43.19 20.41
C PRO C 202 4.85 42.60 20.20
N SER C 203 5.15 41.46 20.82
CA SER C 203 6.47 40.86 20.75
C SER C 203 6.59 39.82 19.65
N TYR C 204 5.69 39.80 18.69
CA TYR C 204 5.69 38.82 17.62
C TYR C 204 5.95 39.49 16.29
N GLU C 205 6.71 38.81 15.44
CA GLU C 205 7.01 39.26 14.10
C GLU C 205 7.66 38.11 13.35
N ASP C 206 7.26 37.90 12.10
CA ASP C 206 7.85 36.85 11.29
C ASP C 206 7.82 37.27 9.84
N VAL C 207 8.62 36.61 9.04
CA VAL C 207 8.62 36.79 7.59
C VAL C 207 8.06 35.52 6.99
N THR C 208 6.97 35.66 6.23
CA THR C 208 6.27 34.52 5.66
C THR C 208 6.42 34.55 4.15
N PHE C 209 6.72 33.40 3.56
CA PHE C 209 6.83 33.23 2.12
C PHE C 209 5.66 32.41 1.63
N TYR C 210 4.94 32.92 0.64
CA TYR C 210 3.75 32.27 0.12
C TYR C 210 4.06 31.64 -1.24
N LEU C 211 3.38 30.55 -1.53
CA LEU C 211 3.55 29.83 -2.79
C LEU C 211 2.15 29.52 -3.33
N ILE C 212 1.67 30.34 -4.25
CA ILE C 212 0.40 30.07 -4.92
C ILE C 212 0.70 29.15 -6.09
N ILE C 213 0.26 27.90 -5.98
CA ILE C 213 0.60 26.86 -6.95
C ILE C 213 -0.69 26.28 -7.50
N GLN C 214 -0.72 26.06 -8.81
CA GLN C 214 -1.87 25.51 -9.50
C GLN C 214 -1.56 24.11 -9.99
N ARG C 215 -2.42 23.15 -9.66
CA ARG C 215 -2.21 21.78 -10.09
C ARG C 215 -2.47 21.64 -11.58
N LYS C 216 -1.68 20.78 -12.21
CA LYS C 216 -1.91 20.41 -13.60
C LYS C 216 -2.69 19.11 -13.61
N PRO C 217 -3.97 19.11 -13.95
CA PRO C 217 -4.85 17.97 -13.67
C PRO C 217 -4.90 16.90 -14.74
N LEU C 218 -4.00 16.91 -15.73
CA LEU C 218 -4.07 15.94 -16.81
C LEU C 218 -4.10 14.52 -16.28
N PHE C 219 -3.27 14.21 -15.29
CA PHE C 219 -3.22 12.86 -14.75
C PHE C 219 -4.59 12.41 -14.26
N TYR C 220 -5.23 13.23 -13.42
CA TYR C 220 -6.50 12.83 -12.85
C TYR C 220 -7.58 12.75 -13.92
N ILE C 221 -7.58 13.69 -14.87
CA ILE C 221 -8.50 13.58 -15.99
C ILE C 221 -8.36 12.20 -16.63
N VAL C 222 -7.18 11.91 -17.16
CA VAL C 222 -6.98 10.71 -17.95
C VAL C 222 -7.32 9.46 -17.16
N TYR C 223 -6.89 9.40 -15.89
CA TYR C 223 -6.99 8.15 -15.15
C TYR C 223 -8.24 8.03 -14.28
N THR C 224 -9.07 9.06 -14.16
CA THR C 224 -10.28 8.91 -13.38
C THR C 224 -11.54 9.43 -14.05
N ILE C 225 -11.46 10.53 -14.80
CA ILE C 225 -12.67 11.20 -15.26
C ILE C 225 -13.21 10.57 -16.53
N ILE C 226 -12.34 10.37 -17.53
CA ILE C 226 -12.79 9.76 -18.78
C ILE C 226 -13.36 8.37 -18.55
N PRO C 227 -12.71 7.48 -17.80
CA PRO C 227 -13.34 6.18 -17.54
C PRO C 227 -14.74 6.29 -16.95
N CYS C 228 -14.95 7.25 -16.06
CA CYS C 228 -16.29 7.43 -15.50
C CYS C 228 -17.26 7.97 -16.54
N ILE C 229 -16.77 8.77 -17.49
CA ILE C 229 -17.64 9.21 -18.57
C ILE C 229 -18.09 8.01 -19.42
N LEU C 230 -17.16 7.10 -19.71
CA LEU C 230 -17.54 5.91 -20.45
C LEU C 230 -18.53 5.05 -19.66
N ILE C 231 -18.31 4.92 -18.36
CA ILE C 231 -19.24 4.16 -17.53
C ILE C 231 -20.62 4.80 -17.55
N SER C 232 -20.68 6.13 -17.50
CA SER C 232 -21.97 6.80 -17.56
C SER C 232 -22.63 6.58 -18.91
N ILE C 233 -21.85 6.55 -19.98
CA ILE C 233 -22.41 6.23 -21.29
C ILE C 233 -23.06 4.87 -21.27
N LEU C 234 -22.39 3.88 -20.67
CA LEU C 234 -23.00 2.56 -20.55
C LEU C 234 -24.29 2.61 -19.73
N ALA C 235 -24.28 3.36 -18.64
CA ALA C 235 -25.46 3.45 -17.80
C ALA C 235 -26.63 4.03 -18.59
N ILE C 236 -26.38 5.04 -19.42
CA ILE C 236 -27.44 5.56 -20.28
C ILE C 236 -27.85 4.51 -21.30
N LEU C 237 -26.90 3.75 -21.83
CA LEU C 237 -27.20 2.75 -22.85
C LEU C 237 -28.19 1.72 -22.34
N VAL C 238 -28.09 1.36 -21.06
CA VAL C 238 -28.89 0.26 -20.52
C VAL C 238 -30.37 0.41 -20.90
N PHE C 239 -30.82 1.63 -21.14
CA PHE C 239 -32.22 1.88 -21.42
C PHE C 239 -32.58 1.71 -22.89
N TYR C 240 -31.61 1.48 -23.76
CA TYR C 240 -31.90 1.19 -25.15
C TYR C 240 -31.97 -0.31 -25.42
N LEU C 241 -31.42 -1.12 -24.53
CA LEU C 241 -31.48 -2.56 -24.71
C LEU C 241 -32.92 -3.04 -24.64
N PRO C 242 -33.26 -4.11 -25.35
CA PRO C 242 -34.58 -4.69 -25.21
C PRO C 242 -34.63 -5.62 -24.01
N PRO C 243 -35.74 -5.66 -23.27
CA PRO C 243 -35.80 -6.54 -22.10
C PRO C 243 -35.64 -8.01 -22.45
N ASP C 244 -35.86 -8.40 -23.71
CA ASP C 244 -35.71 -9.80 -24.09
C ASP C 244 -34.26 -10.24 -24.15
N ALA C 245 -33.32 -9.29 -24.24
CA ALA C 245 -31.92 -9.68 -24.38
C ALA C 245 -31.41 -10.42 -23.15
N GLY C 246 -31.93 -10.09 -21.98
CA GLY C 246 -31.48 -10.73 -20.76
C GLY C 246 -30.14 -10.24 -20.27
N GLU C 247 -29.72 -9.03 -20.65
CA GLU C 247 -28.44 -8.49 -20.23
C GLU C 247 -28.58 -7.09 -19.65
N LYS C 248 -29.77 -6.71 -19.22
CA LYS C 248 -29.96 -5.37 -18.66
C LYS C 248 -29.30 -5.25 -17.29
N MET C 249 -29.54 -6.22 -16.41
CA MET C 249 -28.93 -6.17 -15.09
C MET C 249 -27.41 -6.29 -15.19
N SER C 250 -26.91 -7.14 -16.07
CA SER C 250 -25.46 -7.24 -16.22
C SER C 250 -24.87 -5.87 -16.47
N LEU C 251 -25.41 -5.14 -17.46
CA LEU C 251 -24.84 -3.86 -17.85
C LEU C 251 -24.95 -2.85 -16.71
N SER C 252 -26.15 -2.70 -16.14
CA SER C 252 -26.35 -1.68 -15.12
C SER C 252 -25.51 -1.96 -13.88
N ILE C 253 -25.51 -3.22 -13.42
CA ILE C 253 -24.75 -3.58 -12.22
C ILE C 253 -23.27 -3.40 -12.47
N SER C 254 -22.79 -3.75 -13.67
CA SER C 254 -21.39 -3.57 -13.99
C SER C 254 -21.00 -2.11 -13.91
N ALA C 255 -21.82 -1.23 -14.49
CA ALA C 255 -21.51 0.20 -14.41
C ALA C 255 -21.47 0.67 -12.97
N LEU C 256 -22.44 0.23 -12.16
CA LEU C 256 -22.48 0.66 -10.76
C LEU C 256 -21.22 0.22 -10.02
N LEU C 257 -20.84 -1.04 -10.19
CA LEU C 257 -19.67 -1.55 -9.49
C LEU C 257 -18.40 -0.84 -9.97
N ALA C 258 -18.29 -0.57 -11.26
CA ALA C 258 -17.11 0.13 -11.76
C ALA C 258 -16.99 1.52 -11.15
N VAL C 259 -18.08 2.27 -11.13
CA VAL C 259 -17.99 3.63 -10.60
C VAL C 259 -17.72 3.59 -9.09
N THR C 260 -18.29 2.61 -8.39
CA THR C 260 -18.00 2.49 -6.97
C THR C 260 -16.53 2.20 -6.73
N VAL C 261 -15.94 1.32 -7.55
CA VAL C 261 -14.52 1.02 -7.42
C VAL C 261 -13.69 2.27 -7.67
N PHE C 262 -14.07 3.06 -8.68
CA PHE C 262 -13.34 4.29 -8.94
C PHE C 262 -13.39 5.23 -7.75
N LEU C 263 -14.57 5.38 -7.14
CA LEU C 263 -14.68 6.22 -5.96
C LEU C 263 -13.81 5.70 -4.82
N LEU C 264 -13.83 4.40 -4.58
CA LEU C 264 -13.06 3.83 -3.49
C LEU C 264 -11.57 4.07 -3.70
N LEU C 265 -11.09 3.87 -4.93
CA LEU C 265 -9.66 4.09 -5.19
C LEU C 265 -9.30 5.56 -5.08
N LEU C 266 -10.17 6.45 -5.55
CA LEU C 266 -9.87 7.87 -5.48
C LEU C 266 -9.91 8.40 -4.06
N ALA C 267 -10.59 7.70 -3.15
CA ALA C 267 -10.63 8.15 -1.76
C ALA C 267 -9.24 8.15 -1.12
N ASP C 268 -8.26 7.50 -1.72
CA ASP C 268 -6.92 7.41 -1.15
C ASP C 268 -6.06 8.64 -1.44
N LYS C 269 -6.47 9.51 -2.37
CA LYS C 269 -5.63 10.62 -2.78
C LYS C 269 -6.10 11.99 -2.30
N VAL C 270 -7.26 12.06 -1.64
CA VAL C 270 -7.77 13.34 -1.16
C VAL C 270 -7.57 13.43 0.35
N PRO C 271 -7.41 14.62 0.92
CA PRO C 271 -7.28 14.73 2.37
C PRO C 271 -8.55 14.30 3.07
N GLU C 272 -8.39 13.79 4.28
CA GLU C 272 -9.54 13.37 5.08
C GLU C 272 -10.21 14.53 5.80
N THR C 273 -9.94 15.76 5.40
CA THR C 273 -10.62 16.89 6.00
C THR C 273 -12.10 16.86 5.61
N SER C 274 -12.91 17.54 6.42
CA SER C 274 -14.36 17.50 6.27
C SER C 274 -14.96 18.88 6.04
N LEU C 275 -14.16 19.85 5.62
CA LEU C 275 -14.68 21.19 5.40
C LEU C 275 -15.48 21.30 4.12
N SER C 276 -15.18 20.46 3.13
CA SER C 276 -15.92 20.49 1.86
C SER C 276 -15.70 19.17 1.14
N VAL C 277 -16.46 18.99 0.07
CA VAL C 277 -16.43 17.77 -0.73
C VAL C 277 -15.77 18.10 -2.07
N PRO C 278 -14.69 17.42 -2.47
CA PRO C 278 -14.04 17.76 -3.73
C PRO C 278 -14.96 17.55 -4.92
N ILE C 279 -14.71 18.33 -5.97
CA ILE C 279 -15.58 18.31 -7.15
C ILE C 279 -15.56 16.92 -7.79
N ILE C 280 -14.41 16.27 -7.79
CA ILE C 280 -14.31 14.94 -8.38
C ILE C 280 -15.19 13.96 -7.61
N ILE C 281 -15.18 14.04 -6.28
CA ILE C 281 -16.01 13.15 -5.48
C ILE C 281 -17.48 13.45 -5.69
N ARG C 282 -17.83 14.73 -5.84
CA ARG C 282 -19.22 15.07 -6.11
C ARG C 282 -19.68 14.48 -7.45
N TYR C 283 -18.83 14.59 -8.47
CA TYR C 283 -19.18 14.00 -9.76
C TYR C 283 -19.32 12.50 -9.67
N LEU C 284 -18.42 11.85 -8.94
CA LEU C 284 -18.49 10.40 -8.80
C LEU C 284 -19.74 9.97 -8.04
N MET C 285 -20.10 10.69 -6.97
CA MET C 285 -21.32 10.36 -6.24
C MET C 285 -22.55 10.59 -7.11
N PHE C 286 -22.55 11.66 -7.90
CA PHE C 286 -23.67 11.93 -8.79
C PHE C 286 -23.85 10.80 -9.79
N ILE C 287 -22.75 10.35 -10.39
CA ILE C 287 -22.82 9.25 -11.34
C ILE C 287 -23.24 7.96 -10.64
N MET C 288 -22.76 7.73 -9.43
CA MET C 288 -23.12 6.51 -8.71
C MET C 288 -24.61 6.48 -8.41
N ILE C 289 -25.17 7.59 -7.94
CA ILE C 289 -26.60 7.64 -7.66
C ILE C 289 -27.39 7.49 -8.95
N LEU C 290 -26.92 8.12 -10.03
CA LEU C 290 -27.61 7.98 -11.30
C LEU C 290 -27.63 6.54 -11.76
N VAL C 291 -26.52 5.83 -11.62
CA VAL C 291 -26.46 4.44 -12.05
C VAL C 291 -27.30 3.55 -11.15
N ALA C 292 -27.36 3.86 -9.84
CA ALA C 292 -28.23 3.08 -8.96
C ALA C 292 -29.69 3.25 -9.36
N PHE C 293 -30.11 4.48 -9.67
CA PHE C 293 -31.46 4.67 -10.15
C PHE C 293 -31.66 4.00 -11.50
N SER C 294 -30.60 3.92 -12.30
CA SER C 294 -30.68 3.16 -13.55
C SER C 294 -30.97 1.69 -13.28
N VAL C 295 -30.31 1.11 -12.28
CA VAL C 295 -30.58 -0.28 -11.92
C VAL C 295 -32.02 -0.43 -11.48
N ILE C 296 -32.50 0.47 -10.63
CA ILE C 296 -33.86 0.35 -10.10
C ILE C 296 -34.88 0.44 -11.24
N LEU C 297 -34.70 1.42 -12.12
CA LEU C 297 -35.66 1.60 -13.21
C LEU C 297 -35.58 0.46 -14.21
N SER C 298 -34.39 -0.11 -14.42
CA SER C 298 -34.30 -1.29 -15.27
C SER C 298 -35.05 -2.46 -14.67
N VAL C 299 -34.97 -2.63 -13.35
CA VAL C 299 -35.74 -3.68 -12.72
C VAL C 299 -37.23 -3.43 -12.90
N VAL C 300 -37.65 -2.18 -12.77
CA VAL C 300 -39.07 -1.85 -12.97
C VAL C 300 -39.49 -2.19 -14.40
N VAL C 301 -38.67 -1.82 -15.38
CA VAL C 301 -39.01 -2.09 -16.78
C VAL C 301 -39.10 -3.59 -17.02
N LEU C 302 -38.14 -4.35 -16.50
CA LEU C 302 -38.19 -5.80 -16.65
C LEU C 302 -39.45 -6.37 -16.02
N ASN C 303 -39.84 -5.85 -14.86
CA ASN C 303 -41.06 -6.33 -14.22
C ASN C 303 -42.27 -6.04 -15.09
N LEU C 304 -42.32 -4.85 -15.69
CA LEU C 304 -43.46 -4.52 -16.55
C LEU C 304 -43.50 -5.43 -17.77
N HIS C 305 -42.34 -5.69 -18.37
CA HIS C 305 -42.30 -6.42 -19.62
C HIS C 305 -42.70 -7.88 -19.48
N HIS C 306 -42.61 -8.45 -18.28
CA HIS C 306 -42.89 -9.86 -18.07
C HIS C 306 -44.21 -10.07 -17.35
N ARG C 307 -45.21 -9.25 -17.66
CA ARG C 307 -46.55 -9.40 -17.12
C ARG C 307 -47.48 -9.95 -18.18
N SER C 308 -48.49 -10.69 -17.73
CA SER C 308 -49.47 -11.30 -18.61
C SER C 308 -50.84 -11.24 -17.93
N PRO C 309 -51.92 -11.39 -18.71
CA PRO C 309 -53.25 -11.36 -18.09
C PRO C 309 -53.45 -12.42 -17.04
N ASN C 310 -52.72 -13.53 -17.11
CA ASN C 310 -52.85 -14.57 -16.10
C ASN C 310 -52.37 -14.11 -14.74
N THR C 311 -51.67 -13.00 -14.65
CA THR C 311 -51.08 -12.57 -13.39
C THR C 311 -51.47 -11.16 -13.00
N HIS C 312 -51.59 -10.24 -13.96
CA HIS C 312 -51.84 -8.84 -13.67
C HIS C 312 -52.97 -8.33 -14.55
N THR C 313 -53.66 -7.30 -14.06
CA THR C 313 -54.71 -6.62 -14.81
C THR C 313 -54.29 -5.17 -14.98
N MET C 314 -54.18 -4.72 -16.22
CA MET C 314 -53.65 -3.39 -16.48
C MET C 314 -54.62 -2.34 -15.96
N PRO C 315 -54.20 -1.46 -15.05
CA PRO C 315 -55.11 -0.41 -14.58
C PRO C 315 -55.31 0.65 -15.65
N ASN C 316 -56.38 1.42 -15.48
CA ASN C 316 -56.77 2.38 -16.50
C ASN C 316 -55.74 3.50 -16.63
N TRP C 317 -55.14 3.94 -15.53
CA TRP C 317 -54.22 5.07 -15.61
C TRP C 317 -52.94 4.70 -16.35
N ILE C 318 -52.46 3.46 -16.17
CA ILE C 318 -51.27 3.03 -16.90
C ILE C 318 -51.54 3.04 -18.40
N ARG C 319 -52.68 2.50 -18.81
CA ARG C 319 -53.02 2.51 -20.23
C ARG C 319 -53.17 3.93 -20.75
N GLN C 320 -53.80 4.80 -19.97
CA GLN C 320 -54.01 6.17 -20.41
C GLN C 320 -52.69 6.90 -20.62
N ILE C 321 -51.75 6.73 -19.69
CA ILE C 321 -50.50 7.49 -19.76
C ILE C 321 -49.55 6.89 -20.77
N PHE C 322 -49.38 5.57 -20.75
CA PHE C 322 -48.29 4.95 -21.50
C PHE C 322 -48.69 4.44 -22.87
N ILE C 323 -49.97 4.25 -23.14
CA ILE C 323 -50.40 3.69 -24.42
C ILE C 323 -50.84 4.81 -25.36
N GLU C 324 -51.28 5.93 -24.80
CA GLU C 324 -51.94 6.97 -25.59
C GLU C 324 -51.24 8.32 -25.57
N THR C 325 -50.76 8.77 -24.41
CA THR C 325 -50.26 10.13 -24.30
C THR C 325 -48.76 10.23 -24.60
N LEU C 326 -47.94 9.44 -23.92
CA LEU C 326 -46.50 9.57 -24.07
C LEU C 326 -46.01 9.21 -25.47
N PRO C 327 -46.44 8.11 -26.09
CA PRO C 327 -45.76 7.63 -27.29
C PRO C 327 -45.72 8.69 -28.38
N PRO C 328 -46.79 9.46 -28.58
CA PRO C 328 -46.69 10.56 -29.55
C PRO C 328 -45.57 11.54 -29.23
N PHE C 329 -45.36 11.84 -27.94
CA PHE C 329 -44.31 12.77 -27.57
C PHE C 329 -42.92 12.17 -27.71
N LEU C 330 -42.78 10.87 -27.48
CA LEU C 330 -41.48 10.22 -27.54
C LEU C 330 -41.15 9.68 -28.92
N TRP C 331 -42.00 9.92 -29.92
CA TRP C 331 -41.78 9.41 -31.27
C TRP C 331 -41.59 7.91 -31.28
N ILE C 332 -42.44 7.20 -30.54
CA ILE C 332 -42.34 5.75 -30.44
C ILE C 332 -43.69 5.12 -30.69
N GLN C 333 -44.52 5.76 -31.50
CA GLN C 333 -45.83 5.22 -31.85
C GLN C 333 -45.68 3.84 -32.47
N ARG C 334 -46.55 2.88 -32.04
CA ARG C 334 -46.48 1.57 -32.67
C ARG C 334 -47.36 1.55 -33.92
N PRO C 335 -47.08 0.65 -34.85
CA PRO C 335 -47.91 0.56 -36.06
C PRO C 335 -49.36 0.26 -35.72
N VAL C 336 -50.27 0.83 -36.50
CA VAL C 336 -51.69 0.63 -36.27
C VAL C 336 -52.10 -0.78 -36.71
N THR C 337 -53.11 -1.31 -36.04
CA THR C 337 -53.65 -2.62 -36.39
C THR C 337 -54.95 -2.50 -37.17
N PRO C 398 -73.41 -38.17 -38.95
CA PRO C 398 -72.46 -39.26 -38.65
C PRO C 398 -71.65 -38.98 -37.39
N GLN C 399 -71.47 -40.01 -36.56
CA GLN C 399 -70.81 -39.82 -35.28
C GLN C 399 -69.38 -39.31 -35.46
N ASP C 400 -68.60 -39.98 -36.31
CA ASP C 400 -67.19 -39.61 -36.46
C ASP C 400 -67.05 -38.23 -37.07
N LEU C 401 -67.86 -37.90 -38.07
CA LEU C 401 -67.78 -36.57 -38.67
C LEU C 401 -68.18 -35.49 -37.66
N LYS C 402 -69.20 -35.77 -36.85
CA LYS C 402 -69.57 -34.81 -35.81
C LYS C 402 -68.42 -34.61 -34.83
N GLU C 403 -67.75 -35.70 -34.45
CA GLU C 403 -66.61 -35.58 -33.55
C GLU C 403 -65.49 -34.76 -34.19
N ALA C 404 -65.25 -34.97 -35.48
CA ALA C 404 -64.20 -34.22 -36.16
C ALA C 404 -64.54 -32.74 -36.22
N VAL C 405 -65.79 -32.41 -36.51
CA VAL C 405 -66.21 -31.01 -36.50
C VAL C 405 -66.01 -30.42 -35.12
N GLU C 406 -66.36 -31.17 -34.07
CA GLU C 406 -66.15 -30.70 -32.71
C GLU C 406 -64.68 -30.42 -32.45
N ALA C 407 -63.81 -31.31 -32.91
CA ALA C 407 -62.37 -31.13 -32.72
C ALA C 407 -61.87 -29.88 -33.42
N ILE C 408 -62.28 -29.68 -34.67
CA ILE C 408 -61.84 -28.49 -35.40
C ILE C 408 -62.34 -27.24 -34.71
N LYS C 409 -63.58 -27.25 -34.24
CA LYS C 409 -64.10 -26.09 -33.54
C LYS C 409 -63.31 -25.81 -32.27
N TYR C 410 -62.94 -26.86 -31.54
CA TYR C 410 -62.14 -26.66 -30.34
C TYR C 410 -60.79 -26.04 -30.70
N ILE C 411 -60.16 -26.52 -31.76
CA ILE C 411 -58.88 -25.96 -32.17
C ILE C 411 -59.02 -24.49 -32.49
N ALA C 412 -60.08 -24.13 -33.21
CA ALA C 412 -60.30 -22.73 -33.56
C ALA C 412 -60.48 -21.87 -32.32
N GLU C 413 -61.28 -22.34 -31.36
CA GLU C 413 -61.48 -21.59 -30.14
C GLU C 413 -60.17 -21.42 -29.37
N GLN C 414 -59.38 -22.49 -29.31
CA GLN C 414 -58.08 -22.41 -28.64
C GLN C 414 -57.21 -21.33 -29.28
N LEU C 415 -57.14 -21.33 -30.61
CA LEU C 415 -56.31 -20.34 -31.29
C LEU C 415 -56.81 -18.93 -31.03
N GLU C 416 -58.13 -18.73 -31.02
CA GLU C 416 -58.67 -17.40 -30.78
C GLU C 416 -58.32 -16.91 -29.38
N SER C 417 -58.49 -17.78 -28.37
CA SER C 417 -58.13 -17.39 -27.02
C SER C 417 -56.66 -17.07 -26.91
N ALA C 418 -55.81 -17.87 -27.57
CA ALA C 418 -54.38 -17.60 -27.55
C ALA C 418 -54.07 -16.24 -28.16
N SER C 419 -54.75 -15.89 -29.26
CA SER C 419 -54.50 -14.60 -29.87
C SER C 419 -54.89 -13.45 -28.96
N GLU C 420 -56.04 -13.54 -28.29
CA GLU C 420 -56.41 -12.47 -27.37
C GLU C 420 -55.42 -12.34 -26.22
N PHE C 421 -55.01 -13.47 -25.65
CA PHE C 421 -54.04 -13.45 -24.56
C PHE C 421 -52.74 -12.80 -25.04
N ASP C 422 -52.30 -13.15 -26.25
CA ASP C 422 -51.08 -12.57 -26.78
C ASP C 422 -51.23 -11.07 -27.00
N ASP C 423 -52.41 -10.63 -27.43
CA ASP C 423 -52.60 -9.19 -27.61
C ASP C 423 -52.44 -8.45 -26.29
N LEU C 424 -53.02 -8.98 -25.21
CA LEU C 424 -52.86 -8.29 -23.92
C LEU C 424 -51.40 -8.32 -23.46
N LYS C 425 -50.72 -9.46 -23.64
CA LYS C 425 -49.30 -9.51 -23.30
C LYS C 425 -48.51 -8.47 -24.08
N LYS C 426 -48.83 -8.32 -25.36
CA LYS C 426 -48.14 -7.34 -26.19
C LYS C 426 -48.40 -5.92 -25.67
N ASP C 427 -49.61 -5.67 -25.17
CA ASP C 427 -49.89 -4.36 -24.60
C ASP C 427 -48.98 -4.10 -23.40
N TRP C 428 -48.82 -5.08 -22.52
CA TRP C 428 -47.91 -4.90 -21.39
C TRP C 428 -46.49 -4.63 -21.87
N GLN C 429 -46.03 -5.40 -22.86
CA GLN C 429 -44.67 -5.20 -23.36
C GLN C 429 -44.50 -3.81 -23.95
N TYR C 430 -45.54 -3.31 -24.63
CA TYR C 430 -45.46 -1.97 -25.18
C TYR C 430 -45.37 -0.92 -24.08
N VAL C 431 -46.13 -1.10 -23.00
CA VAL C 431 -46.00 -0.20 -21.86
C VAL C 431 -44.56 -0.18 -21.38
N ALA C 432 -43.95 -1.36 -21.26
CA ALA C 432 -42.57 -1.43 -20.79
C ALA C 432 -41.64 -0.70 -21.74
N MET C 433 -41.82 -0.88 -23.05
CA MET C 433 -40.95 -0.24 -24.02
C MET C 433 -41.08 1.28 -23.97
N VAL C 434 -42.30 1.78 -23.84
CA VAL C 434 -42.51 3.23 -23.77
C VAL C 434 -41.87 3.80 -22.51
N ALA C 435 -42.07 3.13 -21.38
CA ALA C 435 -41.46 3.61 -20.14
C ALA C 435 -39.95 3.63 -20.27
N ASP C 436 -39.38 2.60 -20.89
CA ASP C 436 -37.94 2.53 -21.04
C ASP C 436 -37.43 3.67 -21.92
N ARG C 437 -38.16 4.01 -22.97
CA ARG C 437 -37.75 5.13 -23.81
C ARG C 437 -37.81 6.45 -23.06
N LEU C 438 -38.87 6.67 -22.29
CA LEU C 438 -38.96 7.88 -21.47
C LEU C 438 -37.76 7.97 -20.54
N PHE C 439 -37.44 6.87 -19.87
CA PHE C 439 -36.31 6.85 -18.96
C PHE C 439 -35.00 7.13 -19.71
N LEU C 440 -34.86 6.59 -20.92
CA LEU C 440 -33.67 6.84 -21.70
C LEU C 440 -33.48 8.34 -21.91
N TYR C 441 -34.52 9.02 -22.39
CA TYR C 441 -34.36 10.44 -22.66
C TYR C 441 -34.08 11.22 -21.37
N VAL C 442 -34.82 10.93 -20.30
CA VAL C 442 -34.62 11.66 -19.06
C VAL C 442 -33.19 11.49 -18.56
N PHE C 443 -32.70 10.25 -18.56
CA PHE C 443 -31.36 10.00 -18.03
C PHE C 443 -30.29 10.61 -18.90
N PHE C 444 -30.47 10.57 -20.22
CA PHE C 444 -29.47 11.20 -21.09
C PHE C 444 -29.39 12.68 -20.78
N VAL C 445 -30.54 13.35 -20.69
CA VAL C 445 -30.52 14.79 -20.42
C VAL C 445 -29.86 15.07 -19.08
N ILE C 446 -30.26 14.33 -18.04
CA ILE C 446 -29.73 14.61 -16.71
C ILE C 446 -28.23 14.37 -16.67
N CYS C 447 -27.77 13.26 -17.24
CA CYS C 447 -26.34 12.95 -17.18
C CYS C 447 -25.53 13.99 -17.92
N SER C 448 -25.95 14.34 -19.14
CA SER C 448 -25.20 15.33 -19.90
C SER C 448 -25.15 16.67 -19.17
N ILE C 449 -26.31 17.14 -18.70
CA ILE C 449 -26.35 18.44 -18.04
C ILE C 449 -25.51 18.42 -16.78
N GLY C 450 -25.62 17.35 -15.97
CA GLY C 450 -24.87 17.31 -14.73
C GLY C 450 -23.37 17.29 -14.96
N THR C 451 -22.92 16.42 -15.87
CA THR C 451 -21.49 16.35 -16.15
C THR C 451 -20.98 17.69 -16.64
N PHE C 452 -21.67 18.28 -17.63
CA PHE C 452 -21.20 19.53 -18.19
C PHE C 452 -21.19 20.62 -17.13
N SER C 453 -22.22 20.71 -16.31
CA SER C 453 -22.28 21.75 -15.29
C SER C 453 -21.14 21.59 -14.29
N ILE C 454 -20.93 20.36 -13.81
CA ILE C 454 -19.92 20.15 -12.78
C ILE C 454 -18.54 20.53 -13.32
N PHE C 455 -18.22 20.07 -14.52
CA PHE C 455 -16.87 20.34 -15.03
C PHE C 455 -16.71 21.76 -15.52
N LEU C 456 -17.79 22.42 -15.96
CA LEU C 456 -17.71 23.83 -16.26
C LEU C 456 -17.43 24.64 -15.00
N ASP C 457 -18.12 24.31 -13.91
CA ASP C 457 -17.84 24.98 -12.65
C ASP C 457 -16.41 24.74 -12.21
N ALA C 458 -15.91 23.52 -12.39
CA ALA C 458 -14.52 23.23 -12.04
C ALA C 458 -13.55 24.05 -12.89
N SER C 459 -13.86 24.24 -14.17
CA SER C 459 -12.94 24.91 -15.08
C SER C 459 -12.79 26.39 -14.78
N HIS C 460 -13.77 27.02 -14.15
CA HIS C 460 -13.69 28.45 -13.84
C HIS C 460 -13.13 28.66 -12.43
N ASN C 461 -11.94 28.12 -12.21
CA ASN C 461 -11.28 28.23 -10.91
C ASN C 461 -9.79 28.45 -11.16
N VAL C 462 -9.36 29.70 -11.03
CA VAL C 462 -7.96 30.08 -11.24
C VAL C 462 -7.50 30.91 -10.06
N PRO C 463 -6.22 30.90 -9.72
CA PRO C 463 -5.76 31.71 -8.59
C PRO C 463 -5.91 33.18 -8.91
N PRO C 464 -6.19 34.01 -7.90
CA PRO C 464 -6.42 35.43 -8.19
C PRO C 464 -5.18 36.10 -8.75
N ASP C 465 -5.40 37.12 -9.56
CA ASP C 465 -4.29 37.88 -10.12
C ASP C 465 -3.49 38.60 -9.04
N ASN C 466 -4.10 38.84 -7.88
CA ASN C 466 -3.44 39.52 -6.77
C ASN C 466 -3.25 38.55 -5.63
N PRO C 467 -2.02 38.22 -5.24
CA PRO C 467 -1.84 37.22 -4.17
C PRO C 467 -2.40 37.63 -2.83
N PHE C 468 -2.67 38.91 -2.62
CA PHE C 468 -3.11 39.46 -1.34
C PHE C 468 -2.02 39.33 -0.26
N ALA C 469 -0.79 39.09 -0.66
CA ALA C 469 0.28 38.91 0.31
C ALA C 469 1.64 39.15 -0.33
N SER D 1 27.55 41.89 23.04
CA SER D 1 27.61 42.91 24.11
C SER D 1 28.75 42.60 25.08
N GLU D 2 29.48 43.65 25.47
CA GLU D 2 30.55 43.46 26.45
C GLU D 2 29.97 43.17 27.82
N HIS D 3 28.97 43.94 28.23
CA HIS D 3 28.35 43.74 29.54
C HIS D 3 27.72 42.36 29.63
N GLU D 4 26.98 41.96 28.61
CA GLU D 4 26.35 40.64 28.64
C GLU D 4 27.39 39.54 28.63
N THR D 5 28.49 39.72 27.89
CA THR D 5 29.54 38.72 27.87
C THR D 5 30.13 38.54 29.26
N ARG D 6 30.43 39.65 29.93
CA ARG D 6 30.95 39.57 31.30
C ARG D 6 29.94 38.90 32.22
N LEU D 7 28.67 39.26 32.08
CA LEU D 7 27.64 38.68 32.93
C LEU D 7 27.57 37.17 32.77
N VAL D 8 27.56 36.71 31.52
CA VAL D 8 27.46 35.26 31.28
C VAL D 8 28.70 34.55 31.78
N ALA D 9 29.87 35.18 31.63
CA ALA D 9 31.08 34.58 32.18
C ALA D 9 30.99 34.43 33.69
N ASN D 10 30.45 35.45 34.37
CA ASN D 10 30.37 35.39 35.83
C ASN D 10 29.29 34.41 36.30
N LEU D 11 28.21 34.26 35.55
CA LEU D 11 27.10 33.42 36.02
C LEU D 11 27.49 31.95 36.06
N LEU D 12 28.20 31.46 35.04
CA LEU D 12 28.44 30.04 34.87
C LEU D 12 29.84 29.63 35.33
N GLU D 13 30.60 30.53 35.97
CA GLU D 13 31.98 30.21 36.28
C GLU D 13 32.08 29.05 37.27
N ASN D 14 31.21 29.03 38.28
CA ASN D 14 31.21 27.98 39.29
C ASN D 14 29.79 27.48 39.52
N TYR D 15 29.10 27.18 38.42
CA TYR D 15 27.73 26.71 38.43
C TYR D 15 27.69 25.26 37.99
N ASN D 16 27.07 24.41 38.81
CA ASN D 16 26.96 22.99 38.55
C ASN D 16 25.53 22.68 38.12
N LYS D 17 25.38 22.14 36.91
CA LYS D 17 24.06 21.86 36.37
C LYS D 17 23.49 20.54 36.87
N VAL D 18 24.22 19.83 37.74
CA VAL D 18 23.74 18.57 38.28
C VAL D 18 23.00 18.75 39.59
N ILE D 19 22.94 19.97 40.12
CA ILE D 19 22.40 20.22 41.46
C ILE D 19 21.06 20.92 41.33
N ARG D 20 20.12 20.54 42.19
CA ARG D 20 18.83 21.19 42.19
C ARG D 20 18.99 22.67 42.56
N PRO D 21 18.20 23.56 41.98
CA PRO D 21 18.29 24.97 42.35
C PRO D 21 17.46 25.32 43.59
N VAL D 22 18.02 25.01 44.76
CA VAL D 22 17.35 25.29 46.03
C VAL D 22 18.39 25.80 47.01
N GLU D 23 17.99 26.76 47.85
CA GLU D 23 18.91 27.31 48.84
C GLU D 23 19.34 26.24 49.84
N HIS D 24 18.41 25.43 50.30
CA HIS D 24 18.67 24.37 51.24
C HIS D 24 18.05 23.07 50.73
N HIS D 25 18.73 21.95 50.98
CA HIS D 25 18.32 20.70 50.33
C HIS D 25 16.97 20.20 50.81
N THR D 26 16.42 20.78 51.87
CA THR D 26 15.12 20.37 52.38
C THR D 26 13.96 21.02 51.65
N HIS D 27 14.20 22.07 50.89
CA HIS D 27 13.13 22.75 50.16
C HIS D 27 12.82 21.99 48.87
N PHE D 28 11.87 22.53 48.11
CA PHE D 28 11.51 21.95 46.82
C PHE D 28 11.44 23.06 45.77
N VAL D 29 11.65 22.68 44.53
CA VAL D 29 11.61 23.61 43.41
C VAL D 29 10.18 23.68 42.90
N ASP D 30 9.60 24.86 42.96
CA ASP D 30 8.26 25.09 42.43
C ASP D 30 8.36 25.34 40.94
N ILE D 31 7.84 24.40 40.14
CA ILE D 31 7.88 24.49 38.69
C ILE D 31 6.46 24.67 38.20
N THR D 32 6.24 25.70 37.38
CA THR D 32 4.93 26.01 36.82
C THR D 32 4.90 25.48 35.40
N VAL D 33 4.21 24.37 35.18
CA VAL D 33 4.16 23.70 33.89
C VAL D 33 2.88 24.10 33.18
N GLY D 34 3.00 24.47 31.91
CA GLY D 34 1.84 24.81 31.13
C GLY D 34 1.97 24.32 29.70
N LEU D 35 0.97 23.60 29.22
CA LEU D 35 1.00 23.01 27.89
C LEU D 35 0.29 23.93 26.91
N GLN D 36 0.88 24.10 25.73
CA GLN D 36 0.35 24.94 24.67
C GLN D 36 0.22 24.08 23.43
N LEU D 37 -1.00 23.77 23.03
CA LEU D 37 -1.25 22.92 21.87
C LEU D 37 -1.21 23.77 20.61
N ILE D 38 -0.24 23.51 19.75
CA ILE D 38 -0.08 24.27 18.51
C ILE D 38 -0.89 23.66 17.38
N GLN D 39 -0.85 22.34 17.24
CA GLN D 39 -1.49 21.68 16.12
C GLN D 39 -1.76 20.24 16.48
N LEU D 40 -2.91 19.73 16.04
CA LEU D 40 -3.26 18.32 16.23
C LEU D 40 -2.91 17.61 14.93
N ILE D 41 -1.76 16.93 14.93
CA ILE D 41 -1.20 16.44 13.67
C ILE D 41 -2.07 15.31 13.11
N SER D 42 -2.41 14.34 13.95
CA SER D 42 -3.18 13.20 13.45
C SER D 42 -3.77 12.44 14.63
N VAL D 43 -4.72 11.59 14.32
CA VAL D 43 -5.28 10.62 15.26
C VAL D 43 -5.32 9.30 14.52
N ASP D 44 -4.35 8.42 14.79
CA ASP D 44 -4.26 7.12 14.13
C ASP D 44 -5.18 6.15 14.85
N GLU D 45 -6.40 6.00 14.34
CA GLU D 45 -7.38 5.15 15.02
C GLU D 45 -6.98 3.68 14.97
N VAL D 46 -6.32 3.26 13.88
CA VAL D 46 -5.91 1.86 13.79
C VAL D 46 -4.89 1.52 14.86
N ASN D 47 -3.87 2.36 15.03
CA ASN D 47 -2.82 2.12 16.01
C ASN D 47 -3.13 2.75 17.37
N GLN D 48 -4.15 3.59 17.46
CA GLN D 48 -4.53 4.21 18.72
C GLN D 48 -3.42 5.10 19.26
N ILE D 49 -2.93 5.99 18.41
CA ILE D 49 -1.87 6.93 18.74
C ILE D 49 -2.30 8.31 18.30
N VAL D 50 -2.13 9.30 19.15
CA VAL D 50 -2.51 10.68 18.86
C VAL D 50 -1.24 11.52 18.81
N GLU D 51 -0.96 12.11 17.65
CA GLU D 51 0.20 12.96 17.46
C GLU D 51 -0.23 14.42 17.64
N THR D 52 0.52 15.16 18.45
CA THR D 52 0.22 16.56 18.70
C THR D 52 1.49 17.38 18.62
N ASN D 53 1.31 18.66 18.32
CA ASN D 53 2.40 19.62 18.25
C ASN D 53 2.21 20.60 19.40
N VAL D 54 3.11 20.56 20.38
CA VAL D 54 2.94 21.32 21.62
C VAL D 54 4.21 22.09 21.92
N ARG D 55 4.05 23.09 22.79
CA ARG D 55 5.16 23.78 23.43
C ARG D 55 4.97 23.63 24.93
N LEU D 56 5.98 23.11 25.61
CA LEU D 56 5.86 22.75 27.02
C LEU D 56 6.46 23.87 27.86
N ARG D 57 5.66 24.88 28.14
CA ARG D 57 6.15 26.03 28.90
C ARG D 57 6.43 25.63 30.34
N GLN D 58 7.61 25.99 30.84
CA GLN D 58 7.99 25.69 32.21
C GLN D 58 8.68 26.91 32.82
N GLN D 59 8.42 27.15 34.10
CA GLN D 59 8.98 28.29 34.81
C GLN D 59 9.43 27.87 36.20
N TRP D 60 10.51 28.45 36.67
CA TRP D 60 11.01 28.17 38.01
C TRP D 60 12.06 29.22 38.36
N ILE D 61 12.51 29.19 39.61
CA ILE D 61 13.48 30.14 40.13
C ILE D 61 14.80 29.42 40.37
N ASP D 62 15.89 30.02 39.93
CA ASP D 62 17.23 29.55 40.21
C ASP D 62 18.01 30.69 40.86
N VAL D 63 18.17 30.64 42.18
CA VAL D 63 18.80 31.74 42.89
C VAL D 63 20.25 31.90 42.48
N ARG D 64 20.91 30.81 42.06
CA ARG D 64 22.32 30.91 41.67
C ARG D 64 22.52 31.74 40.42
N LEU D 65 21.48 32.06 39.68
CA LEU D 65 21.60 32.77 38.42
C LEU D 65 21.07 34.21 38.51
N ARG D 66 21.10 34.78 39.71
CA ARG D 66 20.64 36.15 39.92
C ARG D 66 21.82 37.11 39.81
N TRP D 67 21.52 38.35 39.44
CA TRP D 67 22.55 39.38 39.35
C TRP D 67 21.90 40.73 39.58
N ASN D 68 22.74 41.73 39.84
CA ASN D 68 22.27 43.09 40.06
C ASN D 68 22.38 43.88 38.76
N PRO D 69 21.27 44.35 38.18
CA PRO D 69 21.37 45.00 36.86
C PRO D 69 22.30 46.20 36.82
N ALA D 70 22.43 46.93 37.92
CA ALA D 70 23.25 48.14 37.91
C ALA D 70 24.71 47.84 37.63
N ASP D 71 25.16 46.62 37.89
CA ASP D 71 26.57 46.28 37.70
C ASP D 71 26.91 45.87 36.28
N TYR D 72 25.91 45.67 35.43
CA TYR D 72 26.11 45.18 34.07
C TYR D 72 25.39 46.07 33.07
N GLY D 73 25.38 47.37 33.30
CA GLY D 73 24.83 48.29 32.33
C GLY D 73 23.33 48.31 32.25
N GLY D 74 22.64 47.68 33.20
CA GLY D 74 21.19 47.69 33.18
C GLY D 74 20.54 46.53 32.47
N ILE D 75 21.29 45.46 32.18
CA ILE D 75 20.71 44.30 31.54
C ILE D 75 19.76 43.62 32.51
N LYS D 76 18.53 43.36 32.06
CA LYS D 76 17.52 42.72 32.89
C LYS D 76 17.05 41.38 32.35
N LYS D 77 17.51 40.95 31.18
CA LYS D 77 17.16 39.65 30.64
C LYS D 77 18.27 39.19 29.73
N ILE D 78 18.53 37.88 29.75
CA ILE D 78 19.46 37.26 28.82
C ILE D 78 18.85 35.95 28.35
N ARG D 79 19.48 35.34 27.37
CA ARG D 79 19.05 34.06 26.81
C ARG D 79 20.23 33.10 26.91
N LEU D 80 20.06 32.05 27.69
CA LEU D 80 21.11 31.06 27.88
C LEU D 80 20.73 29.75 27.21
N PRO D 81 21.68 28.99 26.69
CA PRO D 81 21.35 27.65 26.21
C PRO D 81 20.84 26.79 27.34
N SER D 82 19.77 26.05 27.07
CA SER D 82 19.19 25.22 28.11
C SER D 82 20.12 24.09 28.54
N ASP D 83 21.15 23.79 27.75
CA ASP D 83 22.12 22.77 28.12
C ASP D 83 23.12 23.28 29.16
N ASP D 84 22.98 24.51 29.63
CA ASP D 84 23.92 25.10 30.56
C ASP D 84 23.42 25.19 31.99
N VAL D 85 22.13 24.97 32.22
CA VAL D 85 21.54 25.15 33.53
C VAL D 85 20.72 23.91 33.89
N TRP D 86 20.36 23.82 35.17
CA TRP D 86 19.53 22.72 35.63
C TRP D 86 18.17 22.77 34.94
N LEU D 87 17.68 21.62 34.51
CA LEU D 87 16.37 21.52 33.90
C LEU D 87 15.59 20.40 34.55
N PRO D 88 14.27 20.54 34.63
CA PRO D 88 13.45 19.45 35.19
C PRO D 88 13.23 18.36 34.15
N ASP D 89 13.46 17.11 34.55
CA ASP D 89 13.26 15.97 33.68
C ASP D 89 11.77 15.63 33.66
N LEU D 90 11.03 16.40 32.87
CA LEU D 90 9.60 16.23 32.72
C LEU D 90 9.34 15.23 31.60
N VAL D 91 8.56 14.19 31.90
CA VAL D 91 8.42 13.03 31.03
C VAL D 91 6.96 12.77 30.75
N LEU D 92 6.65 12.34 29.53
CA LEU D 92 5.29 11.98 29.13
C LEU D 92 5.07 10.50 29.43
N TYR D 93 4.26 10.21 30.45
CA TYR D 93 4.16 8.85 30.93
C TYR D 93 3.58 7.93 29.87
N ASN D 94 2.55 8.36 29.16
CA ASN D 94 1.84 7.49 28.23
C ASN D 94 2.32 7.66 26.80
N ASN D 95 3.61 7.93 26.63
CA ASN D 95 4.21 7.93 25.31
C ASN D 95 4.00 6.59 24.64
N ALA D 96 3.78 6.61 23.33
CA ALA D 96 3.48 5.41 22.57
C ALA D 96 4.46 5.15 21.44
N ASP D 97 4.94 6.18 20.78
CA ASP D 97 5.79 6.00 19.61
C ASP D 97 6.95 7.00 19.52
N GLY D 98 6.94 8.07 20.30
CA GLY D 98 7.92 9.12 20.20
C GLY D 98 8.95 9.07 21.32
N ASP D 99 9.44 10.24 21.68
CA ASP D 99 10.41 10.38 22.75
C ASP D 99 9.70 10.68 24.07
N PHE D 100 10.28 10.21 25.16
CA PHE D 100 9.64 10.38 26.45
C PHE D 100 9.75 11.80 26.95
N ALA D 101 10.90 12.42 26.79
CA ALA D 101 11.19 13.75 27.33
C ALA D 101 11.47 14.72 26.19
N ILE D 102 11.88 15.92 26.56
CA ILE D 102 12.17 16.97 25.58
C ILE D 102 13.53 16.69 24.96
N VAL D 103 13.60 16.76 23.63
CA VAL D 103 14.84 16.51 22.90
C VAL D 103 15.38 17.75 22.21
N HIS D 104 14.55 18.75 21.94
CA HIS D 104 14.99 19.99 21.30
C HIS D 104 15.35 20.99 22.38
N MET D 105 16.63 21.07 22.71
CA MET D 105 17.10 21.95 23.78
C MET D 105 17.28 23.35 23.22
N THR D 106 16.22 24.14 23.26
CA THR D 106 16.27 25.52 22.85
C THR D 106 16.78 26.39 23.99
N LYS D 107 17.05 27.66 23.68
CA LYS D 107 17.49 28.59 24.71
C LYS D 107 16.33 28.94 25.63
N LEU D 108 16.67 29.44 26.82
CA LEU D 108 15.68 29.82 27.81
C LEU D 108 15.92 31.24 28.28
N LEU D 109 14.84 31.91 28.65
CA LEU D 109 14.89 33.28 29.13
C LEU D 109 15.12 33.30 30.63
N LEU D 110 15.88 34.28 31.09
CA LEU D 110 16.33 34.33 32.48
C LEU D 110 16.33 35.77 32.97
N ASP D 111 15.49 36.06 33.96
CA ASP D 111 15.43 37.39 34.55
C ASP D 111 16.58 37.59 35.53
N TYR D 112 16.79 38.85 35.91
CA TYR D 112 17.83 39.18 36.86
C TYR D 112 17.51 38.71 38.27
N THR D 113 16.28 38.31 38.54
CA THR D 113 15.90 37.76 39.82
C THR D 113 16.00 36.24 39.87
N GLY D 114 16.45 35.62 38.79
CA GLY D 114 16.56 34.18 38.71
C GLY D 114 15.40 33.51 38.00
N LYS D 115 14.28 34.20 37.83
CA LYS D 115 13.12 33.59 37.19
C LYS D 115 13.49 33.12 35.79
N ILE D 116 13.23 31.84 35.52
CA ILE D 116 13.56 31.22 34.24
C ILE D 116 12.25 30.87 33.54
N MET D 117 12.26 30.96 32.21
CA MET D 117 11.12 30.54 31.41
C MET D 117 11.63 29.79 30.20
N TRP D 118 11.25 28.53 30.09
CA TRP D 118 11.71 27.63 29.03
C TRP D 118 10.49 27.08 28.32
N THR D 119 10.45 27.24 26.99
CA THR D 119 9.29 26.85 26.20
C THR D 119 9.74 26.00 25.02
N PRO D 120 10.25 24.80 25.28
CA PRO D 120 10.74 23.99 24.18
C PRO D 120 9.60 23.39 23.39
N PRO D 121 9.83 23.04 22.13
CA PRO D 121 8.81 22.35 21.34
C PRO D 121 8.89 20.84 21.52
N ALA D 122 7.84 20.16 21.09
CA ALA D 122 7.82 18.71 21.18
C ALA D 122 6.71 18.16 20.29
N ILE D 123 6.91 16.95 19.81
CA ILE D 123 5.87 16.16 19.17
C ILE D 123 5.54 15.02 20.11
N PHE D 124 4.35 15.05 20.69
CA PHE D 124 3.91 14.03 21.64
C PHE D 124 3.06 13.02 20.88
N LYS D 125 3.59 11.82 20.70
CA LYS D 125 2.82 10.71 20.14
C LYS D 125 2.37 9.84 21.30
N SER D 126 1.25 10.22 21.90
CA SER D 126 0.74 9.55 23.09
C SER D 126 -0.26 8.47 22.70
N TYR D 127 -0.68 7.71 23.71
CA TYR D 127 -1.60 6.60 23.50
C TYR D 127 -3.03 7.05 23.74
N CYS D 128 -3.92 6.70 22.82
CA CYS D 128 -5.31 7.10 22.85
C CYS D 128 -6.20 5.86 22.82
N GLU D 129 -6.97 5.64 23.88
CA GLU D 129 -7.95 4.56 23.87
C GLU D 129 -9.10 4.93 22.96
N ILE D 130 -9.07 4.44 21.72
CA ILE D 130 -10.07 4.83 20.74
C ILE D 130 -11.30 3.96 20.92
N ILE D 131 -12.47 4.60 21.02
CA ILE D 131 -13.73 3.92 21.28
C ILE D 131 -14.59 4.09 20.03
N VAL D 132 -14.55 3.10 19.15
CA VAL D 132 -15.30 3.14 17.90
C VAL D 132 -16.63 2.43 18.17
N THR D 133 -17.62 3.20 18.61
CA THR D 133 -18.99 2.74 18.69
C THR D 133 -19.97 3.67 18.02
N HIS D 134 -19.61 4.93 17.79
CA HIS D 134 -20.41 5.86 17.01
C HIS D 134 -19.67 6.35 15.77
N PHE D 135 -18.66 5.62 15.33
CA PHE D 135 -17.92 6.01 14.15
C PHE D 135 -18.86 6.07 12.96
N PRO D 136 -18.77 7.11 12.12
CA PRO D 136 -17.85 8.24 12.12
C PRO D 136 -18.33 9.44 12.92
N PHE D 137 -19.37 9.29 13.74
CA PHE D 137 -19.88 10.37 14.58
C PHE D 137 -19.38 10.26 16.00
N ASP D 138 -18.14 9.80 16.18
CA ASP D 138 -17.63 9.46 17.50
C ASP D 138 -16.97 10.65 18.17
N GLN D 139 -16.84 10.53 19.50
CA GLN D 139 -16.16 11.50 20.33
C GLN D 139 -15.03 10.78 21.05
N GLN D 140 -13.83 11.34 20.98
CA GLN D 140 -12.65 10.71 21.58
C GLN D 140 -12.14 11.57 22.71
N ASN D 141 -11.82 10.93 23.84
CA ASN D 141 -11.26 11.61 25.01
C ASN D 141 -9.97 10.89 25.36
N CYS D 142 -8.83 11.48 25.01
CA CYS D 142 -7.56 10.90 25.40
C CYS D 142 -6.54 12.00 25.70
N THR D 143 -5.61 11.66 26.57
CA THR D 143 -4.94 12.58 27.46
C THR D 143 -3.44 12.63 27.18
N MET D 144 -2.75 13.41 28.00
CA MET D 144 -1.29 13.45 28.00
C MET D 144 -0.87 13.61 29.46
N LYS D 145 -0.22 12.57 30.00
CA LYS D 145 0.17 12.55 31.40
C LYS D 145 1.63 12.95 31.52
N LEU D 146 1.90 14.01 32.27
CA LEU D 146 3.24 14.54 32.44
C LEU D 146 3.62 14.55 33.91
N GLY D 147 4.91 14.37 34.18
CA GLY D 147 5.40 14.43 35.54
C GLY D 147 6.91 14.37 35.57
N ILE D 148 7.47 14.72 36.72
CA ILE D 148 8.91 14.65 36.93
C ILE D 148 9.29 13.22 37.23
N TRP D 149 10.20 12.67 36.43
CA TRP D 149 10.44 11.23 36.46
C TRP D 149 11.13 10.80 37.74
N THR D 150 12.20 11.49 38.14
CA THR D 150 13.10 10.99 39.16
C THR D 150 13.03 11.73 40.49
N TYR D 151 12.17 12.73 40.62
CA TYR D 151 12.02 13.47 41.87
C TYR D 151 10.60 13.31 42.38
N ASP D 152 10.46 13.23 43.69
CA ASP D 152 9.15 13.13 44.32
C ASP D 152 8.64 14.52 44.66
N GLY D 153 7.40 14.59 45.16
CA GLY D 153 6.78 15.88 45.41
C GLY D 153 7.49 16.72 46.45
N THR D 154 8.37 16.12 47.25
CA THR D 154 9.07 16.84 48.29
C THR D 154 10.38 17.46 47.80
N LYS D 155 10.76 17.22 46.55
CA LYS D 155 11.97 17.78 45.98
C LYS D 155 11.68 18.69 44.79
N VAL D 156 10.85 18.26 43.86
CA VAL D 156 10.45 19.07 42.72
C VAL D 156 8.94 19.02 42.63
N SER D 157 8.30 20.18 42.75
CA SER D 157 6.85 20.29 42.71
C SER D 157 6.45 20.92 41.38
N ILE D 158 5.47 20.31 40.71
CA ILE D 158 4.95 20.83 39.46
C ILE D 158 3.50 21.25 39.70
N SER D 159 3.13 22.42 39.15
CA SER D 159 1.78 22.92 39.23
C SER D 159 1.39 23.45 37.86
N PRO D 160 0.12 23.34 37.48
CA PRO D 160 -0.28 23.85 36.17
C PRO D 160 -0.41 25.36 36.15
N GLU D 161 -0.13 25.94 34.98
CA GLU D 161 -0.31 27.38 34.80
C GLU D 161 -1.76 27.77 35.02
N SER D 162 -2.69 27.00 34.46
CA SER D 162 -4.10 27.34 34.51
C SER D 162 -4.90 26.05 34.41
N ASP D 163 -6.20 26.16 34.68
CA ASP D 163 -7.06 24.99 34.67
C ASP D 163 -7.12 24.33 33.30
N ARG D 164 -6.86 25.08 32.23
CA ARG D 164 -6.98 24.58 30.88
C ARG D 164 -5.68 24.82 30.11
N PRO D 165 -5.34 23.94 29.18
CA PRO D 165 -4.19 24.21 28.31
C PRO D 165 -4.46 25.39 27.39
N ASP D 166 -3.38 25.94 26.87
CA ASP D 166 -3.43 27.15 26.07
C ASP D 166 -3.67 26.80 24.61
N LEU D 167 -4.79 27.27 24.05
CA LEU D 167 -5.12 27.07 22.64
C LEU D 167 -5.32 28.40 21.92
N SER D 168 -4.65 29.47 22.37
CA SER D 168 -4.79 30.75 21.71
C SER D 168 -4.29 30.70 20.28
N THR D 169 -3.17 30.02 20.04
CA THR D 169 -2.57 29.89 18.72
C THR D 169 -2.80 28.52 18.12
N PHE D 170 -3.88 27.84 18.53
CA PHE D 170 -4.17 26.52 17.99
C PHE D 170 -4.53 26.62 16.52
N MET D 171 -4.06 25.65 15.74
CA MET D 171 -4.31 25.57 14.31
C MET D 171 -5.51 24.67 14.08
N GLU D 172 -6.58 25.23 13.54
CA GLU D 172 -7.82 24.48 13.40
C GLU D 172 -7.62 23.25 12.53
N SER D 173 -8.11 22.11 13.00
CA SER D 173 -7.75 20.83 12.39
C SER D 173 -8.44 20.64 11.05
N GLY D 174 -9.73 20.95 10.97
CA GLY D 174 -10.49 20.58 9.80
C GLY D 174 -10.93 19.14 9.76
N GLU D 175 -10.56 18.35 10.78
CA GLU D 175 -11.01 16.98 10.91
C GLU D 175 -11.52 16.65 12.30
N TRP D 176 -11.17 17.43 13.32
CA TRP D 176 -11.72 17.28 14.66
C TRP D 176 -12.05 18.65 15.21
N VAL D 177 -12.92 18.67 16.21
CA VAL D 177 -13.34 19.89 16.89
C VAL D 177 -12.97 19.76 18.36
N MET D 178 -12.41 20.83 18.93
CA MET D 178 -12.00 20.85 20.32
C MET D 178 -13.21 21.18 21.18
N LYS D 179 -13.93 20.15 21.63
CA LYS D 179 -15.10 20.41 22.45
C LYS D 179 -14.71 20.92 23.84
N ASP D 180 -13.73 20.27 24.47
CA ASP D 180 -13.33 20.63 25.81
C ASP D 180 -11.90 20.22 26.04
N TYR D 181 -11.26 20.86 27.02
CA TYR D 181 -9.90 20.51 27.39
C TYR D 181 -9.61 21.04 28.78
N ARG D 182 -9.01 20.21 29.61
CA ARG D 182 -8.71 20.56 30.99
C ARG D 182 -7.38 19.96 31.38
N GLY D 183 -6.85 20.42 32.52
CA GLY D 183 -5.65 19.85 33.09
C GLY D 183 -5.82 19.68 34.58
N TRP D 184 -5.44 18.52 35.11
CA TRP D 184 -5.65 18.19 36.51
C TRP D 184 -4.35 17.71 37.12
N LYS D 185 -4.07 18.16 38.34
CA LYS D 185 -2.91 17.74 39.10
C LYS D 185 -3.31 16.63 40.05
N HIS D 186 -2.54 15.55 40.06
CA HIS D 186 -2.85 14.38 40.87
C HIS D 186 -1.72 14.12 41.86
N TRP D 187 -2.08 13.84 43.10
CA TRP D 187 -1.14 13.31 44.10
C TRP D 187 -1.37 11.81 44.18
N VAL D 188 -0.35 11.04 43.82
CA VAL D 188 -0.42 9.60 43.87
C VAL D 188 0.41 9.11 45.05
N TYR D 189 0.12 7.90 45.50
CA TYR D 189 0.89 7.26 46.58
C TYR D 189 1.14 5.81 46.16
N TYR D 190 2.22 5.58 45.42
CA TYR D 190 2.50 4.25 44.92
C TYR D 190 2.79 3.29 46.07
N THR D 191 3.03 2.03 45.71
CA THR D 191 3.36 1.00 46.68
C THR D 191 4.87 0.90 46.92
N CYS D 192 5.69 1.23 45.92
CA CYS D 192 7.13 1.22 46.12
C CYS D 192 7.53 2.11 47.28
N CYS D 193 6.79 3.20 47.48
CA CYS D 193 7.38 4.36 48.10
C CYS D 193 6.33 5.03 48.96
N PRO D 194 5.81 4.35 49.97
CA PRO D 194 4.51 4.73 50.54
C PRO D 194 4.54 5.89 51.52
N ASP D 195 5.61 6.67 51.52
CA ASP D 195 5.74 7.76 52.47
C ASP D 195 5.76 9.16 51.86
N THR D 196 5.92 9.27 50.53
CA THR D 196 6.05 10.58 49.89
C THR D 196 5.09 10.68 48.70
N PRO D 197 4.65 11.90 48.37
CA PRO D 197 3.73 12.07 47.26
C PRO D 197 4.44 12.18 45.91
N TYR D 198 3.83 11.58 44.89
CA TYR D 198 4.35 11.61 43.54
C TYR D 198 3.39 12.41 42.67
N LEU D 199 3.85 13.57 42.21
CA LEU D 199 2.98 14.51 41.52
C LEU D 199 2.85 14.12 40.05
N ASP D 200 1.84 14.71 39.41
CA ASP D 200 1.51 14.38 38.02
C ASP D 200 0.48 15.37 37.51
N ILE D 201 0.60 15.74 36.25
CA ILE D 201 -0.37 16.61 35.59
C ILE D 201 -0.85 15.89 34.34
N THR D 202 -2.17 15.83 34.17
CA THR D 202 -2.78 15.10 33.06
C THR D 202 -3.69 16.04 32.29
N TYR D 203 -3.30 16.36 31.06
CA TYR D 203 -4.12 17.16 30.17
C TYR D 203 -4.96 16.24 29.29
N HIS D 204 -6.22 16.59 29.10
CA HIS D 204 -7.11 15.81 28.25
C HIS D 204 -7.90 16.73 27.33
N PHE D 205 -8.11 16.26 26.10
CA PHE D 205 -8.83 16.98 25.07
C PHE D 205 -9.97 16.13 24.55
N ILE D 206 -11.18 16.68 24.54
CA ILE D 206 -12.34 15.98 24.01
C ILE D 206 -12.48 16.38 22.55
N MET D 207 -12.10 15.48 21.64
CA MET D 207 -12.16 15.73 20.22
C MET D 207 -13.46 15.18 19.65
N GLN D 208 -14.15 15.98 18.85
CA GLN D 208 -15.37 15.57 18.18
C GLN D 208 -15.10 15.52 16.68
N ARG D 209 -15.22 14.34 16.09
CA ARG D 209 -14.93 14.18 14.68
C ARG D 209 -15.95 14.93 13.83
N ILE D 210 -15.47 15.54 12.75
CA ILE D 210 -16.34 16.15 11.74
C ILE D 210 -16.64 15.07 10.70
N PRO D 211 -17.89 14.64 10.55
CA PRO D 211 -18.16 13.40 9.82
C PRO D 211 -18.41 13.53 8.33
N LEU D 212 -18.41 14.73 7.76
CA LEU D 212 -18.78 14.87 6.36
C LEU D 212 -17.96 13.94 5.47
N TYR D 213 -16.66 13.90 5.70
CA TYR D 213 -15.80 13.12 4.82
C TYR D 213 -16.19 11.64 4.84
N PHE D 214 -16.27 11.05 6.02
CA PHE D 214 -16.59 9.63 6.10
C PHE D 214 -18.01 9.37 5.66
N VAL D 215 -18.93 10.28 5.97
CA VAL D 215 -20.29 10.14 5.45
C VAL D 215 -20.23 9.95 3.94
N VAL D 216 -19.72 10.95 3.24
CA VAL D 216 -19.78 10.95 1.78
C VAL D 216 -19.02 9.76 1.21
N ASN D 217 -17.85 9.45 1.77
CA ASN D 217 -16.97 8.47 1.14
C ASN D 217 -17.23 7.02 1.55
N VAL D 218 -17.97 6.78 2.63
CA VAL D 218 -18.21 5.40 3.07
C VAL D 218 -19.70 5.14 3.22
N ILE D 219 -20.40 6.00 3.97
CA ILE D 219 -21.75 5.65 4.39
C ILE D 219 -22.71 5.71 3.21
N ILE D 220 -22.64 6.75 2.39
CA ILE D 220 -23.60 6.87 1.29
C ILE D 220 -23.54 5.67 0.35
N PRO D 221 -22.38 5.21 -0.11
CA PRO D 221 -22.36 3.96 -0.88
C PRO D 221 -22.93 2.77 -0.13
N CYS D 222 -22.58 2.63 1.16
CA CYS D 222 -23.12 1.52 1.94
C CYS D 222 -24.63 1.58 2.00
N LEU D 223 -25.17 2.76 2.27
CA LEU D 223 -26.61 2.90 2.33
C LEU D 223 -27.24 2.61 0.97
N LEU D 224 -26.61 3.06 -0.10
CA LEU D 224 -27.17 2.86 -1.44
C LEU D 224 -27.30 1.38 -1.75
N PHE D 225 -26.24 0.61 -1.49
CA PHE D 225 -26.32 -0.83 -1.71
C PHE D 225 -27.30 -1.49 -0.74
N SER D 226 -27.39 -0.99 0.49
CA SER D 226 -28.38 -1.52 1.41
C SER D 226 -29.78 -1.35 0.85
N PHE D 227 -30.09 -0.15 0.24
CA PHE D 227 -31.39 0.10 -0.35
C PHE D 227 -31.61 -0.75 -1.59
N LEU D 228 -30.53 -1.11 -2.35
CA LEU D 228 -30.65 -2.05 -3.46
C LEU D 228 -30.92 -3.47 -2.97
N THR D 229 -30.62 -3.75 -1.70
CA THR D 229 -30.84 -5.07 -1.14
C THR D 229 -32.14 -5.73 -1.58
N GLY D 230 -33.28 -5.13 -1.22
CA GLY D 230 -34.56 -5.76 -1.43
C GLY D 230 -35.11 -5.67 -2.82
N LEU D 231 -34.32 -5.18 -3.77
CA LEU D 231 -34.81 -4.99 -5.13
C LEU D 231 -35.03 -6.31 -5.86
N VAL D 232 -34.38 -7.38 -5.44
CA VAL D 232 -34.44 -8.64 -6.19
C VAL D 232 -35.86 -9.18 -6.23
N PHE D 233 -36.66 -8.91 -5.19
CA PHE D 233 -37.99 -9.47 -5.11
C PHE D 233 -38.95 -8.86 -6.14
N TYR D 234 -38.60 -7.73 -6.72
CA TYR D 234 -39.41 -7.15 -7.79
C TYR D 234 -38.95 -7.58 -9.17
N LEU D 235 -37.87 -8.35 -9.27
CA LEU D 235 -37.35 -8.79 -10.55
C LEU D 235 -38.03 -10.08 -10.96
N PRO D 236 -38.71 -10.13 -12.10
CA PRO D 236 -39.39 -11.37 -12.47
C PRO D 236 -38.40 -12.50 -12.73
N THR D 237 -38.86 -13.72 -12.48
CA THR D 237 -37.98 -14.87 -12.64
C THR D 237 -37.68 -15.18 -14.11
N ASP D 238 -38.54 -14.77 -15.03
CA ASP D 238 -38.30 -15.03 -16.44
C ASP D 238 -37.12 -14.24 -16.99
N SER D 239 -36.71 -13.18 -16.29
CA SER D 239 -35.58 -12.40 -16.76
C SER D 239 -34.29 -13.19 -16.71
N GLY D 240 -34.20 -14.16 -15.82
CA GLY D 240 -32.97 -14.91 -15.67
C GLY D 240 -31.81 -14.06 -15.19
N GLU D 241 -32.08 -13.16 -14.24
CA GLU D 241 -31.03 -12.26 -13.76
C GLU D 241 -31.10 -12.05 -12.26
N LYS D 242 -31.92 -12.80 -11.52
CA LYS D 242 -32.03 -12.57 -10.09
C LYS D 242 -30.75 -12.91 -9.35
N MET D 243 -30.11 -14.01 -9.73
CA MET D 243 -28.86 -14.37 -9.06
C MET D 243 -27.81 -13.30 -9.26
N THR D 244 -27.74 -12.74 -10.47
CA THR D 244 -26.78 -11.67 -10.72
C THR D 244 -26.96 -10.53 -9.73
N LEU D 245 -28.19 -10.02 -9.61
CA LEU D 245 -28.43 -8.87 -8.74
C LEU D 245 -28.17 -9.23 -7.28
N SER D 246 -28.67 -10.38 -6.84
CA SER D 246 -28.52 -10.75 -5.43
C SER D 246 -27.05 -10.91 -5.07
N ILE D 247 -26.29 -11.63 -5.89
CA ILE D 247 -24.89 -11.87 -5.59
C ILE D 247 -24.09 -10.58 -5.67
N SER D 248 -24.43 -9.71 -6.63
CA SER D 248 -23.74 -8.44 -6.72
C SER D 248 -23.95 -7.62 -5.46
N VAL D 249 -25.18 -7.57 -4.96
CA VAL D 249 -25.45 -6.82 -3.74
C VAL D 249 -24.69 -7.41 -2.56
N LEU D 250 -24.71 -8.73 -2.44
CA LEU D 250 -24.01 -9.38 -1.33
C LEU D 250 -22.53 -9.05 -1.36
N LEU D 251 -21.90 -9.16 -2.53
CA LEU D 251 -20.47 -8.93 -2.63
C LEU D 251 -20.13 -7.46 -2.41
N SER D 252 -21.00 -6.55 -2.87
CA SER D 252 -20.76 -5.13 -2.60
C SER D 252 -20.81 -4.83 -1.12
N LEU D 253 -21.79 -5.40 -0.41
CA LEU D 253 -21.86 -5.18 1.03
C LEU D 253 -20.65 -5.77 1.73
N THR D 254 -20.19 -6.94 1.29
CA THR D 254 -18.98 -7.52 1.88
C THR D 254 -17.78 -6.62 1.67
N VAL D 255 -17.63 -6.08 0.45
CA VAL D 255 -16.52 -5.19 0.18
C VAL D 255 -16.58 -3.97 1.09
N PHE D 256 -17.78 -3.43 1.30
CA PHE D 256 -17.87 -2.23 2.14
C PHE D 256 -17.61 -2.55 3.60
N LEU D 257 -18.02 -3.72 4.07
CA LEU D 257 -17.64 -4.13 5.42
C LEU D 257 -16.12 -4.20 5.55
N LEU D 258 -15.47 -4.79 4.55
CA LEU D 258 -14.01 -4.91 4.61
C LEU D 258 -13.35 -3.54 4.53
N VAL D 259 -13.98 -2.60 3.82
CA VAL D 259 -13.46 -1.23 3.78
C VAL D 259 -13.59 -0.58 5.15
N ILE D 260 -14.70 -0.82 5.84
CA ILE D 260 -14.91 -0.18 7.14
C ILE D 260 -13.96 -0.76 8.18
N VAL D 261 -13.70 -2.06 8.16
CA VAL D 261 -12.89 -2.64 9.23
C VAL D 261 -11.48 -2.08 9.19
N GLU D 262 -10.96 -1.79 8.01
CA GLU D 262 -9.62 -1.23 7.87
C GLU D 262 -9.54 0.22 8.28
N LEU D 263 -10.63 0.79 8.80
CA LEU D 263 -10.66 2.17 9.24
C LEU D 263 -10.70 2.32 10.75
N ILE D 264 -10.72 1.21 11.49
CA ILE D 264 -10.90 1.25 12.94
C ILE D 264 -9.93 0.25 13.57
N PRO D 265 -9.65 0.39 14.85
CA PRO D 265 -8.78 -0.58 15.52
C PRO D 265 -9.43 -1.95 15.61
N SER D 266 -8.59 -2.97 15.63
CA SER D 266 -9.05 -4.36 15.71
C SER D 266 -9.54 -4.74 17.09
N THR D 267 -9.72 -3.80 17.99
CA THR D 267 -10.11 -4.13 19.35
C THR D 267 -11.53 -4.69 19.37
N SER D 268 -11.77 -5.59 20.32
CA SER D 268 -13.07 -6.21 20.50
C SER D 268 -13.84 -5.60 21.66
N SER D 269 -13.39 -4.46 22.18
CA SER D 269 -14.08 -3.84 23.31
C SER D 269 -15.51 -3.46 22.94
N ALA D 270 -15.72 -2.95 21.73
CA ALA D 270 -17.04 -2.58 21.27
C ALA D 270 -17.12 -2.76 19.77
N VAL D 271 -18.33 -2.90 19.26
CA VAL D 271 -18.59 -3.11 17.84
C VAL D 271 -19.20 -1.83 17.27
N PRO D 272 -18.68 -1.29 16.17
CA PRO D 272 -19.27 -0.06 15.63
C PRO D 272 -20.71 -0.27 15.22
N LEU D 273 -21.52 0.77 15.39
CA LEU D 273 -22.91 0.68 15.00
C LEU D 273 -23.05 0.50 13.49
N ILE D 274 -22.21 1.17 12.71
CA ILE D 274 -22.29 1.03 11.26
C ILE D 274 -21.97 -0.39 10.84
N GLY D 275 -20.95 -1.00 11.44
CA GLY D 275 -20.64 -2.38 11.11
C GLY D 275 -21.75 -3.33 11.52
N LYS D 276 -22.40 -3.05 12.66
CA LYS D 276 -23.51 -3.87 13.09
C LYS D 276 -24.67 -3.79 12.12
N TYR D 277 -24.97 -2.57 11.64
CA TYR D 277 -25.99 -2.40 10.62
C TYR D 277 -25.63 -3.15 9.35
N MET D 278 -24.36 -3.06 8.95
CA MET D 278 -23.93 -3.74 7.73
C MET D 278 -24.06 -5.25 7.84
N LEU D 279 -23.75 -5.80 9.01
CA LEU D 279 -23.90 -7.24 9.19
C LEU D 279 -25.36 -7.65 9.21
N PHE D 280 -26.22 -6.85 9.84
CA PHE D 280 -27.64 -7.13 9.79
C PHE D 280 -28.13 -7.17 8.36
N THR D 281 -27.69 -6.20 7.55
CA THR D 281 -28.05 -6.18 6.14
C THR D 281 -27.51 -7.40 5.41
N MET D 282 -26.28 -7.81 5.71
CA MET D 282 -25.74 -9.00 5.05
C MET D 282 -26.53 -10.24 5.39
N ILE D 283 -26.93 -10.39 6.65
CA ILE D 283 -27.74 -11.54 7.02
C ILE D 283 -29.04 -11.54 6.23
N PHE D 284 -29.67 -10.38 6.11
CA PHE D 284 -30.92 -10.35 5.36
C PHE D 284 -30.69 -10.56 3.86
N VAL D 285 -29.53 -10.18 3.33
CA VAL D 285 -29.25 -10.46 1.93
C VAL D 285 -29.04 -11.95 1.71
N ILE D 286 -28.38 -12.62 2.66
CA ILE D 286 -28.24 -14.07 2.55
C ILE D 286 -29.61 -14.73 2.59
N SER D 287 -30.47 -14.27 3.49
CA SER D 287 -31.83 -14.79 3.53
C SER D 287 -32.54 -14.54 2.20
N SER D 288 -32.32 -13.37 1.60
CA SER D 288 -32.94 -13.08 0.32
C SER D 288 -32.45 -14.03 -0.76
N ILE D 289 -31.15 -14.35 -0.77
CA ILE D 289 -30.65 -15.29 -1.77
C ILE D 289 -31.28 -16.66 -1.56
N ILE D 290 -31.37 -17.13 -0.33
CA ILE D 290 -31.95 -18.46 -0.12
C ILE D 290 -33.42 -18.47 -0.54
N ILE D 291 -34.18 -17.46 -0.12
CA ILE D 291 -35.61 -17.47 -0.39
C ILE D 291 -35.88 -17.23 -1.87
N THR D 292 -35.01 -16.47 -2.55
CA THR D 292 -35.21 -16.27 -3.98
C THR D 292 -34.79 -17.50 -4.77
N VAL D 293 -33.84 -18.28 -4.27
CA VAL D 293 -33.57 -19.58 -4.89
C VAL D 293 -34.80 -20.46 -4.74
N VAL D 294 -35.44 -20.42 -3.58
CA VAL D 294 -36.68 -21.17 -3.40
C VAL D 294 -37.74 -20.70 -4.40
N VAL D 295 -37.85 -19.39 -4.59
CA VAL D 295 -38.83 -18.85 -5.52
C VAL D 295 -38.54 -19.31 -6.93
N ILE D 296 -37.27 -19.26 -7.34
CA ILE D 296 -36.90 -19.70 -8.68
C ILE D 296 -37.25 -21.17 -8.86
N ASN D 297 -36.96 -21.99 -7.85
CA ASN D 297 -37.31 -23.40 -7.94
C ASN D 297 -38.80 -23.59 -8.09
N THR D 298 -39.59 -22.82 -7.35
CA THR D 298 -41.04 -22.93 -7.46
C THR D 298 -41.53 -22.52 -8.83
N HIS D 299 -40.94 -21.47 -9.41
CA HIS D 299 -41.44 -20.91 -10.65
C HIS D 299 -41.32 -21.90 -11.81
N HIS D 300 -40.27 -22.72 -11.82
CA HIS D 300 -40.04 -23.67 -12.90
C HIS D 300 -40.50 -25.08 -12.54
N ARG D 301 -41.26 -25.24 -11.47
CA ARG D 301 -41.73 -26.58 -11.10
C ARG D 301 -42.52 -27.18 -12.24
N SER D 302 -42.19 -28.42 -12.59
CA SER D 302 -42.86 -29.10 -13.70
C SER D 302 -44.25 -29.55 -13.28
N PRO D 303 -45.30 -29.17 -14.00
CA PRO D 303 -46.65 -29.59 -13.59
C PRO D 303 -46.85 -31.09 -13.66
N SER D 304 -46.06 -31.80 -14.47
CA SER D 304 -46.26 -33.24 -14.62
C SER D 304 -45.89 -33.98 -13.34
N THR D 305 -44.71 -33.68 -12.77
CA THR D 305 -44.24 -34.43 -11.62
C THR D 305 -44.85 -33.92 -10.32
N HIS D 306 -45.05 -32.62 -10.21
CA HIS D 306 -45.55 -32.00 -8.99
C HIS D 306 -47.00 -31.57 -9.17
N THR D 307 -47.82 -31.82 -8.17
CA THR D 307 -49.19 -31.34 -8.12
C THR D 307 -49.32 -30.41 -6.92
N MET D 308 -49.92 -29.25 -7.15
CA MET D 308 -50.00 -28.24 -6.11
C MET D 308 -50.85 -28.74 -4.95
N PRO D 309 -50.32 -28.77 -3.73
CA PRO D 309 -51.14 -29.15 -2.58
C PRO D 309 -52.23 -28.13 -2.32
N GLN D 310 -53.33 -28.61 -1.71
CA GLN D 310 -54.49 -27.74 -1.50
C GLN D 310 -54.15 -26.57 -0.60
N TRP D 311 -53.35 -26.80 0.45
CA TRP D 311 -53.02 -25.71 1.35
C TRP D 311 -52.25 -24.62 0.63
N VAL D 312 -51.32 -25.00 -0.24
CA VAL D 312 -50.57 -24.01 -1.01
C VAL D 312 -51.53 -23.16 -1.85
N ARG D 313 -52.46 -23.82 -2.52
CA ARG D 313 -53.40 -23.09 -3.37
C ARG D 313 -54.23 -22.13 -2.54
N LYS D 314 -54.76 -22.61 -1.41
CA LYS D 314 -55.59 -21.76 -0.57
C LYS D 314 -54.82 -20.55 -0.06
N ILE D 315 -53.59 -20.77 0.40
CA ILE D 315 -52.82 -19.67 1.00
C ILE D 315 -52.40 -18.66 -0.07
N PHE D 316 -51.84 -19.19 -1.17
CA PHE D 316 -51.13 -18.31 -2.10
C PHE D 316 -51.95 -17.90 -3.32
N ILE D 317 -53.17 -18.42 -3.47
CA ILE D 317 -54.00 -18.04 -4.61
C ILE D 317 -55.38 -17.55 -4.20
N ASP D 318 -55.89 -17.89 -3.03
CA ASP D 318 -57.25 -17.54 -2.64
C ASP D 318 -57.33 -16.46 -1.58
N THR D 319 -56.33 -16.34 -0.70
CA THR D 319 -56.40 -15.43 0.42
C THR D 319 -55.38 -14.30 0.34
N ILE D 320 -54.09 -14.61 0.21
CA ILE D 320 -53.07 -13.57 0.29
C ILE D 320 -53.24 -12.52 -0.79
N PRO D 321 -53.49 -12.88 -2.06
CA PRO D 321 -53.57 -11.83 -3.09
C PRO D 321 -54.61 -10.76 -2.78
N ASN D 322 -55.72 -11.13 -2.14
CA ASN D 322 -56.71 -10.12 -1.78
C ASN D 322 -56.17 -9.14 -0.76
N VAL D 323 -55.25 -9.58 0.10
CA VAL D 323 -54.73 -8.70 1.14
C VAL D 323 -54.05 -7.48 0.53
N MET D 324 -53.24 -7.68 -0.51
CA MET D 324 -52.50 -6.57 -1.10
C MET D 324 -53.44 -5.66 -1.87
N PHE D 325 -53.50 -4.39 -1.44
CA PHE D 325 -54.34 -3.40 -2.09
C PHE D 325 -53.58 -2.56 -3.10
N PHE D 326 -52.35 -2.15 -2.77
CA PHE D 326 -51.60 -1.29 -3.67
C PHE D 326 -51.10 -2.04 -4.90
N SER D 327 -51.11 -3.37 -4.88
CA SER D 327 -50.62 -4.14 -6.00
C SER D 327 -51.67 -4.26 -7.09
N THR D 328 -51.22 -4.60 -8.30
CA THR D 328 -52.09 -4.78 -9.44
C THR D 328 -52.24 -6.26 -9.81
N MET D 329 -52.04 -7.15 -8.84
CA MET D 329 -52.19 -8.57 -9.09
C MET D 329 -53.58 -8.87 -9.62
N LYS D 330 -53.75 -10.08 -10.14
CA LYS D 330 -55.05 -10.59 -10.55
C LYS D 330 -55.59 -11.46 -9.43
N ARG D 331 -56.87 -11.27 -9.09
CA ARG D 331 -57.48 -11.99 -8.00
C ARG D 331 -58.90 -12.39 -8.34
N PRO D 370 -60.74 -45.63 -45.59
CA PRO D 370 -59.66 -45.88 -44.63
C PRO D 370 -58.81 -44.65 -44.37
N ASP D 371 -58.35 -44.00 -45.44
CA ASP D 371 -57.51 -42.82 -45.27
C ASP D 371 -58.27 -41.68 -44.62
N VAL D 372 -59.52 -41.46 -45.03
CA VAL D 372 -60.32 -40.40 -44.40
C VAL D 372 -60.50 -40.69 -42.92
N LYS D 373 -60.66 -41.97 -42.56
CA LYS D 373 -60.77 -42.34 -41.16
C LYS D 373 -59.50 -41.94 -40.42
N SER D 374 -58.34 -42.20 -41.02
CA SER D 374 -57.08 -41.82 -40.40
C SER D 374 -56.98 -40.31 -40.25
N ALA D 375 -57.43 -39.56 -41.25
CA ALA D 375 -57.38 -38.10 -41.17
C ALA D 375 -58.26 -37.59 -40.03
N ILE D 376 -59.47 -38.15 -39.90
CA ILE D 376 -60.35 -37.76 -38.80
C ILE D 376 -59.71 -38.08 -37.47
N GLU D 377 -59.12 -39.27 -37.34
CA GLU D 377 -58.46 -39.63 -36.10
C GLU D 377 -57.27 -38.71 -35.81
N GLY D 378 -56.58 -38.26 -36.86
CA GLY D 378 -55.49 -37.34 -36.67
C GLY D 378 -55.96 -35.98 -36.15
N VAL D 379 -57.07 -35.48 -36.71
CA VAL D 379 -57.63 -34.24 -36.20
C VAL D 379 -58.02 -34.40 -34.73
N LYS D 380 -58.66 -35.54 -34.40
CA LYS D 380 -59.03 -35.79 -33.02
C LYS D 380 -57.79 -35.83 -32.12
N TYR D 381 -56.71 -36.44 -32.61
CA TYR D 381 -55.46 -36.47 -31.86
C TYR D 381 -54.93 -35.06 -31.62
N ILE D 382 -54.98 -34.21 -32.64
CA ILE D 382 -54.51 -32.84 -32.48
C ILE D 382 -55.30 -32.16 -31.37
N ALA D 383 -56.62 -32.31 -31.41
CA ALA D 383 -57.45 -31.67 -30.39
C ALA D 383 -57.14 -32.21 -29.00
N GLU D 384 -56.99 -33.53 -28.87
CA GLU D 384 -56.69 -34.09 -27.56
C GLU D 384 -55.36 -33.58 -27.03
N HIS D 385 -54.35 -33.50 -27.89
CA HIS D 385 -53.05 -33.03 -27.44
C HIS D 385 -53.12 -31.56 -27.03
N MET D 386 -53.87 -30.75 -27.76
CA MET D 386 -54.03 -29.37 -27.31
C MET D 386 -54.71 -29.30 -25.96
N LYS D 387 -55.71 -30.14 -25.72
CA LYS D 387 -56.37 -30.15 -24.41
C LYS D 387 -55.37 -30.48 -23.31
N SER D 388 -54.56 -31.52 -23.52
CA SER D 388 -53.59 -31.91 -22.50
C SER D 388 -52.57 -30.81 -22.27
N ASP D 389 -52.09 -30.19 -23.36
CA ASP D 389 -51.12 -29.11 -23.22
C ASP D 389 -51.73 -27.94 -22.46
N GLU D 390 -53.00 -27.63 -22.70
CA GLU D 390 -53.64 -26.54 -21.97
C GLU D 390 -53.72 -26.87 -20.49
N GLU D 391 -54.08 -28.11 -20.15
CA GLU D 391 -54.08 -28.50 -18.74
C GLU D 391 -52.71 -28.28 -18.11
N SER D 392 -51.67 -28.78 -18.77
CA SER D 392 -50.32 -28.66 -18.22
C SER D 392 -49.91 -27.20 -18.08
N SER D 393 -50.23 -26.37 -19.09
CA SER D 393 -49.83 -24.98 -19.04
C SER D 393 -50.57 -24.23 -17.94
N ASN D 394 -51.84 -24.57 -17.72
CA ASN D 394 -52.56 -23.95 -16.61
C ASN D 394 -51.93 -24.33 -15.27
N ALA D 395 -51.53 -25.59 -15.11
CA ALA D 395 -50.84 -25.98 -13.89
C ALA D 395 -49.54 -25.18 -13.72
N ALA D 396 -48.78 -25.06 -14.80
CA ALA D 396 -47.52 -24.31 -14.73
C ALA D 396 -47.77 -22.85 -14.37
N GLU D 397 -48.80 -22.25 -14.96
CA GLU D 397 -49.10 -20.86 -14.65
C GLU D 397 -49.56 -20.69 -13.22
N GLU D 398 -50.24 -21.70 -12.66
CA GLU D 398 -50.57 -21.64 -11.24
C GLU D 398 -49.30 -21.63 -10.39
N TRP D 399 -48.34 -22.49 -10.74
CA TRP D 399 -47.08 -22.48 -10.00
C TRP D 399 -46.39 -21.13 -10.11
N LYS D 400 -46.38 -20.54 -11.31
CA LYS D 400 -45.74 -19.25 -11.50
C LYS D 400 -46.44 -18.17 -10.68
N TYR D 401 -47.76 -18.23 -10.61
CA TYR D 401 -48.50 -17.28 -9.78
C TYR D 401 -48.11 -17.42 -8.32
N VAL D 402 -47.98 -18.65 -7.84
CA VAL D 402 -47.55 -18.87 -6.45
C VAL D 402 -46.18 -18.25 -6.23
N ALA D 403 -45.27 -18.45 -7.19
CA ALA D 403 -43.93 -17.91 -7.03
C ALA D 403 -43.96 -16.39 -6.95
N MET D 404 -44.76 -15.75 -7.82
CA MET D 404 -44.84 -14.29 -7.78
C MET D 404 -45.41 -13.82 -6.46
N VAL D 405 -46.40 -14.53 -5.93
CA VAL D 405 -47.01 -14.13 -4.67
C VAL D 405 -45.98 -14.22 -3.55
N ILE D 406 -45.18 -15.29 -3.53
CA ILE D 406 -44.13 -15.39 -2.52
C ILE D 406 -43.17 -14.21 -2.64
N ASP D 407 -42.75 -13.91 -3.87
CA ASP D 407 -41.88 -12.76 -4.08
C ASP D 407 -42.50 -11.50 -3.50
N HIS D 408 -43.79 -11.29 -3.74
CA HIS D 408 -44.40 -10.03 -3.34
C HIS D 408 -44.57 -9.98 -1.82
N ILE D 409 -44.86 -11.11 -1.19
CA ILE D 409 -44.90 -11.17 0.27
C ILE D 409 -43.55 -10.76 0.84
N LEU D 410 -42.47 -11.32 0.29
CA LEU D 410 -41.14 -10.97 0.80
C LEU D 410 -40.82 -9.50 0.56
N LEU D 411 -41.26 -8.95 -0.56
CA LEU D 411 -41.04 -7.53 -0.83
C LEU D 411 -41.74 -6.67 0.21
N CYS D 412 -43.00 -7.00 0.52
CA CYS D 412 -43.72 -6.21 1.51
C CYS D 412 -43.12 -6.36 2.90
N VAL D 413 -42.65 -7.56 3.25
CA VAL D 413 -41.99 -7.74 4.54
C VAL D 413 -40.73 -6.88 4.63
N PHE D 414 -39.94 -6.87 3.56
CA PHE D 414 -38.73 -6.05 3.57
C PHE D 414 -39.07 -4.57 3.64
N MET D 415 -40.17 -4.16 2.99
CA MET D 415 -40.58 -2.76 3.11
C MET D 415 -41.03 -2.44 4.54
N LEU D 416 -41.69 -3.38 5.20
CA LEU D 416 -42.06 -3.19 6.59
C LEU D 416 -40.82 -3.01 7.46
N ILE D 417 -39.80 -3.83 7.24
CA ILE D 417 -38.55 -3.67 7.98
C ILE D 417 -37.94 -2.31 7.69
N CYS D 418 -37.95 -1.91 6.43
CA CYS D 418 -37.43 -0.60 6.05
C CYS D 418 -38.12 0.51 6.85
N ILE D 419 -39.46 0.48 6.87
CA ILE D 419 -40.21 1.54 7.55
C ILE D 419 -39.92 1.53 9.04
N ILE D 420 -39.95 0.34 9.65
CA ILE D 420 -39.74 0.27 11.10
C ILE D 420 -38.33 0.73 11.47
N GLY D 421 -37.32 0.30 10.72
CA GLY D 421 -35.97 0.76 10.99
C GLY D 421 -35.81 2.26 10.82
N THR D 422 -36.37 2.81 9.75
CA THR D 422 -36.28 4.26 9.55
C THR D 422 -36.93 4.99 10.70
N VAL D 423 -38.11 4.56 11.13
CA VAL D 423 -38.82 5.26 12.20
C VAL D 423 -38.04 5.15 13.50
N SER D 424 -37.62 3.94 13.88
CA SER D 424 -36.99 3.75 15.18
C SER D 424 -35.64 4.45 15.23
N VAL D 425 -34.78 4.20 14.24
CA VAL D 425 -33.45 4.81 14.27
C VAL D 425 -33.51 6.29 13.97
N PHE D 426 -34.25 6.69 12.94
CA PHE D 426 -34.30 8.08 12.50
C PHE D 426 -35.69 8.66 12.70
N GLU E 1 23.70 27.47 51.15
CA GLU E 1 23.52 26.91 49.79
C GLU E 1 23.37 25.40 49.83
N ASN E 2 22.85 24.82 48.75
CA ASN E 2 22.55 23.40 48.71
C ASN E 2 23.76 22.57 49.10
N GLU E 3 23.60 21.75 50.13
CA GLU E 3 24.69 20.89 50.57
C GLU E 3 24.98 19.76 49.61
N GLU E 4 24.03 19.42 48.74
CA GLU E 4 24.27 18.38 47.75
C GLU E 4 25.39 18.74 46.79
N GLY E 5 25.67 20.03 46.63
CA GLY E 5 26.69 20.47 45.71
C GLY E 5 28.06 19.92 46.04
N ARG E 6 28.54 20.17 47.26
CA ARG E 6 29.86 19.69 47.62
C ARG E 6 29.89 18.17 47.70
N LEU E 7 28.79 17.55 48.12
CA LEU E 7 28.75 16.09 48.16
C LEU E 7 28.96 15.50 46.77
N ILE E 8 28.17 15.96 45.79
CA ILE E 8 28.30 15.40 44.45
C ILE E 8 29.64 15.78 43.85
N GLU E 9 30.15 16.97 44.15
CA GLU E 9 31.45 17.35 43.63
C GLU E 9 32.55 16.44 44.16
N LYS E 10 32.45 16.03 45.43
CA LYS E 10 33.44 15.11 45.97
C LYS E 10 33.26 13.72 45.38
N LEU E 11 32.02 13.27 45.22
CA LEU E 11 31.79 11.93 44.68
C LEU E 11 32.32 11.82 43.26
N LEU E 12 31.91 12.74 42.38
CA LEU E 12 32.24 12.61 40.97
C LEU E 12 33.64 13.09 40.64
N GLY E 13 34.30 13.81 41.55
CA GLY E 13 35.71 14.11 41.36
C GLY E 13 36.53 12.87 41.68
N ASP E 14 37.44 12.51 40.79
CA ASP E 14 38.22 11.29 40.92
C ASP E 14 37.31 10.08 40.88
N TYR E 15 36.61 9.94 39.75
CA TYR E 15 35.67 8.84 39.55
C TYR E 15 35.68 8.50 38.07
N ASP E 16 36.16 7.32 37.72
CA ASP E 16 36.25 6.90 36.33
C ASP E 16 34.96 6.18 35.94
N LYS E 17 34.24 6.76 34.98
CA LYS E 17 32.99 6.17 34.50
C LYS E 17 33.20 4.85 33.80
N ARG E 18 34.42 4.54 33.38
CA ARG E 18 34.67 3.37 32.53
C ARG E 18 35.09 2.14 33.30
N ILE E 19 35.25 2.22 34.62
CA ILE E 19 35.80 1.13 35.41
C ILE E 19 34.69 0.45 36.17
N ILE E 20 34.61 -0.87 36.04
CA ILE E 20 33.57 -1.62 36.77
C ILE E 20 33.84 -1.52 38.25
N PRO E 21 32.85 -1.23 39.09
CA PRO E 21 33.11 -0.97 40.52
C PRO E 21 33.32 -2.24 41.32
N ALA E 22 34.37 -2.98 41.00
CA ALA E 22 34.71 -4.20 41.71
C ALA E 22 35.71 -3.88 42.82
N LYS E 23 35.34 -4.18 44.07
CA LYS E 23 36.22 -3.87 45.19
C LYS E 23 37.56 -4.58 45.05
N THR E 24 37.52 -5.89 44.84
CA THR E 24 38.70 -6.72 44.70
C THR E 24 38.65 -7.43 43.34
N LEU E 25 39.60 -8.35 43.13
CA LEU E 25 39.71 -9.00 41.83
C LEU E 25 38.63 -10.05 41.61
N ASP E 26 38.21 -10.76 42.65
CA ASP E 26 37.22 -11.82 42.52
C ASP E 26 35.80 -11.33 42.79
N HIS E 27 35.62 -10.04 43.08
CA HIS E 27 34.30 -9.52 43.38
C HIS E 27 33.44 -9.49 42.12
N ILE E 28 32.15 -9.78 42.28
CA ILE E 28 31.20 -9.82 41.19
C ILE E 28 30.04 -8.90 41.52
N ILE E 29 29.63 -8.09 40.56
CA ILE E 29 28.57 -7.12 40.76
C ILE E 29 27.22 -7.81 40.56
N ASP E 30 26.34 -7.71 41.55
CA ASP E 30 25.00 -8.27 41.46
C ASP E 30 24.08 -7.22 40.87
N VAL E 31 23.75 -7.38 39.60
CA VAL E 31 22.83 -6.48 38.90
C VAL E 31 21.44 -7.10 38.97
N THR E 32 20.46 -6.31 39.41
CA THR E 32 19.13 -6.79 39.72
C THR E 32 18.12 -6.17 38.77
N LEU E 33 17.26 -6.99 38.18
CA LEU E 33 16.29 -6.54 37.19
C LEU E 33 14.86 -6.76 37.68
N LYS E 34 14.00 -5.81 37.32
CA LYS E 34 12.56 -5.95 37.54
C LYS E 34 11.86 -5.18 36.44
N LEU E 35 10.96 -5.84 35.72
CA LEU E 35 10.27 -5.24 34.59
C LEU E 35 8.85 -4.89 34.97
N THR E 36 8.45 -3.66 34.65
CA THR E 36 7.09 -3.18 34.88
C THR E 36 6.47 -2.85 33.54
N LEU E 37 5.32 -3.42 33.25
CA LEU E 37 4.63 -3.22 31.99
C LEU E 37 3.51 -2.21 32.20
N THR E 38 3.50 -1.16 31.39
CA THR E 38 2.48 -0.12 31.49
C THR E 38 1.52 -0.08 30.32
N ASN E 39 1.92 -0.60 29.16
CA ASN E 39 1.03 -0.61 28.01
C ASN E 39 1.59 -1.57 26.98
N LEU E 40 0.76 -2.51 26.53
CA LEU E 40 1.13 -3.44 25.47
C LEU E 40 0.65 -2.82 24.18
N ILE E 41 1.54 -2.06 23.52
CA ILE E 41 1.11 -1.17 22.46
C ILE E 41 0.50 -1.94 21.31
N SER E 42 1.20 -2.96 20.82
CA SER E 42 0.73 -3.68 19.65
C SER E 42 1.55 -4.95 19.48
N LEU E 43 1.13 -5.77 18.54
CA LEU E 43 1.84 -6.99 18.15
C LEU E 43 1.73 -7.11 16.64
N ASN E 44 2.73 -6.61 15.92
CA ASN E 44 2.71 -6.54 14.47
C ASN E 44 2.94 -7.93 13.91
N GLU E 45 1.87 -8.61 13.49
CA GLU E 45 1.99 -9.98 13.02
C GLU E 45 2.81 -10.07 11.75
N LYS E 46 2.61 -9.14 10.81
CA LYS E 46 3.40 -9.18 9.59
C LYS E 46 4.88 -8.97 9.87
N GLU E 47 5.20 -8.03 10.77
CA GLU E 47 6.60 -7.78 11.12
C GLU E 47 7.09 -8.72 12.21
N GLU E 48 6.21 -9.50 12.82
CA GLU E 48 6.58 -10.43 13.89
C GLU E 48 7.36 -9.71 14.99
N ALA E 49 6.76 -8.65 15.51
CA ALA E 49 7.38 -7.83 16.53
C ALA E 49 6.33 -7.40 17.54
N LEU E 50 6.72 -7.39 18.81
CA LEU E 50 5.87 -6.92 19.90
C LEU E 50 6.42 -5.61 20.43
N THR E 51 5.56 -4.60 20.51
CA THR E 51 5.94 -3.29 21.03
C THR E 51 5.32 -3.12 22.42
N THR E 52 6.14 -2.74 23.39
CA THR E 52 5.70 -2.59 24.76
C THR E 52 6.24 -1.30 25.34
N ASN E 53 5.45 -0.71 26.23
CA ASN E 53 5.84 0.47 27.00
C ASN E 53 6.14 -0.02 28.42
N VAL E 54 7.41 -0.20 28.72
CA VAL E 54 7.82 -0.79 30.00
C VAL E 54 8.74 0.18 30.72
N TRP E 55 8.78 0.07 32.03
CA TRP E 55 9.83 0.65 32.85
C TRP E 55 10.69 -0.48 33.38
N ILE E 56 11.97 -0.47 33.03
CA ILE E 56 12.90 -1.49 33.51
C ILE E 56 13.64 -0.91 34.70
N GLU E 57 13.64 -1.63 35.81
CA GLU E 57 14.29 -1.20 37.04
C GLU E 57 15.56 -2.02 37.23
N ILE E 58 16.69 -1.33 37.35
CA ILE E 58 17.99 -1.97 37.47
C ILE E 58 18.66 -1.46 38.74
N GLN E 59 19.22 -2.37 39.53
CA GLN E 59 19.87 -2.00 40.77
C GLN E 59 21.21 -2.69 40.88
N TRP E 60 22.22 -1.95 41.33
CA TRP E 60 23.53 -2.51 41.63
C TRP E 60 24.12 -1.72 42.78
N ASN E 61 25.37 -2.03 43.13
CA ASN E 61 26.06 -1.37 44.22
C ASN E 61 27.39 -0.85 43.70
N ASP E 62 27.65 0.43 43.90
CA ASP E 62 28.90 1.07 43.50
C ASP E 62 29.57 1.59 44.76
N TYR E 63 30.56 0.86 45.26
CA TYR E 63 31.16 1.23 46.53
C TYR E 63 31.83 2.59 46.48
N ARG E 64 32.10 3.12 45.30
CA ARG E 64 32.77 4.41 45.21
C ARG E 64 31.85 5.55 45.63
N LEU E 65 30.56 5.45 45.33
CA LEU E 65 29.61 6.52 45.61
C LEU E 65 28.91 6.26 46.93
N SER E 66 29.68 6.30 48.01
CA SER E 66 29.16 6.14 49.35
C SER E 66 29.74 7.23 50.24
N TRP E 67 28.89 7.85 51.05
CA TRP E 67 29.31 8.91 51.94
C TRP E 67 28.84 8.60 53.35
N ASN E 68 29.06 9.54 54.26
CA ASN E 68 28.70 9.42 55.66
C ASN E 68 27.68 10.51 55.98
N THR E 69 26.43 10.10 56.17
CA THR E 69 25.31 11.04 56.19
C THR E 69 25.56 12.19 57.15
N SER E 70 26.12 11.89 58.31
CA SER E 70 26.34 12.92 59.32
C SER E 70 27.23 14.04 58.81
N GLU E 71 28.07 13.77 57.83
CA GLU E 71 29.00 14.79 57.33
C GLU E 71 28.31 15.81 56.43
N TYR E 72 27.21 15.44 55.77
CA TYR E 72 26.55 16.29 54.79
C TYR E 72 25.11 16.58 55.21
N GLU E 73 24.91 16.91 56.48
CA GLU E 73 23.62 17.37 56.98
C GLU E 73 22.52 16.35 56.70
N GLY E 74 22.84 15.08 56.85
CA GLY E 74 21.83 14.05 56.76
C GLY E 74 21.28 13.79 55.38
N ILE E 75 22.02 14.13 54.34
CA ILE E 75 21.61 13.82 52.97
C ILE E 75 21.87 12.34 52.74
N ASP E 76 20.82 11.56 52.54
CA ASP E 76 20.94 10.13 52.34
C ASP E 76 20.55 9.69 50.93
N LEU E 77 20.42 10.62 49.99
CA LEU E 77 20.00 10.26 48.65
C LEU E 77 20.21 11.42 47.70
N VAL E 78 20.88 11.18 46.57
CA VAL E 78 21.10 12.20 45.56
C VAL E 78 20.76 11.61 44.20
N ARG E 79 20.51 12.49 43.24
CA ARG E 79 20.23 12.11 41.87
C ARG E 79 21.39 12.57 41.00
N ILE E 80 21.92 11.66 40.19
CA ILE E 80 23.04 11.97 39.31
C ILE E 80 22.69 11.52 37.91
N PRO E 81 22.94 12.33 36.87
CA PRO E 81 22.65 11.88 35.52
C PRO E 81 23.41 10.60 35.19
N SER E 82 22.74 9.71 34.47
CA SER E 82 23.32 8.40 34.21
C SER E 82 24.53 8.45 33.30
N GLU E 83 24.68 9.52 32.51
CA GLU E 83 25.84 9.62 31.63
C GLU E 83 27.13 9.89 32.39
N LEU E 84 27.05 10.19 33.68
CA LEU E 84 28.22 10.45 34.49
C LEU E 84 28.65 9.25 35.32
N LEU E 85 27.90 8.16 35.28
CA LEU E 85 28.11 7.02 36.16
C LEU E 85 28.40 5.77 35.35
N TRP E 86 29.00 4.79 36.01
CA TRP E 86 29.12 3.46 35.44
C TRP E 86 27.77 2.78 35.46
N LEU E 87 27.39 2.18 34.33
CA LEU E 87 26.16 1.43 34.24
C LEU E 87 26.46 0.04 33.70
N PRO E 88 25.70 -0.97 34.15
CA PRO E 88 25.80 -2.28 33.51
C PRO E 88 25.03 -2.23 32.19
N ASP E 89 25.71 -2.51 31.09
CA ASP E 89 25.10 -2.28 29.79
C ASP E 89 24.02 -3.31 29.54
N VAL E 90 22.95 -3.26 30.31
CA VAL E 90 21.85 -4.22 30.18
C VAL E 90 21.00 -3.79 28.98
N VAL E 91 20.84 -4.69 28.02
CA VAL E 91 20.18 -4.38 26.76
C VAL E 91 19.16 -5.47 26.44
N LEU E 92 18.23 -5.13 25.56
CA LEU E 92 17.26 -6.09 25.05
C LEU E 92 17.91 -6.82 23.88
N GLU E 93 18.14 -8.12 24.04
CA GLU E 93 18.94 -8.85 23.06
C GLU E 93 18.13 -9.17 21.82
N ASN E 94 16.83 -9.41 21.95
CA ASN E 94 16.00 -9.90 20.86
C ASN E 94 15.19 -8.80 20.21
N ASN E 95 15.76 -7.60 20.10
CA ASN E 95 15.08 -6.51 19.43
C ASN E 95 15.05 -6.75 17.92
N VAL E 96 14.07 -6.15 17.26
CA VAL E 96 13.96 -6.25 15.82
C VAL E 96 14.83 -5.21 15.12
N ASP E 97 14.78 -3.97 15.59
CA ASP E 97 15.61 -2.90 15.05
C ASP E 97 16.93 -2.86 15.81
N GLY E 98 17.72 -1.82 15.58
CA GLY E 98 19.01 -1.73 16.23
C GLY E 98 18.99 -1.16 17.63
N GLN E 99 17.82 -0.84 18.16
CA GLN E 99 17.72 -0.18 19.45
C GLN E 99 18.00 -1.19 20.55
N PHE E 100 19.19 -1.11 21.13
CA PHE E 100 19.57 -1.95 22.27
C PHE E 100 19.27 -1.26 23.59
N GLU E 101 19.69 0.00 23.70
CA GLU E 101 19.64 0.72 24.96
C GLU E 101 18.22 1.20 25.26
N VAL E 102 18.06 1.88 26.39
CA VAL E 102 16.76 2.38 26.78
C VAL E 102 16.46 3.70 26.05
N ALA E 103 15.18 4.06 26.02
CA ALA E 103 14.77 5.25 25.28
C ALA E 103 15.31 6.52 25.92
N TYR E 104 15.10 6.67 27.23
CA TYR E 104 15.42 7.89 27.96
C TYR E 104 16.42 7.58 29.05
N TYR E 105 17.53 8.31 29.07
CA TYR E 105 18.58 8.08 30.06
C TYR E 105 18.28 8.94 31.27
N ALA E 106 17.52 8.38 32.20
CA ALA E 106 17.06 9.13 33.36
C ALA E 106 18.21 9.34 34.34
N ASN E 107 17.88 9.94 35.48
CA ASN E 107 18.83 10.08 36.57
C ASN E 107 18.87 8.79 37.38
N VAL E 108 19.99 8.57 38.05
CA VAL E 108 20.17 7.41 38.91
C VAL E 108 20.08 7.86 40.36
N LEU E 109 19.28 7.17 41.15
CA LEU E 109 19.20 7.43 42.57
C LEU E 109 20.35 6.71 43.28
N VAL E 110 21.06 7.43 44.13
CA VAL E 110 22.24 6.91 44.82
C VAL E 110 22.04 7.09 46.32
N TYR E 111 22.18 6.02 47.07
CA TYR E 111 22.03 6.05 48.51
C TYR E 111 23.39 6.00 49.20
N ASN E 112 23.43 6.45 50.45
CA ASN E 112 24.72 6.63 51.12
C ASN E 112 25.48 5.33 51.28
N ASP E 113 24.81 4.19 51.22
CA ASP E 113 25.50 2.92 51.31
C ASP E 113 26.10 2.49 49.98
N GLY E 114 25.86 3.25 48.92
CA GLY E 114 26.34 2.92 47.59
C GLY E 114 25.28 2.38 46.67
N SER E 115 24.08 2.10 47.17
CA SER E 115 23.06 1.50 46.35
C SER E 115 22.71 2.38 45.17
N MET E 116 22.54 1.76 44.00
CA MET E 116 22.18 2.45 42.77
C MET E 116 20.82 1.96 42.34
N TYR E 117 19.93 2.89 41.99
CA TYR E 117 18.57 2.56 41.60
C TYR E 117 18.24 3.33 40.33
N TRP E 118 18.13 2.63 39.21
CA TRP E 118 17.91 3.23 37.92
C TRP E 118 16.64 2.67 37.32
N LEU E 119 15.73 3.56 36.90
CA LEU E 119 14.42 3.17 36.41
C LEU E 119 14.12 3.94 35.13
N PRO E 120 14.81 3.61 34.04
CA PRO E 120 14.56 4.29 32.78
C PRO E 120 13.34 3.73 32.09
N PRO E 121 12.55 4.54 31.40
CA PRO E 121 11.49 4.02 30.56
C PRO E 121 11.99 3.69 29.17
N ALA E 122 11.26 2.80 28.49
CA ALA E 122 11.68 2.39 27.17
C ALA E 122 10.49 1.88 26.37
N ILE E 123 10.57 2.06 25.06
CA ILE E 123 9.65 1.47 24.11
C ILE E 123 10.43 0.40 23.37
N TYR E 124 10.12 -0.87 23.66
CA TYR E 124 10.89 -1.99 23.16
C TYR E 124 10.12 -2.69 22.05
N ARG E 125 10.77 -2.87 20.91
CA ARG E 125 10.24 -3.68 19.82
C ARG E 125 11.06 -4.96 19.79
N SER E 126 10.45 -6.07 20.21
CA SER E 126 11.14 -7.33 20.35
C SER E 126 10.59 -8.35 19.38
N THR E 127 11.45 -9.27 18.95
CA THR E 127 11.01 -10.35 18.08
C THR E 127 10.10 -11.30 18.85
N CYS E 128 9.04 -11.75 18.19
CA CYS E 128 8.14 -12.75 18.76
C CYS E 128 7.70 -13.66 17.62
N PRO E 129 8.32 -14.82 17.44
CA PRO E 129 7.86 -15.73 16.40
C PRO E 129 6.42 -16.15 16.67
N ILE E 130 5.58 -15.95 15.67
CA ILE E 130 4.13 -16.04 15.83
C ILE E 130 3.65 -17.37 15.27
N ALA E 131 2.83 -18.08 16.04
CA ALA E 131 2.21 -19.32 15.60
C ALA E 131 0.81 -19.01 15.09
N VAL E 132 0.57 -19.30 13.81
CA VAL E 132 -0.67 -18.92 13.15
C VAL E 132 -1.63 -20.08 13.06
N THR E 133 -1.31 -21.22 13.67
CA THR E 133 -2.08 -22.43 13.43
C THR E 133 -3.53 -22.29 13.82
N TYR E 134 -3.88 -21.33 14.67
CA TYR E 134 -5.23 -21.26 15.23
C TYR E 134 -5.83 -19.87 15.06
N PHE E 135 -5.27 -19.05 14.18
CA PHE E 135 -5.78 -17.72 13.99
C PHE E 135 -7.25 -17.78 13.57
N PRO E 136 -8.12 -16.93 14.13
CA PRO E 136 -7.91 -15.85 15.09
C PRO E 136 -8.15 -16.27 16.53
N PHE E 137 -8.18 -17.56 16.84
CA PHE E 137 -8.30 -18.02 18.21
C PHE E 137 -6.94 -18.34 18.83
N ASP E 138 -5.87 -17.84 18.24
CA ASP E 138 -4.53 -18.17 18.69
C ASP E 138 -4.18 -17.44 19.98
N TRP E 139 -3.22 -18.00 20.69
CA TRP E 139 -2.54 -17.33 21.79
C TRP E 139 -1.05 -17.33 21.50
N GLN E 140 -0.38 -16.24 21.81
CA GLN E 140 1.02 -16.05 21.50
C GLN E 140 1.86 -16.12 22.77
N ASN E 141 3.11 -16.54 22.61
CA ASN E 141 4.04 -16.71 23.71
C ASN E 141 5.26 -15.86 23.38
N CYS E 142 5.22 -14.59 23.75
CA CYS E 142 6.28 -13.64 23.43
C CYS E 142 7.19 -13.46 24.63
N SER E 143 8.45 -13.13 24.36
CA SER E 143 9.45 -13.03 25.42
C SER E 143 10.32 -11.80 25.20
N LEU E 144 10.84 -11.26 26.31
CA LEU E 144 11.81 -10.17 26.29
C LEU E 144 13.08 -10.67 26.95
N VAL E 145 14.16 -10.75 26.19
CA VAL E 145 15.42 -11.31 26.66
C VAL E 145 16.37 -10.17 26.98
N PHE E 146 16.80 -10.09 28.23
CA PHE E 146 17.72 -9.05 28.71
C PHE E 146 19.03 -9.70 29.12
N ARG E 147 20.14 -9.15 28.64
CA ARG E 147 21.45 -9.61 29.06
C ARG E 147 22.42 -8.44 28.95
N SER E 148 23.52 -8.53 29.68
CA SER E 148 24.54 -7.50 29.62
C SER E 148 25.25 -7.57 28.28
N GLN E 149 25.43 -6.42 27.65
CA GLN E 149 26.07 -6.37 26.35
C GLN E 149 27.59 -6.39 26.44
N THR E 150 28.15 -6.12 27.62
CA THR E 150 29.58 -5.98 27.77
C THR E 150 30.19 -7.04 28.68
N TYR E 151 29.70 -7.20 29.90
CA TYR E 151 30.36 -8.01 30.91
C TYR E 151 29.79 -9.41 30.96
N ASN E 152 30.67 -10.37 31.30
CA ASN E 152 30.32 -11.77 31.35
C ASN E 152 30.00 -12.19 32.78
N ALA E 153 29.73 -13.48 32.96
CA ALA E 153 29.28 -13.99 34.24
C ALA E 153 30.36 -13.94 35.32
N HIS E 154 31.61 -13.72 34.95
CA HIS E 154 32.69 -13.56 35.92
C HIS E 154 32.81 -12.14 36.43
N GLU E 155 32.06 -11.21 35.87
CA GLU E 155 32.08 -9.81 36.28
C GLU E 155 30.73 -9.34 36.81
N VAL E 156 29.64 -9.68 36.13
CA VAL E 156 28.30 -9.22 36.47
C VAL E 156 27.42 -10.44 36.65
N ASN E 157 26.63 -10.44 37.71
CA ASN E 157 25.74 -11.57 38.04
C ASN E 157 24.30 -11.08 37.96
N LEU E 158 23.67 -11.28 36.82
CA LEU E 158 22.29 -10.87 36.66
C LEU E 158 21.38 -11.71 37.54
N GLN E 159 20.42 -11.04 38.19
CA GLN E 159 19.49 -11.72 39.07
C GLN E 159 18.15 -11.02 38.99
N LEU E 160 17.12 -11.71 39.43
CA LEU E 160 15.78 -11.15 39.49
C LEU E 160 15.60 -10.41 40.81
N SER E 161 14.81 -9.36 40.78
CA SER E 161 14.62 -8.54 41.96
C SER E 161 13.95 -9.31 43.07
N ALA E 162 14.42 -9.11 44.29
CA ALA E 162 13.83 -9.71 45.48
C ALA E 162 13.14 -8.61 46.27
N GLU E 163 11.86 -8.82 46.56
CA GLU E 163 11.04 -7.83 47.25
C GLU E 163 10.48 -8.46 48.52
N GLU E 164 10.84 -7.89 49.67
CA GLU E 164 10.43 -8.41 50.97
C GLU E 164 10.99 -9.81 51.21
N GLY E 165 12.15 -10.11 50.64
CA GLY E 165 12.79 -11.39 50.81
C GLY E 165 12.27 -12.50 49.92
N GLU E 166 11.29 -12.21 49.07
CA GLU E 166 10.72 -13.20 48.16
C GLU E 166 10.97 -12.72 46.74
N ALA E 167 11.54 -13.61 45.91
CA ALA E 167 11.94 -13.22 44.57
C ALA E 167 10.72 -12.80 43.74
N VAL E 168 10.89 -11.76 42.94
CA VAL E 168 9.87 -11.30 42.00
C VAL E 168 10.11 -12.00 40.67
N GLU E 169 9.29 -13.01 40.38
CA GLU E 169 9.47 -13.85 39.21
C GLU E 169 8.39 -13.60 38.16
N TRP E 170 7.92 -12.37 38.05
CA TRP E 170 6.87 -12.05 37.10
C TRP E 170 7.06 -10.61 36.63
N ILE E 171 6.40 -10.29 35.52
CA ILE E 171 6.35 -8.89 35.08
C ILE E 171 5.39 -8.16 36.02
N HIS E 172 5.86 -7.05 36.58
CA HIS E 172 5.00 -6.27 37.48
C HIS E 172 4.00 -5.48 36.66
N ILE E 173 2.74 -5.54 37.07
CA ILE E 173 1.67 -4.78 36.43
C ILE E 173 0.97 -3.97 37.50
N ASP E 174 1.05 -2.65 37.39
CA ASP E 174 0.45 -1.76 38.37
C ASP E 174 -0.95 -1.37 37.94
N PRO E 175 -1.98 -1.66 38.72
CA PRO E 175 -3.34 -1.27 38.31
C PRO E 175 -3.49 0.21 38.08
N GLU E 176 -2.68 1.05 38.74
CA GLU E 176 -2.76 2.48 38.51
C GLU E 176 -2.32 2.84 37.11
N ASP E 177 -1.15 2.35 36.69
CA ASP E 177 -0.60 2.62 35.36
C ASP E 177 -0.68 1.33 34.56
N PHE E 178 -1.85 1.06 33.99
CA PHE E 178 -1.99 -0.04 33.05
C PHE E 178 -3.25 0.12 32.22
N THR E 179 -3.09 0.09 30.91
CA THR E 179 -4.21 0.18 29.97
C THR E 179 -4.34 -1.17 29.29
N GLU E 180 -5.44 -1.87 29.58
CA GLU E 180 -5.66 -3.17 28.95
C GLU E 180 -5.80 -3.00 27.44
N ASN E 181 -5.16 -3.89 26.70
CA ASN E 181 -4.95 -3.64 25.27
C ASN E 181 -6.27 -3.55 24.51
N GLY E 182 -7.19 -4.47 24.76
CA GLY E 182 -8.44 -4.52 24.04
C GLY E 182 -8.47 -5.59 22.97
N GLU E 183 -7.35 -5.85 22.30
CA GLU E 183 -7.25 -6.95 21.36
C GLU E 183 -6.55 -8.17 21.97
N TRP E 184 -5.63 -7.97 22.90
CA TRP E 184 -4.90 -9.05 23.55
C TRP E 184 -5.12 -8.98 25.04
N THR E 185 -5.25 -10.14 25.68
CA THR E 185 -5.35 -10.24 27.13
C THR E 185 -4.15 -11.00 27.64
N ILE E 186 -3.54 -10.50 28.70
CA ILE E 186 -2.38 -11.14 29.30
C ILE E 186 -2.86 -12.23 30.25
N ARG E 187 -2.43 -13.46 30.01
CA ARG E 187 -2.80 -14.60 30.85
C ARG E 187 -1.72 -14.98 31.84
N HIS E 188 -0.48 -15.11 31.37
CA HIS E 188 0.65 -15.38 32.23
C HIS E 188 1.77 -14.40 31.94
N ARG E 189 2.60 -14.14 32.94
CA ARG E 189 3.71 -13.20 32.81
C ARG E 189 4.84 -13.62 33.72
N PRO E 190 5.44 -14.77 33.47
CA PRO E 190 6.56 -15.23 34.30
C PRO E 190 7.89 -14.69 33.83
N ALA E 191 8.84 -14.66 34.76
CA ALA E 191 10.22 -14.30 34.47
C ALA E 191 11.15 -15.31 35.10
N LYS E 192 12.29 -15.56 34.46
CA LYS E 192 13.25 -16.50 34.99
C LYS E 192 14.63 -16.18 34.44
N LYS E 193 15.65 -16.65 35.16
CA LYS E 193 17.02 -16.53 34.70
C LYS E 193 17.38 -17.78 33.92
N ASN E 194 17.95 -17.59 32.73
CA ASN E 194 18.21 -18.68 31.81
C ASN E 194 19.69 -18.69 31.47
N TYR E 195 20.23 -19.88 31.25
CA TYR E 195 21.64 -20.07 30.92
C TYR E 195 21.76 -20.76 29.57
N ASN E 196 22.72 -20.31 28.77
CA ASN E 196 23.05 -20.95 27.50
C ASN E 196 24.24 -21.87 27.77
N TRP E 197 23.97 -23.14 28.05
CA TRP E 197 25.00 -24.05 28.50
C TRP E 197 26.01 -24.40 27.42
N GLN E 198 25.74 -24.04 26.16
CA GLN E 198 26.73 -24.25 25.12
C GLN E 198 27.93 -23.32 25.26
N LEU E 199 27.83 -22.29 26.09
CA LEU E 199 28.88 -21.31 26.29
C LEU E 199 29.40 -21.38 27.72
N THR E 200 30.66 -21.01 27.90
CA THR E 200 31.27 -21.00 29.22
C THR E 200 30.84 -19.74 29.97
N LYS E 201 31.33 -19.60 31.20
CA LYS E 201 31.00 -18.43 32.00
C LYS E 201 31.53 -17.14 31.38
N ASP E 202 32.42 -17.23 30.40
CA ASP E 202 32.80 -16.06 29.62
C ASP E 202 31.76 -15.87 28.52
N ASP E 203 32.14 -15.18 27.45
CA ASP E 203 31.39 -15.05 26.22
C ASP E 203 30.17 -14.15 26.37
N THR E 204 29.91 -13.59 27.56
CA THR E 204 28.98 -12.48 27.69
C THR E 204 27.53 -12.85 27.38
N ASP E 205 27.30 -14.02 26.78
CA ASP E 205 25.96 -14.47 26.44
C ASP E 205 25.54 -15.65 27.30
N PHE E 206 26.32 -15.99 28.32
CA PHE E 206 26.02 -17.15 29.14
C PHE E 206 24.70 -16.99 29.87
N GLN E 207 24.45 -15.82 30.45
CA GLN E 207 23.31 -15.60 31.33
C GLN E 207 22.33 -14.63 30.71
N GLU E 208 21.05 -14.86 30.98
CA GLU E 208 19.96 -14.05 30.44
C GLU E 208 18.93 -13.83 31.54
N ILE E 209 18.08 -12.84 31.34
CA ILE E 209 16.85 -12.70 32.10
C ILE E 209 15.74 -12.58 31.08
N ILE E 210 14.78 -13.49 31.14
CA ILE E 210 13.72 -13.58 30.13
C ILE E 210 12.40 -13.30 30.81
N PHE E 211 11.67 -12.33 30.29
CA PHE E 211 10.32 -12.01 30.75
C PHE E 211 9.35 -12.48 29.68
N PHE E 212 8.41 -13.34 30.06
CA PHE E 212 7.49 -13.94 29.13
C PHE E 212 6.12 -13.27 29.22
N LEU E 213 5.48 -13.10 28.07
CA LEU E 213 4.12 -12.59 27.98
C LEU E 213 3.31 -13.58 27.17
N ILE E 214 2.40 -14.30 27.82
CA ILE E 214 1.49 -15.20 27.15
C ILE E 214 0.17 -14.45 27.00
N ILE E 215 -0.13 -14.04 25.78
CA ILE E 215 -1.26 -13.16 25.48
C ILE E 215 -2.23 -13.90 24.58
N GLN E 216 -3.53 -13.74 24.86
CA GLN E 216 -4.58 -14.42 24.13
C GLN E 216 -5.40 -13.39 23.37
N ARG E 217 -5.60 -13.62 22.08
CA ARG E 217 -6.34 -12.67 21.27
C ARG E 217 -7.82 -12.73 21.60
N LYS E 218 -8.46 -11.57 21.64
CA LYS E 218 -9.92 -11.52 21.71
C LYS E 218 -10.48 -11.67 20.32
N PRO E 219 -11.23 -12.74 20.02
CA PRO E 219 -11.54 -13.06 18.63
C PRO E 219 -12.85 -12.50 18.10
N LEU E 220 -13.60 -11.74 18.90
CA LEU E 220 -14.91 -11.28 18.44
C LEU E 220 -14.81 -10.48 17.15
N PHE E 221 -13.85 -9.56 17.08
CA PHE E 221 -13.75 -8.70 15.92
C PHE E 221 -13.54 -9.50 14.65
N TYR E 222 -12.63 -10.47 14.69
CA TYR E 222 -12.33 -11.25 13.49
C TYR E 222 -13.46 -12.21 13.18
N ILE E 223 -14.14 -12.74 14.19
CA ILE E 223 -15.29 -13.59 13.95
C ILE E 223 -16.37 -12.83 13.20
N ILE E 224 -16.72 -11.64 13.69
CA ILE E 224 -17.79 -10.87 13.08
C ILE E 224 -17.41 -10.42 11.68
N ASN E 225 -16.19 -9.89 11.52
CA ASN E 225 -15.87 -9.16 10.32
C ASN E 225 -15.24 -9.99 9.22
N ILE E 226 -14.77 -11.21 9.52
CA ILE E 226 -14.13 -12.03 8.49
C ILE E 226 -14.73 -13.44 8.45
N ILE E 227 -14.73 -14.14 9.57
CA ILE E 227 -15.08 -15.55 9.56
C ILE E 227 -16.56 -15.75 9.26
N ALA E 228 -17.42 -15.02 9.95
CA ALA E 228 -18.86 -15.22 9.76
C ALA E 228 -19.29 -14.91 8.32
N PRO E 229 -18.92 -13.77 7.73
CA PRO E 229 -19.24 -13.58 6.32
C PRO E 229 -18.66 -14.65 5.42
N CYS E 230 -17.43 -15.10 5.68
CA CYS E 230 -16.82 -16.10 4.82
C CYS E 230 -17.63 -17.39 4.84
N VAL E 231 -18.01 -17.85 6.03
CA VAL E 231 -18.76 -19.09 6.14
C VAL E 231 -20.15 -18.93 5.53
N LEU E 232 -20.81 -17.80 5.79
CA LEU E 232 -22.15 -17.60 5.25
C LEU E 232 -22.12 -17.58 3.73
N ILE E 233 -21.13 -16.91 3.14
CA ILE E 233 -21.03 -16.88 1.69
C ILE E 233 -20.68 -18.25 1.14
N SER E 234 -19.76 -18.97 1.80
CA SER E 234 -19.38 -20.29 1.32
C SER E 234 -20.54 -21.28 1.36
N SER E 235 -21.46 -21.12 2.29
CA SER E 235 -22.60 -22.02 2.37
C SER E 235 -23.55 -21.88 1.21
N LEU E 236 -23.38 -20.86 0.37
CA LEU E 236 -24.32 -20.60 -0.72
C LEU E 236 -24.10 -21.51 -1.92
N VAL E 237 -22.97 -22.21 -2.02
CA VAL E 237 -22.73 -23.06 -3.18
C VAL E 237 -23.78 -24.14 -3.28
N VAL E 238 -24.16 -24.73 -2.14
CA VAL E 238 -25.12 -25.84 -2.17
C VAL E 238 -26.44 -25.44 -2.79
N LEU E 239 -26.72 -24.14 -2.89
CA LEU E 239 -27.98 -23.70 -3.47
C LEU E 239 -28.05 -23.96 -4.97
N VAL E 240 -26.92 -24.11 -5.64
CA VAL E 240 -26.92 -24.27 -7.09
C VAL E 240 -27.59 -25.56 -7.53
N TYR E 241 -27.88 -26.47 -6.60
CA TYR E 241 -28.54 -27.71 -6.94
C TYR E 241 -30.05 -27.60 -7.00
N PHE E 242 -30.61 -26.43 -6.72
CA PHE E 242 -32.04 -26.22 -6.84
C PHE E 242 -32.41 -25.25 -7.96
N LEU E 243 -31.43 -24.61 -8.57
CA LEU E 243 -31.72 -23.77 -9.71
C LEU E 243 -31.98 -24.64 -10.94
N PRO E 244 -32.88 -24.21 -11.82
CA PRO E 244 -33.16 -25.02 -13.02
C PRO E 244 -31.92 -25.15 -13.89
N ALA E 245 -31.79 -26.32 -14.51
CA ALA E 245 -30.65 -26.61 -15.38
C ALA E 245 -31.03 -26.27 -16.82
N GLN E 246 -30.95 -24.98 -17.13
CA GLN E 246 -31.25 -24.49 -18.47
C GLN E 246 -30.77 -23.05 -18.57
N ALA E 247 -30.96 -22.45 -19.73
CA ALA E 247 -30.58 -21.06 -19.92
C ALA E 247 -31.38 -20.18 -18.97
N GLY E 248 -30.69 -19.28 -18.28
CA GLY E 248 -31.33 -18.42 -17.31
C GLY E 248 -31.40 -19.00 -15.91
N GLY E 249 -31.04 -20.27 -15.73
CA GLY E 249 -30.98 -20.81 -14.39
C GLY E 249 -29.83 -20.21 -13.59
N GLN E 250 -28.71 -19.97 -14.24
CA GLN E 250 -27.54 -19.35 -13.61
C GLN E 250 -26.94 -20.23 -12.53
N LYS E 251 -26.73 -21.50 -12.86
CA LYS E 251 -25.94 -22.35 -11.97
C LYS E 251 -24.48 -21.92 -11.97
N CYS E 252 -23.90 -21.78 -13.16
CA CYS E 252 -22.48 -21.46 -13.24
C CYS E 252 -22.20 -20.07 -12.69
N THR E 253 -23.11 -19.12 -12.93
CA THR E 253 -22.93 -17.79 -12.39
C THR E 253 -22.76 -17.82 -10.88
N LEU E 254 -23.71 -18.46 -10.18
CA LEU E 254 -23.65 -18.51 -8.72
C LEU E 254 -22.42 -19.27 -8.26
N SER E 255 -22.12 -20.42 -8.88
CA SER E 255 -20.98 -21.22 -8.45
C SER E 255 -19.68 -20.43 -8.57
N ILE E 256 -19.46 -19.83 -9.74
CA ILE E 256 -18.21 -19.11 -9.97
C ILE E 256 -18.15 -17.87 -9.09
N SER E 257 -19.28 -17.23 -8.83
CA SER E 257 -19.28 -16.07 -7.94
C SER E 257 -18.81 -16.48 -6.55
N VAL E 258 -19.33 -17.60 -6.04
CA VAL E 258 -18.91 -18.02 -4.70
C VAL E 258 -17.45 -18.43 -4.70
N LEU E 259 -16.98 -19.07 -5.77
CA LEU E 259 -15.57 -19.42 -5.86
C LEU E 259 -14.69 -18.19 -5.80
N LEU E 260 -15.03 -17.15 -6.56
CA LEU E 260 -14.23 -15.94 -6.55
C LEU E 260 -14.28 -15.25 -5.18
N ALA E 261 -15.45 -15.26 -4.54
CA ALA E 261 -15.54 -14.68 -3.21
C ALA E 261 -14.63 -15.39 -2.23
N GLN E 262 -14.59 -16.72 -2.29
CA GLN E 262 -13.70 -17.47 -1.42
C GLN E 262 -12.25 -17.14 -1.70
N THR E 263 -11.88 -16.98 -2.97
CA THR E 263 -10.50 -16.61 -3.29
C THR E 263 -10.16 -15.25 -2.70
N ILE E 264 -11.09 -14.29 -2.81
CA ILE E 264 -10.85 -12.97 -2.24
C ILE E 264 -10.67 -13.06 -0.74
N PHE E 265 -11.47 -13.89 -0.08
CA PHE E 265 -11.33 -14.02 1.37
C PHE E 265 -9.99 -14.67 1.73
N LEU E 266 -9.52 -15.61 0.91
CA LEU E 266 -8.19 -16.18 1.13
C LEU E 266 -7.13 -15.10 1.06
N PHE E 267 -7.21 -14.22 0.06
CA PHE E 267 -6.25 -13.14 -0.04
C PHE E 267 -6.31 -12.25 1.19
N LEU E 268 -7.52 -11.92 1.63
CA LEU E 268 -7.67 -11.07 2.81
C LEU E 268 -7.00 -11.70 4.02
N ILE E 269 -7.26 -12.98 4.26
CA ILE E 269 -6.61 -13.66 5.38
C ILE E 269 -5.10 -13.60 5.21
N ALA E 270 -4.61 -13.78 3.98
CA ALA E 270 -3.17 -13.69 3.73
C ALA E 270 -2.61 -12.35 4.17
N GLN E 271 -3.36 -11.26 3.98
CA GLN E 271 -2.88 -9.95 4.40
C GLN E 271 -2.83 -9.79 5.92
N LYS E 272 -3.40 -10.71 6.69
CA LYS E 272 -3.52 -10.55 8.14
C LYS E 272 -2.55 -11.41 8.93
N VAL E 273 -1.70 -12.20 8.29
CA VAL E 273 -0.83 -13.13 8.99
C VAL E 273 0.59 -13.02 8.44
N PRO E 274 1.61 -13.43 9.19
CA PRO E 274 2.98 -13.34 8.69
C PRO E 274 3.21 -14.29 7.53
N GLU E 275 4.21 -13.95 6.71
CA GLU E 275 4.57 -14.77 5.57
C GLU E 275 5.47 -15.93 5.93
N THR E 276 5.53 -16.31 7.20
CA THR E 276 6.29 -17.49 7.57
C THR E 276 5.61 -18.74 7.04
N SER E 277 6.40 -19.77 6.80
CA SER E 277 5.96 -20.98 6.13
C SER E 277 5.98 -22.19 7.06
N LEU E 278 6.06 -21.97 8.36
CA LEU E 278 6.12 -23.08 9.29
C LEU E 278 4.77 -23.77 9.46
N ASN E 279 3.68 -23.05 9.27
CA ASN E 279 2.35 -23.63 9.40
C ASN E 279 1.37 -22.87 8.53
N VAL E 280 0.24 -23.50 8.25
CA VAL E 280 -0.86 -22.89 7.51
C VAL E 280 -1.95 -22.51 8.50
N PRO E 281 -2.44 -21.27 8.48
CA PRO E 281 -3.49 -20.90 9.42
C PRO E 281 -4.73 -21.77 9.25
N LEU E 282 -5.42 -22.01 10.35
CA LEU E 282 -6.60 -22.87 10.32
C LEU E 282 -7.63 -22.35 9.33
N ILE E 283 -7.95 -21.06 9.40
CA ILE E 283 -8.91 -20.48 8.48
C ILE E 283 -8.42 -20.61 7.05
N GLY E 284 -7.10 -20.58 6.84
CA GLY E 284 -6.58 -20.80 5.50
C GLY E 284 -6.84 -22.21 5.01
N LYS E 285 -6.68 -23.21 5.87
CA LYS E 285 -7.03 -24.57 5.50
C LYS E 285 -8.51 -24.68 5.16
N TYR E 286 -9.36 -24.03 5.96
CA TYR E 286 -10.78 -24.04 5.67
C TYR E 286 -11.08 -23.43 4.31
N LEU E 287 -10.46 -22.29 4.02
CA LEU E 287 -10.72 -21.62 2.75
C LEU E 287 -10.25 -22.46 1.58
N ILE E 288 -9.08 -23.09 1.69
CA ILE E 288 -8.63 -23.97 0.62
C ILE E 288 -9.60 -25.12 0.43
N PHE E 289 -10.08 -25.70 1.53
CA PHE E 289 -10.99 -26.82 1.42
C PHE E 289 -12.29 -26.43 0.74
N VAL E 290 -12.86 -25.28 1.12
CA VAL E 290 -14.12 -24.88 0.50
C VAL E 290 -13.90 -24.45 -0.94
N MET E 291 -12.75 -23.88 -1.27
CA MET E 291 -12.46 -23.60 -2.67
C MET E 291 -12.43 -24.88 -3.49
N PHE E 292 -11.79 -25.92 -2.96
CA PHE E 292 -11.77 -27.20 -3.67
C PHE E 292 -13.18 -27.77 -3.81
N VAL E 293 -13.97 -27.70 -2.74
CA VAL E 293 -15.33 -28.22 -2.79
C VAL E 293 -16.16 -27.46 -3.81
N SER E 294 -16.03 -26.13 -3.85
CA SER E 294 -16.85 -25.36 -4.77
C SER E 294 -16.36 -25.51 -6.21
N MET E 295 -15.07 -25.79 -6.42
CA MET E 295 -14.62 -26.18 -7.75
C MET E 295 -15.26 -27.49 -8.17
N LEU E 296 -15.35 -28.44 -7.24
CA LEU E 296 -16.05 -29.68 -7.53
C LEU E 296 -17.52 -29.41 -7.87
N ILE E 297 -18.15 -28.49 -7.14
CA ILE E 297 -19.54 -28.15 -7.41
C ILE E 297 -19.69 -27.49 -8.77
N VAL E 298 -18.73 -26.66 -9.18
CA VAL E 298 -18.77 -26.09 -10.52
C VAL E 298 -18.71 -27.20 -11.56
N MET E 299 -17.80 -28.15 -11.38
CA MET E 299 -17.73 -29.27 -12.31
C MET E 299 -19.06 -30.02 -12.35
N ASN E 300 -19.64 -30.26 -11.18
CA ASN E 300 -20.89 -31.01 -11.12
C ASN E 300 -22.02 -30.25 -11.79
N CYS E 301 -22.06 -28.94 -11.63
CA CYS E 301 -23.06 -28.14 -12.33
C CYS E 301 -22.88 -28.24 -13.83
N VAL E 302 -21.64 -28.20 -14.30
CA VAL E 302 -21.40 -28.35 -15.73
C VAL E 302 -21.90 -29.71 -16.21
N ILE E 303 -21.64 -30.76 -15.43
CA ILE E 303 -22.07 -32.09 -15.83
C ILE E 303 -23.59 -32.18 -15.87
N VAL E 304 -24.26 -31.62 -14.87
CA VAL E 304 -25.72 -31.66 -14.83
C VAL E 304 -26.30 -30.89 -16.01
N LEU E 305 -25.74 -29.73 -16.33
CA LEU E 305 -26.21 -28.97 -17.47
C LEU E 305 -26.01 -29.76 -18.76
N ASN E 306 -24.87 -30.40 -18.91
CA ASN E 306 -24.62 -31.18 -20.11
C ASN E 306 -25.62 -32.34 -20.22
N VAL E 307 -25.97 -32.95 -19.10
CA VAL E 307 -26.92 -34.06 -19.14
C VAL E 307 -28.32 -33.57 -19.47
N SER E 308 -28.75 -32.48 -18.84
CA SER E 308 -30.14 -32.06 -18.95
C SER E 308 -30.49 -31.57 -20.35
N LEU E 309 -29.57 -30.88 -21.02
CA LEU E 309 -29.87 -30.25 -22.29
C LEU E 309 -29.62 -31.18 -23.47
N ARG E 310 -29.41 -32.46 -23.21
CA ARG E 310 -29.24 -33.43 -24.29
C ARG E 310 -30.55 -33.65 -25.03
N THR E 311 -30.44 -33.94 -26.32
CA THR E 311 -31.56 -34.15 -27.20
C THR E 311 -31.38 -35.48 -27.92
N PRO E 312 -32.48 -36.08 -28.40
CA PRO E 312 -32.34 -37.36 -29.12
C PRO E 312 -31.48 -37.27 -30.35
N ASN E 313 -31.32 -36.08 -30.92
CA ASN E 313 -30.50 -35.90 -32.12
C ASN E 313 -29.03 -36.20 -31.85
N THR E 314 -28.48 -35.74 -30.73
CA THR E 314 -27.06 -35.87 -30.44
C THR E 314 -26.75 -37.11 -29.61
N HIS E 315 -27.32 -37.22 -28.42
CA HIS E 315 -27.03 -38.30 -27.50
C HIS E 315 -28.27 -39.16 -27.31
N SER E 316 -28.10 -40.47 -27.43
CA SER E 316 -29.20 -41.42 -27.39
C SER E 316 -29.31 -41.98 -25.97
N LEU E 317 -30.50 -41.86 -25.39
CA LEU E 317 -30.75 -42.39 -24.05
C LEU E 317 -30.89 -43.90 -24.14
N SER E 318 -29.96 -44.62 -23.49
CA SER E 318 -29.97 -46.07 -23.54
C SER E 318 -31.04 -46.64 -22.62
N GLU E 319 -31.05 -47.96 -22.44
CA GLU E 319 -31.92 -48.60 -21.47
C GLU E 319 -31.24 -48.74 -20.12
N LYS E 320 -29.92 -48.95 -20.09
CA LYS E 320 -29.20 -49.01 -18.82
C LYS E 320 -29.30 -47.68 -18.08
N ILE E 321 -29.00 -46.59 -18.76
CA ILE E 321 -29.02 -45.27 -18.13
C ILE E 321 -30.44 -44.93 -17.67
N LYS E 322 -31.42 -45.13 -18.56
CA LYS E 322 -32.80 -44.88 -18.20
C LYS E 322 -33.21 -45.68 -16.98
N HIS E 323 -33.02 -47.00 -17.00
CA HIS E 323 -33.39 -47.86 -15.88
C HIS E 323 -32.72 -47.46 -14.58
N LEU E 324 -31.40 -47.25 -14.59
CA LEU E 324 -30.70 -46.85 -13.37
C LEU E 324 -31.22 -45.52 -12.85
N PHE E 325 -31.09 -44.47 -13.65
CA PHE E 325 -31.28 -43.13 -13.11
C PHE E 325 -32.75 -42.77 -12.91
N LEU E 326 -33.66 -43.50 -13.56
CA LEU E 326 -35.08 -43.27 -13.38
C LEU E 326 -35.75 -44.40 -12.62
N GLY E 327 -34.96 -45.35 -12.09
CA GLY E 327 -35.49 -46.44 -11.31
C GLY E 327 -35.09 -46.36 -9.86
N PHE E 328 -34.04 -47.10 -9.48
CA PHE E 328 -33.62 -47.24 -8.10
C PHE E 328 -33.10 -45.93 -7.51
N LEU E 329 -32.21 -45.23 -8.20
CA LEU E 329 -31.63 -44.01 -7.63
C LEU E 329 -32.69 -42.99 -7.22
N PRO E 330 -33.71 -42.70 -8.02
CA PRO E 330 -34.79 -41.84 -7.51
C PRO E 330 -35.47 -42.41 -6.27
N LYS E 331 -35.55 -43.73 -6.15
CA LYS E 331 -36.26 -44.33 -5.03
C LYS E 331 -35.61 -43.94 -3.70
N TYR E 332 -34.29 -44.00 -3.63
CA TYR E 332 -33.60 -43.70 -2.39
C TYR E 332 -33.58 -42.19 -2.13
N LEU E 333 -33.63 -41.39 -3.20
CA LEU E 333 -33.67 -39.95 -3.06
C LEU E 333 -32.37 -39.39 -2.48
N PRO E 411 -60.05 -35.86 -56.77
CA PRO E 411 -58.83 -35.10 -57.07
C PRO E 411 -58.39 -34.21 -55.92
N GLU E 412 -59.12 -33.12 -55.70
CA GLU E 412 -58.80 -32.24 -54.58
C GLU E 412 -58.99 -32.96 -53.25
N ILE E 413 -60.00 -33.82 -53.16
CA ILE E 413 -60.29 -34.52 -51.91
C ILE E 413 -59.10 -35.39 -51.52
N LYS E 414 -58.50 -36.07 -52.49
CA LYS E 414 -57.34 -36.90 -52.20
C LYS E 414 -56.20 -36.06 -51.63
N SER E 415 -55.95 -34.90 -52.23
CA SER E 415 -54.90 -34.02 -51.74
C SER E 415 -55.19 -33.57 -50.31
N CYS E 416 -56.44 -33.21 -50.03
CA CYS E 416 -56.78 -32.79 -48.67
C CYS E 416 -56.55 -33.91 -47.67
N VAL E 417 -56.93 -35.13 -48.04
CA VAL E 417 -56.73 -36.27 -47.14
C VAL E 417 -55.25 -36.48 -46.87
N GLU E 418 -54.43 -36.42 -47.93
CA GLU E 418 -53.00 -36.60 -47.76
C GLU E 418 -52.42 -35.52 -46.85
N ALA E 419 -52.86 -34.28 -47.04
CA ALA E 419 -52.36 -33.19 -46.22
C ALA E 419 -52.72 -33.40 -44.76
N CYS E 420 -53.97 -33.80 -44.49
CA CYS E 420 -54.37 -34.03 -43.10
C CYS E 420 -53.53 -35.14 -42.47
N ASN E 421 -53.31 -36.23 -43.21
CA ASN E 421 -52.49 -37.32 -42.68
C ASN E 421 -51.09 -36.82 -42.35
N PHE E 422 -50.51 -36.03 -43.26
CA PHE E 422 -49.17 -35.52 -43.03
C PHE E 422 -49.12 -34.65 -41.78
N ILE E 423 -50.14 -33.80 -41.60
CA ILE E 423 -50.16 -32.91 -40.45
C ILE E 423 -50.19 -33.71 -39.16
N ALA E 424 -51.06 -34.72 -39.11
CA ALA E 424 -51.16 -35.54 -37.91
C ALA E 424 -49.82 -36.22 -37.61
N LYS E 425 -49.21 -36.81 -38.64
CA LYS E 425 -47.95 -37.51 -38.45
C LYS E 425 -46.88 -36.58 -37.88
N SER E 426 -46.75 -35.40 -38.47
CA SER E 426 -45.71 -34.47 -38.03
C SER E 426 -45.93 -34.04 -36.58
N THR E 427 -47.18 -33.74 -36.22
CA THR E 427 -47.44 -33.33 -34.85
C THR E 427 -47.06 -34.45 -33.87
N LYS E 428 -47.42 -35.69 -34.20
CA LYS E 428 -47.09 -36.80 -33.31
C LYS E 428 -45.58 -36.93 -33.14
N GLU E 429 -44.84 -36.81 -34.24
CA GLU E 429 -43.38 -36.92 -34.15
C GLU E 429 -42.80 -35.85 -33.22
N GLN E 430 -43.27 -34.61 -33.38
CA GLN E 430 -42.75 -33.53 -32.54
C GLN E 430 -43.04 -33.81 -31.06
N ASN E 431 -44.24 -34.29 -30.76
CA ASN E 431 -44.59 -34.56 -29.38
C ASN E 431 -43.68 -35.63 -28.79
N ASP E 432 -43.40 -36.69 -29.56
CA ASP E 432 -42.50 -37.72 -29.05
C ASP E 432 -41.12 -37.18 -28.75
N SER E 433 -40.59 -36.33 -29.65
CA SER E 433 -39.30 -35.71 -29.40
C SER E 433 -39.30 -34.94 -28.07
N GLY E 434 -40.35 -34.15 -27.86
CA GLY E 434 -40.46 -33.41 -26.61
C GLY E 434 -40.44 -34.33 -25.40
N SER E 435 -41.14 -35.47 -25.50
CA SER E 435 -41.16 -36.41 -24.38
C SER E 435 -39.76 -36.91 -24.05
N GLU E 436 -38.98 -37.22 -25.08
CA GLU E 436 -37.61 -37.70 -24.83
C GLU E 436 -36.79 -36.62 -24.12
N ASN E 437 -36.94 -35.37 -24.57
CA ASN E 437 -36.23 -34.27 -23.90
C ASN E 437 -36.60 -34.22 -22.42
N GLU E 438 -37.89 -34.38 -22.12
CA GLU E 438 -38.32 -34.34 -20.73
C GLU E 438 -37.68 -35.47 -19.92
N ASN E 439 -37.54 -36.65 -20.51
CA ASN E 439 -36.88 -37.74 -19.82
C ASN E 439 -35.46 -37.36 -19.42
N TRP E 440 -34.73 -36.76 -20.36
CA TRP E 440 -33.37 -36.33 -20.04
C TRP E 440 -33.36 -35.31 -18.90
N VAL E 441 -34.33 -34.38 -18.93
CA VAL E 441 -34.40 -33.37 -17.87
C VAL E 441 -34.58 -34.04 -16.51
N LEU E 442 -35.44 -35.05 -16.44
CA LEU E 442 -35.66 -35.74 -15.18
C LEU E 442 -34.39 -36.42 -14.68
N ILE E 443 -33.66 -37.06 -15.59
CA ILE E 443 -32.39 -37.67 -15.19
C ILE E 443 -31.48 -36.63 -14.55
N GLY E 444 -31.42 -35.45 -15.20
CA GLY E 444 -30.59 -34.39 -14.65
C GLY E 444 -31.01 -33.98 -13.26
N LYS E 445 -32.31 -33.86 -13.02
CA LYS E 445 -32.78 -33.48 -11.69
C LYS E 445 -32.38 -34.51 -10.65
N VAL E 446 -32.47 -35.80 -10.99
CA VAL E 446 -32.07 -36.84 -10.03
C VAL E 446 -30.60 -36.68 -9.66
N ILE E 447 -29.75 -36.51 -10.67
CA ILE E 447 -28.33 -36.31 -10.40
C ILE E 447 -28.13 -35.11 -9.49
N ASP E 448 -28.87 -34.04 -9.75
CA ASP E 448 -28.78 -32.84 -8.93
C ASP E 448 -29.03 -33.16 -7.47
N LYS E 449 -30.12 -33.87 -7.19
CA LYS E 449 -30.48 -34.14 -5.80
C LYS E 449 -29.39 -34.96 -5.10
N ALA E 450 -28.91 -36.01 -5.76
CA ALA E 450 -27.89 -36.85 -5.15
C ALA E 450 -26.64 -36.02 -4.82
N CYS E 451 -26.14 -35.29 -5.82
CA CYS E 451 -24.94 -34.51 -5.60
C CYS E 451 -25.17 -33.44 -4.54
N PHE E 452 -26.39 -32.92 -4.42
CA PHE E 452 -26.65 -31.94 -3.37
C PHE E 452 -26.43 -32.55 -2.01
N TRP E 453 -26.96 -33.75 -1.78
CA TRP E 453 -26.77 -34.36 -0.48
C TRP E 453 -25.28 -34.58 -0.20
N ILE E 454 -24.55 -35.07 -1.20
CA ILE E 454 -23.12 -35.29 -1.00
C ILE E 454 -22.42 -33.99 -0.61
N ALA E 455 -22.69 -32.92 -1.37
CA ALA E 455 -22.01 -31.66 -1.15
C ALA E 455 -22.36 -31.07 0.21
N LEU E 456 -23.62 -31.15 0.62
CA LEU E 456 -23.99 -30.64 1.93
C LEU E 456 -23.26 -31.41 3.03
N LEU E 457 -23.16 -32.73 2.88
CA LEU E 457 -22.41 -33.51 3.86
C LEU E 457 -20.98 -33.00 3.96
N LEU E 458 -20.31 -32.85 2.82
CA LEU E 458 -18.92 -32.40 2.83
C LEU E 458 -18.79 -31.05 3.51
N PHE E 459 -19.63 -30.09 3.11
CA PHE E 459 -19.51 -28.75 3.63
C PHE E 459 -19.74 -28.72 5.13
N SER E 460 -20.76 -29.43 5.60
CA SER E 460 -21.05 -29.44 7.03
C SER E 460 -19.91 -30.08 7.81
N ILE E 461 -19.36 -31.18 7.31
CA ILE E 461 -18.25 -31.83 7.99
C ILE E 461 -17.08 -30.85 8.13
N GLY E 462 -16.73 -30.19 7.03
CA GLY E 462 -15.60 -29.27 7.08
C GLY E 462 -15.83 -28.13 8.06
N THR E 463 -17.00 -27.50 7.98
CA THR E 463 -17.27 -26.35 8.85
C THR E 463 -17.27 -26.77 10.31
N LEU E 464 -17.89 -27.91 10.62
CA LEU E 464 -17.92 -28.36 12.01
C LEU E 464 -16.53 -28.68 12.50
N ALA E 465 -15.71 -29.31 11.67
CA ALA E 465 -14.35 -29.65 12.08
C ALA E 465 -13.59 -28.39 12.44
N ILE E 466 -13.68 -27.38 11.58
CA ILE E 466 -12.95 -26.14 11.83
C ILE E 466 -13.46 -25.47 13.10
N PHE E 467 -14.78 -25.42 13.27
CA PHE E 467 -15.37 -24.80 14.45
C PHE E 467 -14.86 -25.49 15.72
N LEU E 468 -14.91 -26.82 15.74
CA LEU E 468 -14.46 -27.58 16.89
C LEU E 468 -13.00 -27.29 17.20
N THR E 469 -12.15 -27.37 16.17
CA THR E 469 -10.72 -27.20 16.38
C THR E 469 -10.43 -25.81 16.93
N GLY E 470 -11.06 -24.79 16.36
CA GLY E 470 -10.85 -23.43 16.83
C GLY E 470 -11.33 -23.19 18.24
N HIS E 471 -12.54 -23.67 18.56
CA HIS E 471 -13.13 -23.37 19.86
C HIS E 471 -12.50 -24.18 20.98
N PHE E 472 -11.71 -25.19 20.67
CA PHE E 472 -11.14 -26.07 21.68
C PHE E 472 -9.66 -25.77 21.95
N ASN E 473 -9.14 -24.67 21.43
CA ASN E 473 -7.76 -24.27 21.67
C ASN E 473 -7.74 -23.37 22.90
N GLN E 474 -7.28 -23.91 24.02
CA GLN E 474 -7.24 -23.15 25.27
C GLN E 474 -5.80 -22.88 25.67
N VAL E 475 -5.56 -21.71 26.22
CA VAL E 475 -4.22 -21.34 26.65
C VAL E 475 -3.80 -22.26 27.79
N PRO E 476 -2.54 -22.69 27.86
CA PRO E 476 -2.15 -23.67 28.88
C PRO E 476 -2.40 -23.15 30.28
N GLU E 477 -2.70 -24.07 31.19
CA GLU E 477 -3.03 -23.69 32.55
C GLU E 477 -1.81 -23.13 33.28
N PHE E 478 -0.64 -23.71 33.06
CA PHE E 478 0.57 -23.27 33.75
C PHE E 478 1.50 -22.56 32.78
N PRO E 479 2.24 -21.54 33.25
CA PRO E 479 3.14 -20.84 32.33
C PRO E 479 4.16 -21.74 31.67
N PHE E 480 4.75 -22.65 32.44
CA PHE E 480 5.67 -23.65 31.92
C PHE E 480 5.06 -25.03 32.15
N PRO E 481 4.77 -25.81 31.11
CA PRO E 481 4.03 -27.07 31.34
C PRO E 481 4.68 -27.99 32.35
N GLY E 482 6.01 -28.08 32.36
CA GLY E 482 6.65 -28.96 33.32
C GLY E 482 6.43 -28.54 34.75
N ASP E 483 6.61 -27.25 35.04
CA ASP E 483 6.61 -26.78 36.41
C ASP E 483 5.21 -26.80 37.01
N PRO E 484 5.09 -26.91 38.33
CA PRO E 484 3.78 -26.78 38.99
C PRO E 484 3.48 -25.40 39.55
N ARG E 485 4.34 -24.40 39.35
CA ARG E 485 4.21 -23.10 39.98
C ARG E 485 3.40 -22.15 39.09
N LYS E 486 2.76 -21.18 39.73
CA LYS E 486 1.86 -20.28 39.03
C LYS E 486 2.54 -19.00 38.57
N TYR E 487 3.59 -18.57 39.25
CA TYR E 487 4.34 -17.36 38.86
C TYR E 487 3.44 -16.14 38.85
N VAL E 488 2.77 -15.90 39.97
CA VAL E 488 1.95 -14.71 40.14
C VAL E 488 2.19 -14.13 41.53
N PRO E 489 1.92 -12.83 41.71
CA PRO E 489 2.14 -12.20 43.00
C PRO E 489 1.19 -12.74 44.07
C1 NAG F . 27.52 -17.90 -4.36
C2 NAG F . 28.32 -19.04 -4.97
C3 NAG F . 29.79 -18.91 -4.60
C4 NAG F . 30.31 -17.51 -4.90
C5 NAG F . 29.39 -16.45 -4.35
C6 NAG F . 29.77 -15.05 -4.77
C7 NAG F . 26.80 -20.96 -5.18
C8 NAG F . 26.39 -22.27 -4.61
N2 NAG F . 27.79 -20.33 -4.55
O3 NAG F . 30.54 -19.88 -5.33
O4 NAG F . 31.59 -17.34 -4.28
O5 NAG F . 28.05 -16.66 -4.80
O6 NAG F . 28.72 -14.42 -5.48
O7 NAG F . 26.28 -20.50 -6.18
C1 NAG F . 32.68 -17.94 -4.99
C2 NAG F . 33.91 -17.09 -4.68
C3 NAG F . 35.15 -17.70 -5.30
C4 NAG F . 35.30 -19.16 -4.88
C5 NAG F . 34.02 -19.91 -5.21
C6 NAG F . 34.03 -21.34 -4.73
C7 NAG F . 33.48 -14.69 -4.34
C8 NAG F . 33.32 -13.35 -4.99
N2 NAG F . 33.72 -15.72 -5.15
O3 NAG F . 36.30 -16.96 -4.89
O4 NAG F . 36.37 -19.75 -5.60
O5 NAG F . 32.90 -19.27 -4.57
O6 NAG F . 32.72 -21.79 -4.42
O7 NAG F . 33.39 -14.83 -3.12
C1 BMA F . 37.50 -19.97 -4.71
C2 BMA F . 38.36 -21.06 -5.35
C3 BMA F . 39.64 -21.24 -4.57
C4 BMA F . 40.35 -19.91 -4.36
C5 BMA F . 39.39 -18.95 -3.68
C6 BMA F . 40.01 -17.58 -3.41
O2 BMA F . 38.75 -20.66 -6.65
O3 BMA F . 40.51 -22.17 -5.19
O4 BMA F . 41.51 -20.09 -3.58
O5 BMA F . 38.25 -18.77 -4.53
O6 BMA F . 40.41 -17.02 -4.65
C1 MAN F . 41.16 -15.82 -4.39
C2 MAN F . 41.26 -15.05 -5.72
C3 MAN F . 42.18 -15.78 -6.69
C4 MAN F . 43.52 -16.09 -6.01
C5 MAN F . 43.25 -16.91 -4.77
C6 MAN F . 44.52 -17.30 -4.01
O2 MAN F . 41.86 -13.76 -5.52
O3 MAN F . 42.38 -15.05 -7.89
O4 MAN F . 44.35 -16.81 -6.90
O5 MAN F . 42.44 -16.15 -3.88
O6 MAN F . 45.37 -16.17 -3.97
C1 MAN F . 46.71 -16.60 -4.30
C2 MAN F . 47.45 -16.93 -2.97
C3 MAN F . 47.83 -15.65 -2.22
C4 MAN F . 48.49 -14.63 -3.15
C5 MAN F . 47.58 -14.36 -4.35
C6 MAN F . 48.16 -13.38 -5.34
O2 MAN F . 48.68 -17.60 -3.22
O3 MAN F . 48.70 -15.92 -1.11
O4 MAN F . 48.72 -13.42 -2.45
O5 MAN F . 47.37 -15.60 -5.04
O6 MAN F . 47.20 -13.17 -6.37
C1 NAG G . 20.41 15.12 -20.03
C2 NAG G . 20.50 15.52 -21.50
C3 NAG G . 21.46 16.68 -21.68
C4 NAG G . 21.08 17.84 -20.77
C5 NAG G . 21.00 17.35 -19.33
C6 NAG G . 20.52 18.41 -18.38
C7 NAG G . 20.09 13.84 -23.22
C8 NAG G . 20.66 12.68 -23.99
N2 NAG G . 20.90 14.40 -22.32
O3 NAG G . 21.43 17.10 -23.04
O4 NAG G . 22.06 18.86 -20.85
O5 NAG G . 20.06 16.25 -19.25
O6 NAG G . 20.38 17.89 -17.06
O7 NAG G . 18.95 14.24 -23.42
C1 NAG G . 21.46 20.05 -21.42
C2 NAG G . 22.53 21.14 -21.39
C3 NAG G . 22.00 22.42 -22.04
C4 NAG G . 21.44 22.11 -23.43
C5 NAG G . 20.43 20.99 -23.35
C6 NAG G . 19.90 20.55 -24.70
C7 NAG G . 24.16 21.10 -19.56
C8 NAG G . 24.42 21.44 -18.12
N2 NAG G . 22.95 21.41 -20.02
O3 NAG G . 23.06 23.36 -22.13
O4 NAG G . 20.83 23.28 -23.96
O5 NAG G . 21.04 19.83 -22.75
O6 NAG G . 20.20 21.53 -25.70
O7 NAG G . 25.01 20.58 -20.26
C1 NAG H . -2.82 32.91 1.17
C2 NAG H . -3.73 34.07 0.84
C3 NAG H . -3.38 35.28 1.67
C4 NAG H . -3.51 34.90 3.12
C5 NAG H . -2.62 33.73 3.39
C6 NAG H . -2.78 33.31 4.82
C7 NAG H . -4.53 34.06 -1.43
C8 NAG H . -4.23 34.42 -2.85
N2 NAG H . -3.60 34.40 -0.55
O3 NAG H . -4.29 36.31 1.34
O4 NAG H . -3.05 35.94 3.95
O5 NAG H . -2.98 32.64 2.55
O6 NAG H . -2.33 31.97 4.97
O7 NAG H . -5.54 33.46 -1.12
C1 NAG H . -4.10 36.70 4.55
C2 NAG H . -3.39 37.51 5.61
C3 NAG H . -4.32 38.51 6.23
C4 NAG H . -4.87 39.40 5.15
C5 NAG H . -5.54 38.55 4.10
C6 NAG H . -6.08 39.39 2.95
C7 NAG H . -1.60 36.37 6.74
C8 NAG H . -1.20 35.38 7.79
N2 NAG H . -2.89 36.64 6.64
O3 NAG H . -3.61 39.30 7.17
O4 NAG H . -5.80 40.31 5.74
O5 NAG H . -4.62 37.60 3.58
O6 NAG H . -5.00 40.13 2.39
O7 NAG H . -0.78 36.87 6.01
C1 BMA H . -5.63 41.61 5.15
C2 BMA H . -6.84 42.44 5.52
C3 BMA H . -6.73 43.82 4.91
C4 BMA H . -5.44 44.45 5.37
C5 BMA H . -4.26 43.55 5.01
C6 BMA H . -2.95 44.14 5.49
O2 BMA H . -6.90 42.55 6.94
O3 BMA H . -7.83 44.63 5.30
O4 BMA H . -5.30 45.72 4.75
O5 BMA H . -4.44 42.26 5.59
O6 BMA H . -2.98 44.27 6.91
C1 NAG I . -11.72 12.26 29.85
C2 NAG I . -12.77 12.57 30.90
C3 NAG I . -12.12 13.24 32.10
C4 NAG I . -10.97 12.37 32.63
C5 NAG I . -10.03 11.95 31.50
C6 NAG I . -9.01 10.93 31.93
C7 NAG I . -14.85 12.95 29.65
C8 NAG I . -15.83 13.96 29.16
N2 NAG I . -13.81 13.42 30.35
O3 NAG I . -13.08 13.43 33.13
O4 NAG I . -10.21 13.12 33.58
O5 NAG I . -10.77 11.37 30.41
O6 NAG I . -8.77 9.98 30.91
O7 NAG I . -14.98 11.74 29.43
C1 NAG I . -10.80 13.16 34.88
C2 NAG I . -9.66 13.25 35.89
C3 NAG I . -10.23 13.37 37.30
C4 NAG I . -11.20 14.53 37.39
C5 NAG I . -12.26 14.40 36.31
C6 NAG I . -13.19 15.58 36.26
C7 NAG I . -7.56 12.15 35.25
C8 NAG I . -6.80 10.87 35.22
N2 NAG I . -8.78 12.10 35.78
O3 NAG I . -9.15 13.57 38.21
O4 NAG I . -11.83 14.51 38.67
O5 NAG I . -11.65 14.29 35.02
O6 NAG I . -14.20 15.40 35.28
O7 NAG I . -7.09 13.20 34.81
C1 BMA I . -11.35 15.59 39.49
C2 BMA I . -12.35 15.75 40.64
C3 BMA I . -11.86 16.79 41.61
C4 BMA I . -10.43 16.49 42.06
C5 BMA I . -9.54 16.35 40.85
C6 BMA I . -8.10 16.02 41.22
O2 BMA I . -12.45 14.55 41.38
O3 BMA I . -12.72 16.89 42.74
O4 BMA I . -9.97 17.53 42.88
O5 BMA I . -10.05 15.30 40.01
O6 BMA I . -8.11 14.77 41.89
C1 MAN I . -6.80 14.54 42.47
C2 MAN I . -6.76 13.08 42.96
C3 MAN I . -7.65 12.91 44.21
C4 MAN I . -7.30 13.97 45.25
C5 MAN I . -7.49 15.34 44.62
C6 MAN I . -7.23 16.49 45.57
O2 MAN I . -5.46 12.70 43.37
O3 MAN I . -7.54 11.60 44.77
O4 MAN I . -8.15 13.83 46.37
O5 MAN I . -6.58 15.45 43.53
O6 MAN I . -6.01 16.23 46.26
C1 MAN I . -6.16 16.71 47.61
C2 MAN I . -5.26 17.99 47.79
C3 MAN I . -3.80 17.64 48.09
C4 MAN I . -3.68 16.50 49.08
C5 MAN I . -4.46 15.31 48.56
C6 MAN I . -4.37 14.09 49.45
O2 MAN I . -5.70 18.77 48.89
O3 MAN I . -3.09 18.78 48.59
O4 MAN I . -2.32 16.14 49.24
O5 MAN I . -5.83 15.68 48.53
O6 MAN I . -5.32 14.23 50.49
C1 NAG J . 6.83 -20.11 26.02
C2 NAG J . 6.47 -21.39 26.75
C3 NAG J . 7.55 -21.73 27.75
C4 NAG J . 8.91 -21.81 27.07
C5 NAG J . 9.17 -20.54 26.24
C6 NAG J . 10.40 -20.65 25.38
C7 NAG J . 4.08 -21.87 26.97
C8 NAG J . 2.84 -21.65 27.78
N2 NAG J . 5.19 -21.27 27.41
O3 NAG J . 7.25 -22.99 28.35
O4 NAG J . 9.92 -21.90 28.05
O5 NAG J . 8.07 -20.29 25.36
O6 NAG J . 10.48 -19.57 24.45
O7 NAG J . 4.07 -22.57 25.96
C1 NAG J . 10.45 -23.24 28.17
C2 NAG J . 11.88 -23.10 28.69
C3 NAG J . 12.49 -24.48 28.89
C4 NAG J . 11.60 -25.33 29.79
C5 NAG J . 10.18 -25.36 29.24
C6 NAG J . 9.22 -26.07 30.17
C7 NAG J . 13.23 -21.13 28.11
C8 NAG J . 14.03 -20.45 27.05
N2 NAG J . 12.69 -22.31 27.78
O3 NAG J . 13.78 -24.34 29.50
O4 NAG J . 12.09 -26.67 29.83
O5 NAG J . 9.69 -24.02 29.07
O6 NAG J . 8.03 -26.44 29.49
O7 NAG J . 13.07 -20.65 29.23
C1 BMA J . 12.65 -26.91 31.13
C2 BMA J . 12.38 -28.39 31.48
C3 BMA J . 13.07 -28.73 32.80
C4 BMA J . 14.55 -28.33 32.76
C5 BMA J . 14.68 -26.84 32.39
C6 BMA J . 16.12 -26.41 32.21
O2 BMA J . 12.96 -29.25 30.50
O3 BMA J . 12.94 -30.11 33.13
O4 BMA J . 15.13 -28.55 34.03
O5 BMA J . 14.03 -26.64 31.14
O6 BMA J . 16.51 -26.84 30.92
C1 MAN J . 17.84 -26.35 30.62
C2 MAN J . 18.19 -26.87 29.21
C3 MAN J . 18.51 -28.35 29.25
C4 MAN J . 19.50 -28.67 30.37
C5 MAN J . 18.92 -28.19 31.70
C6 MAN J . 19.81 -28.49 32.90
O2 MAN J . 19.37 -26.24 28.71
O3 MAN J . 19.03 -28.80 28.00
O4 MAN J . 19.71 -30.07 30.43
O5 MAN J . 18.75 -26.78 31.61
O6 MAN J . 21.16 -28.20 32.55
C1 MAN J . 21.98 -29.33 32.93
C2 MAN J . 22.62 -29.02 34.33
C3 MAN J . 23.84 -28.11 34.21
C4 MAN J . 24.77 -28.61 33.10
C5 MAN J . 24.00 -28.62 31.80
C6 MAN J . 24.84 -29.02 30.61
O2 MAN J . 23.09 -30.22 34.94
O3 MAN J . 24.57 -28.03 35.42
O4 MAN J . 25.88 -27.74 32.99
O5 MAN J . 22.95 -29.59 31.91
O6 MAN J . 23.97 -29.47 29.57
C05 V8D K . -3.22 -26.89 -17.83
C06 V8D K . -3.49 -26.80 -19.32
C07 V8D K . -4.43 -26.45 -17.01
C08 V8D K . -1.62 -28.87 -17.76
C09 V8D K . -3.55 -29.18 -16.74
C10 V8D K . -3.00 -25.73 -20.06
C11 V8D K . -4.20 -27.78 -19.98
C12 V8D K . -1.70 -30.13 -17.24
C13 V8D K . -0.49 -28.20 -18.48
C14 V8D K . -3.20 -25.67 -21.43
C15 V8D K . -4.41 -27.72 -21.35
C16 V8D K . -3.91 -26.66 -22.07
C17 V8D K . 1.86 -28.14 -18.74
C18 V8D K . 3.03 -28.43 -17.88
N03 V8D K . -2.82 -28.26 -17.46
N04 V8D K . -2.91 -30.32 -16.60
O01 V8D K . 0.67 -28.73 -18.12
O02 V8D K . -0.61 -27.34 -19.31
C4 CHT L . 40.49 3.05 -1.04
C5 CHT L . 39.07 2.52 -1.26
C6 CHT L . 37.61 0.88 -2.20
C7 CHT L . 39.59 0.15 -1.17
C8 CHT L . 39.69 1.30 -3.28
O6 CHT L . 40.43 4.26 -0.30
N1 CHT L . 39.02 1.22 -1.98
C1 CLR M . -15.32 -22.51 -40.48
C2 CLR M . -16.54 -21.80 -41.08
C3 CLR M . -17.71 -22.78 -41.28
C4 CLR M . -18.05 -23.51 -39.96
C5 CLR M . -16.83 -24.12 -39.30
C6 CLR M . -16.85 -25.41 -38.92
C7 CLR M . -15.65 -26.10 -38.24
C8 CLR M . -14.68 -25.07 -37.62
C9 CLR M . -14.36 -23.97 -38.67
C10 CLR M . -15.62 -23.18 -39.12
C11 CLR M . -13.22 -23.03 -38.23
C12 CLR M . -11.99 -23.76 -37.64
C13 CLR M . -12.39 -24.76 -36.52
C14 CLR M . -13.41 -25.74 -37.18
C15 CLR M . -13.45 -26.93 -36.18
C16 CLR M . -12.05 -26.97 -35.53
C17 CLR M . -11.27 -25.77 -36.09
C18 CLR M . -12.99 -24.05 -35.32
C19 CLR M . -15.98 -22.08 -38.09
C20 CLR M . -10.20 -25.29 -35.12
C21 CLR M . -9.14 -24.37 -35.79
C22 CLR M . -9.48 -26.50 -34.41
C23 CLR M . -8.48 -26.01 -33.36
C24 CLR M . -7.63 -27.17 -32.72
C25 CLR M . -6.99 -26.65 -31.42
C26 CLR M . -6.53 -25.19 -31.68
C27 CLR M . -5.88 -27.56 -30.84
O1 CLR M . -18.84 -22.18 -41.89
C1 NAG N . 30.29 41.07 -6.60
C2 NAG N . 30.59 42.17 -5.60
C3 NAG N . 30.23 43.51 -6.22
C4 NAG N . 30.92 43.68 -7.56
C5 NAG N . 30.71 42.46 -8.46
C6 NAG N . 31.55 42.50 -9.72
C7 NAG N . 30.35 41.16 -3.39
C8 NAG N . 29.50 41.05 -2.16
N2 NAG N . 29.88 41.95 -4.36
O3 NAG N . 30.61 44.55 -5.32
O4 NAG N . 30.41 44.84 -8.22
O5 NAG N . 31.07 41.26 -7.76
O6 NAG N . 32.92 42.29 -9.42
O7 NAG N . 31.42 40.57 -3.50
N POV O . 0.84 14.34 -24.71
P POV O . -3.41 13.35 -25.62
C1 POV O . -4.70 11.29 -26.54
C2 POV O . -5.80 10.53 -25.80
C3 POV O . -5.64 10.71 -24.29
C310 POV O . -15.51 8.20 -26.15
C11 POV O . -1.52 14.57 -24.29
O11 POV O . -3.76 11.75 -25.62
C311 POV O . -16.31 7.78 -27.38
C12 POV O . -0.27 13.76 -24.00
O12 POV O . -2.63 13.73 -24.22
C13 POV O . 1.31 15.50 -23.98
O13 POV O . -4.69 14.15 -25.70
C14 POV O . 1.90 13.37 -24.83
O14 POV O . -2.53 13.67 -26.81
C15 POV O . 0.41 14.75 -26.03
C21 POV O . -6.17 8.84 -27.36
O21 POV O . -5.72 9.12 -26.13
C22 POV O . -7.61 8.33 -27.39
O22 POV O . -5.52 8.97 -28.33
C23 POV O . -8.21 8.57 -28.77
C24 POV O . -9.72 8.32 -28.69
C25 POV O . -10.14 7.37 -29.80
C26 POV O . -11.64 7.52 -30.04
C27 POV O . -12.13 6.44 -31.00
C28 POV O . -13.64 6.54 -31.14
C31 POV O . -6.62 12.66 -23.47
O31 POV O . -5.52 12.11 -23.95
C32 POV O . -7.90 11.86 -23.72
O32 POV O . -6.62 13.70 -22.89
C33 POV O . -8.63 12.43 -24.93
C34 POV O . -9.98 11.74 -25.09
C35 POV O . -9.76 10.30 -25.53
C36 POV O . -11.01 9.48 -25.20
C37 POV O . -12.22 10.11 -25.89
C38 POV O . -13.49 9.45 -25.37
C39 POV O . -14.48 9.26 -26.54
N POV P . -37.76 10.50 -37.23
P POV P . -38.28 5.94 -35.39
C1 POV P . -37.18 3.58 -35.45
C2 POV P . -35.96 3.42 -34.54
C3 POV P . -36.33 3.91 -33.14
C310 POV P . -26.25 5.32 -26.90
C11 POV P . -38.22 8.50 -35.96
O11 POV P . -37.18 4.86 -35.98
C311 POV P . -26.86 5.75 -25.57
C12 POV P . -38.78 9.52 -36.93
O12 POV P . -38.43 7.20 -36.45
C13 POV P . -38.31 11.56 -38.05
O13 POV P . -39.62 5.27 -35.22
C14 POV P . -36.68 9.85 -37.97
O14 POV P . -37.80 6.46 -34.07
C15 POV P . -37.23 11.05 -36.00
C21 POV P . -34.21 3.67 -36.10
O21 POV P . -34.83 4.21 -35.04
C22 POV P . -32.75 4.08 -36.26
O22 POV P . -34.75 2.93 -36.86
C23 POV P . -32.08 4.14 -34.88
C24 POV P . -30.58 4.39 -35.05
C25 POV P . -29.87 4.21 -33.71
C26 POV P . -28.73 5.22 -33.60
C31 POV P . -34.51 5.11 -32.37
O31 POV P . -35.72 5.20 -32.90
C32 POV P . -33.78 6.43 -32.19
O32 POV P . -34.04 4.07 -32.04
C33 POV P . -33.43 6.64 -30.72
C34 POV P . -32.10 7.36 -30.61
C35 POV P . -30.96 6.35 -30.65
C36 POV P . -30.51 6.02 -29.23
C37 POV P . -29.17 5.30 -29.24
C38 POV P . -28.55 5.43 -27.84
C39 POV P . -27.30 4.59 -27.75
N POV Q . -21.25 20.37 0.60
P POV Q . -22.85 16.12 -1.49
C1 POV Q . -23.50 14.80 -3.66
C2 POV Q . -24.13 14.97 -5.03
C3 POV Q . -23.96 16.41 -5.51
C11 POV Q . -22.03 18.50 -0.77
O11 POV Q . -23.48 16.04 -3.00
C12 POV Q . -21.99 19.12 0.63
O12 POV Q . -23.11 17.62 -0.87
C13 POV Q . -20.98 20.81 1.96
O13 POV Q . -21.36 15.87 -1.55
C14 POV Q . -20.00 20.20 -0.11
O14 POV Q . -23.49 15.08 -0.62
C15 POV Q . -22.04 21.38 -0.09
C21 POV Q . -26.09 14.19 -6.08
O21 POV Q . -25.55 14.66 -4.94
C22 POV Q . -27.55 13.76 -5.95
O22 POV Q . -25.48 14.11 -7.08
C23 POV Q . -28.25 13.96 -7.29
C24 POV Q . -28.64 12.61 -7.87
C25 POV Q . -29.22 12.82 -9.27
C26 POV Q . -30.41 11.89 -9.48
C31 POV Q . -24.22 17.51 -7.56
O31 POV Q . -24.74 16.65 -6.70
C32 POV Q . -24.39 17.14 -9.03
O32 POV Q . -23.66 18.50 -7.21
C33 POV Q . -24.79 18.37 -9.84
C34 POV Q . -26.31 18.40 -9.99
C35 POV Q . -26.69 18.18 -11.46
C36 POV Q . -28.16 17.76 -11.53
C37 POV Q . -28.61 17.69 -12.99
C38 POV Q . -29.23 19.02 -13.40
C1 CLR R . -45.75 1.28 -10.23
C2 CLR R . -46.52 -0.03 -10.00
C3 CLR R . -47.54 -0.25 -11.13
C4 CLR R . -46.82 -0.29 -12.49
C5 CLR R . -45.94 0.93 -12.72
C6 CLR R . -46.01 1.59 -13.89
C7 CLR R . -45.17 2.81 -14.23
C8 CLR R . -44.02 3.06 -13.21
C9 CLR R . -44.50 2.76 -11.76
C10 CLR R . -44.99 1.32 -11.57
C11 CLR R . -43.46 3.18 -10.70
C12 CLR R . -42.93 4.61 -10.89
C13 CLR R . -42.41 4.86 -12.33
C14 CLR R . -43.58 4.50 -13.29
C15 CLR R . -43.09 5.10 -14.64
C16 CLR R . -42.33 6.37 -14.26
C17 CLR R . -42.21 6.36 -12.72
C18 CLR R . -41.16 4.03 -12.61
C19 CLR R . -43.80 0.31 -11.50
C20 CLR R . -40.95 7.08 -12.24
C21 CLR R . -40.90 7.27 -10.71
C22 CLR R . -40.80 8.47 -12.97
C23 CLR R . -39.37 8.74 -13.45
C24 CLR R . -39.31 9.65 -14.73
C25 CLR R . -39.85 11.05 -14.37
C26 CLR R . -38.81 11.71 -13.43
C27 CLR R . -40.28 11.91 -15.59
O1 CLR R . -48.37 -1.38 -10.94
C05 V8D S . -32.09 -1.76 5.14
C06 V8D S . -32.74 -3.10 5.36
C07 V8D S . -31.88 -1.51 3.65
C08 V8D S . -33.12 -0.45 7.07
C09 V8D S . -33.57 0.31 5.05
C10 V8D S . -32.07 -4.14 5.98
C11 V8D S . -34.05 -3.33 4.93
C12 V8D S . -33.97 0.62 7.13
C13 V8D S . -32.52 -1.24 8.17
C14 V8D S . -32.68 -5.37 6.17
C15 V8D S . -34.65 -4.56 5.12
C16 V8D S . -33.97 -5.58 5.75
C17 V8D S . -32.32 -1.40 10.53
C18 V8D S . -32.56 -0.55 11.69
N03 V8D S . -32.88 -0.66 5.73
N04 V8D S . -34.24 1.09 5.87
O01 V8D S . -32.92 -0.78 9.35
O02 V8D S . -31.75 -2.15 8.06
C4 CHT T . 9.97 7.20 39.97
C5 CHT T . 9.20 6.53 38.83
C6 CHT T . 7.22 6.12 37.62
C7 CHT T . 7.53 8.27 38.59
C8 CHT T . 7.08 6.36 39.99
O6 CHT T . 11.35 6.86 39.88
N1 CHT T . 7.77 6.83 38.78
C1 CLR U . -42.52 -25.03 0.11
C2 CLR U . -42.75 -26.17 -0.88
C3 CLR U . -44.05 -25.98 -1.68
C4 CLR U . -44.03 -24.61 -2.39
C5 CLR U . -43.81 -23.50 -1.38
C6 CLR U . -44.70 -22.50 -1.29
C7 CLR U . -44.55 -21.34 -0.30
C8 CLR U . -43.09 -21.20 0.20
C9 CLR U . -42.53 -22.58 0.62
C10 CLR U . -42.54 -23.62 -0.52
C11 CLR U . -41.17 -22.47 1.32
C12 CLR U . -41.06 -21.35 2.39
C13 CLR U . -41.59 -19.98 1.87
C14 CLR U . -43.04 -20.27 1.39
C15 CLR U . -43.70 -18.85 1.31
C16 CLR U . -42.96 -18.00 2.36
C17 CLR U . -41.85 -18.88 2.95
C18 CLR U . -40.71 -19.44 0.74
C19 CLR U . -41.28 -23.46 -1.43
C20 CLR U . -40.67 -18.04 3.44
C21 CLR U . -40.17 -18.44 4.84
C22 CLR U . -41.07 -16.53 3.42
C23 CLR U . -41.00 -15.88 4.81
C24 CLR U . -41.34 -14.35 4.80
C25 CLR U . -41.36 -13.82 6.25
C26 CLR U . -42.53 -14.56 6.97
C27 CLR U . -39.99 -13.92 6.96
O1 CLR U . -44.34 -27.05 -2.56
N POV V . -41.48 -32.45 -3.05
P POV V . -37.76 -30.05 -4.08
C1 POV V . -38.34 -28.03 -2.52
C2 POV V . -37.94 -26.57 -2.38
C3 POV V . -36.65 -26.32 -3.14
C310 POV V . -27.28 -24.77 4.59
C11 POV V . -39.14 -32.25 -3.72
O11 POV V . -37.33 -28.74 -3.18
C311 POV V . -26.12 -24.75 5.59
C12 POV V . -40.59 -32.15 -4.16
O12 POV V . -38.73 -31.02 -3.19
C13 POV V . -42.66 -33.12 -3.54
O13 POV V . -36.52 -30.81 -4.49
C14 POV V . -41.87 -31.21 -2.40
O14 POV V . -38.49 -29.60 -5.32
C15 POV V . -40.79 -33.30 -2.10
C21 POV V . -38.87 -26.01 -0.29
O21 POV V . -37.73 -26.25 -0.96
C22 POV V . -38.69 -25.73 1.20
O22 POV V . -39.93 -26.02 -0.82
C23 POV V . -37.80 -24.51 1.38
C24 POV V . -37.76 -24.12 2.86
C25 POV V . -37.79 -22.60 2.98
C26 POV V . -36.59 -22.12 3.78
C31 POV V . -34.97 -25.31 -1.88
O31 POV V . -35.52 -26.47 -2.25
C32 POV V . -34.50 -25.27 -0.44
O32 POV V . -34.87 -24.40 -2.63
C33 POV V . -33.06 -24.77 -0.38
C34 POV V . -32.64 -24.61 1.08
C35 POV V . -31.20 -25.07 1.26
C36 POV V . -30.69 -24.56 2.60
C37 POV V . -29.17 -24.66 2.67
C38 POV V . -28.60 -23.30 3.06
C39 POV V . -27.26 -23.48 3.76
C1 DD9 W . -50.35 -25.12 -33.09
C2 DD9 W . -50.75 -25.22 -34.56
C3 DD9 W . -51.76 -26.36 -34.73
C4 DD9 W . -52.17 -26.45 -36.20
C5 DD9 W . -53.25 -27.52 -36.36
C6 DD9 W . -53.89 -27.37 -37.73
C7 DD9 W . -54.96 -28.44 -37.91
C8 DD9 W . -55.72 -28.16 -39.20
C9 DD9 W . -56.61 -29.35 -39.55
C1 NAG X . 30.48 9.66 60.27
C2 NAG X . 31.36 8.59 60.89
C3 NAG X . 31.18 8.56 62.41
C4 NAG X . 31.39 9.95 63.00
C5 NAG X . 30.51 10.96 62.28
C6 NAG X . 30.75 12.39 62.71
C7 NAG X . 31.95 6.66 59.50
C8 NAG X . 31.52 5.32 59.01
N2 NAG X . 31.10 7.28 60.33
O3 NAG X . 32.10 7.64 62.98
O4 NAG X . 31.08 9.95 64.38
O5 NAG X . 30.76 10.93 60.86
O6 NAG X . 30.31 13.32 61.73
O7 NAG X . 33.00 7.17 59.15
N POV Y . -22.73 -44.60 -19.88
P POV Y . -25.22 -40.79 -17.76
C1 POV Y . -24.06 -38.72 -16.68
C2 POV Y . -22.68 -38.36 -16.15
C3 POV Y . -21.65 -38.46 -17.28
C210 POV Y . -19.29 -33.67 -6.49
C11 POV Y . -24.13 -42.79 -19.06
O11 POV Y . -24.17 -40.10 -16.69
C211 POV Y . -19.72 -33.41 -5.05
C12 POV Y . -23.80 -44.27 -18.95
O12 POV Y . -24.84 -42.38 -17.92
C212 POV Y . -19.50 -31.93 -4.75
C13 POV Y . -21.53 -43.85 -19.51
O13 POV Y . -25.08 -40.09 -19.10
C213 POV Y . -19.16 -31.77 -3.27
C14 POV Y . -22.45 -46.01 -19.82
O14 POV Y . -26.63 -40.64 -17.25
C15 POV Y . -23.13 -44.22 -21.22
C21 POV Y . -23.00 -39.14 -13.95
O21 POV Y . -22.30 -39.28 -15.08
C22 POV Y . -22.14 -38.99 -12.70
O22 POV Y . -24.19 -39.14 -13.91
C23 POV Y . -22.80 -37.99 -11.76
C24 POV Y . -21.76 -37.43 -10.80
C25 POV Y . -20.95 -36.36 -11.51
C26 POV Y . -19.71 -36.03 -10.67
C27 POV Y . -20.16 -35.77 -9.24
C28 POV Y . -19.04 -35.07 -8.48
C29 POV Y . -19.48 -34.84 -7.03
C31 POV Y . -19.38 -38.16 -17.60
O31 POV Y . -20.33 -38.43 -16.72
C32 POV Y . -18.10 -37.56 -17.02
O32 POV Y . -19.51 -38.37 -18.76
C33 POV Y . -18.08 -37.86 -15.52
C34 POV Y . -16.77 -37.36 -14.92
C35 POV Y . -16.94 -37.22 -13.41
C36 POV Y . -15.56 -37.20 -12.74
C37 POV Y . -15.73 -37.04 -11.23
N POV Z . 4.96 -28.88 8.44
P POV Z . 0.61 -28.36 7.97
C1 POV Z . 0.37 -28.12 5.37
C2 POV Z . -0.34 -28.69 4.15
C3 POV Z . 0.64 -28.78 2.99
C11 POV Z . 2.69 -29.42 9.11
O11 POV Z . -0.10 -28.75 6.54
C12 POV Z . 3.75 -29.56 8.02
O12 POV Z . 1.43 -29.65 8.54
C13 POV Z . 4.63 -27.78 9.31
O13 POV Z . -0.45 -27.94 8.97
C14 POV Z . 5.65 -28.38 7.27
O14 POV Z . 1.57 -27.21 7.77
C15 POV Z . 5.82 -29.82 9.14
C21 POV Z . -2.63 -28.44 3.71
O21 POV Z . -1.44 -27.81 3.76
C22 POV Z . -3.75 -27.61 3.09
O22 POV Z . -2.78 -29.53 4.13
C23 POV Z . -4.75 -28.55 2.42
C24 POV Z . -6.14 -28.35 3.01
C25 POV Z . -7.02 -29.55 2.67
C26 POV Z . -7.69 -29.32 1.32
C27 POV Z . -8.05 -30.66 0.68
C28 POV Z . -8.11 -30.50 -0.85
C29 POV Z . -6.86 -29.80 -1.36
C31 POV Z . 0.34 -28.73 0.67
O31 POV Z . 0.04 -28.15 1.82
C32 POV Z . -0.86 -28.96 -0.23
O32 POV Z . 1.44 -29.03 0.37
C33 POV Z . -0.95 -30.44 -0.61
C34 POV Z . -0.65 -30.60 -2.10
C35 POV Z . -1.97 -30.66 -2.87
C36 POV Z . -1.76 -30.15 -4.29
C37 POV Z . -3.11 -30.15 -5.02
C38 POV Z . -3.02 -29.25 -6.25
#